data_3ZZA
# 
_entry.id   3ZZA 
# 
_audit_conform.dict_name       mmcif_pdbx.dic 
_audit_conform.dict_version    5.398 
_audit_conform.dict_location   http://mmcif.pdb.org/dictionaries/ascii/mmcif_pdbx.dic 
# 
loop_
_database_2.database_id 
_database_2.database_code 
_database_2.pdbx_database_accession 
_database_2.pdbx_DOI 
PDB   3ZZA         pdb_00003zza 10.2210/pdb3zza/pdb 
PDBE  EBI-49405    ?            ?                   
WWPDB D_1290049405 ?            ?                   
# 
loop_
_pdbx_audit_revision_history.ordinal 
_pdbx_audit_revision_history.data_content_type 
_pdbx_audit_revision_history.major_revision 
_pdbx_audit_revision_history.minor_revision 
_pdbx_audit_revision_history.revision_date 
1 'Structure model' 1 0 2012-09-19 
2 'Structure model' 1 1 2019-05-08 
3 'Structure model' 1 2 2024-05-01 
4 'Structure model' 1 3 2024-11-13 
# 
_pdbx_audit_revision_details.ordinal             1 
_pdbx_audit_revision_details.revision_ordinal    1 
_pdbx_audit_revision_details.data_content_type   'Structure model' 
_pdbx_audit_revision_details.provider            repository 
_pdbx_audit_revision_details.type                'Initial release' 
_pdbx_audit_revision_details.description         ? 
_pdbx_audit_revision_details.details             ? 
# 
loop_
_pdbx_audit_revision_group.ordinal 
_pdbx_audit_revision_group.revision_ordinal 
_pdbx_audit_revision_group.data_content_type 
_pdbx_audit_revision_group.group 
1  2 'Structure model' 'Data collection'          
2  2 'Structure model' 'Derived calculations'     
3  2 'Structure model' 'Experimental preparation' 
4  2 'Structure model' Other                      
5  3 'Structure model' 'Data collection'          
6  3 'Structure model' 'Database references'      
7  3 'Structure model' 'Derived calculations'     
8  3 'Structure model' Other                      
9  3 'Structure model' 'Refinement description'   
10 4 'Structure model' 'Structure summary'        
# 
loop_
_pdbx_audit_revision_category.ordinal 
_pdbx_audit_revision_category.revision_ordinal 
_pdbx_audit_revision_category.data_content_type 
_pdbx_audit_revision_category.category 
1  2 'Structure model' exptl_crystal_grow            
2  2 'Structure model' pdbx_database_proc            
3  2 'Structure model' pdbx_database_status          
4  2 'Structure model' struct_conn                   
5  3 'Structure model' chem_comp_atom                
6  3 'Structure model' chem_comp_bond                
7  3 'Structure model' database_2                    
8  3 'Structure model' pdbx_database_status          
9  3 'Structure model' pdbx_initial_refinement_model 
10 3 'Structure model' struct_site                   
11 4 'Structure model' pdbx_entry_details            
12 4 'Structure model' pdbx_modification_feature     
# 
loop_
_pdbx_audit_revision_item.ordinal 
_pdbx_audit_revision_item.revision_ordinal 
_pdbx_audit_revision_item.data_content_type 
_pdbx_audit_revision_item.item 
1 2 'Structure model' '_exptl_crystal_grow.method'                  
2 2 'Structure model' '_pdbx_database_status.recvd_author_approval' 
3 2 'Structure model' '_struct_conn.pdbx_leaving_atom_flag'         
4 3 'Structure model' '_database_2.pdbx_DOI'                        
5 3 'Structure model' '_database_2.pdbx_database_accession'         
6 3 'Structure model' '_pdbx_database_status.status_code_sf'        
7 3 'Structure model' '_struct_site.pdbx_auth_asym_id'              
8 3 'Structure model' '_struct_site.pdbx_auth_comp_id'              
9 3 'Structure model' '_struct_site.pdbx_auth_seq_id'               
# 
_pdbx_database_status.status_code                     REL 
_pdbx_database_status.entry_id                        3ZZA 
_pdbx_database_status.deposit_site                    PDBE 
_pdbx_database_status.process_site                    PDBE 
_pdbx_database_status.SG_entry                        . 
_pdbx_database_status.recvd_initial_deposition_date   2011-08-31 
_pdbx_database_status.pdb_format_compatible           Y 
_pdbx_database_status.status_code_sf                  REL 
_pdbx_database_status.status_code_mr                  ? 
_pdbx_database_status.status_code_cs                  ? 
_pdbx_database_status.methods_development_category    ? 
_pdbx_database_status.status_code_nmr_data            ? 
# 
loop_
_pdbx_database_related.db_name 
_pdbx_database_related.db_id 
_pdbx_database_related.content_type 
_pdbx_database_related.details 
PDB 3ZYE unspecified 'CRYSTAL STRUCTURE OF 3C PROTEASE MUTANT (T68A) OF COXSACKIEVIRUS B3' 
PDB 3ZYD unspecified 'CRYSTAL STRUCTURE OF 3C PROTEASE OF COXSACKIEVIRUS B3' 
PDB 3ZZB unspecified 
'CRYSTAL STRUCTURE OF 3C PROTEASE OF COXSACKIEVIRUS B3 COMPLEXED WITH ALPHA, BETA-UNSATURATED ETHYL ESTER INHIBITOR 85' 
PDB 3ZZ6 unspecified 'CRYSTAL STRUCTURE OF 3C PROTEASE OF COXSACKIEVIRUS B3 COMPLEXED WITH MICHAEL RECEPTOR INHIBITOR 75' 
PDB 3ZZC unspecified 
;CRYSTAL STRUCTURE OF 3C PROTEASE MUTANT (T68A AND N126Y) OF COXSACKIEVIRUS B3 COMPLEXED WITH ALPHA, BETA- UNSATURATED ETHYL ESTER INHIBITOR 83
;
PDB 3ZZD unspecified 
;CRYSTAL STRUCTURE OF 3C PROTEASE MUTANT (T68A AND N126Y) OF COXSACKIEVIRUS B3 COMPLEXED WITH ALPHA, BETA- UNSATURATED ETHYL ESTER INHIBITOR 85
;
PDB 3ZZ8 unspecified 
'CRYSTAL STRUCTURE OF 3C PROTEASE OF COXSACKIEVIRUS B3 COMPLEXED WITH ALPHA, BETA-UNSATURATED ETHYL ESTER INHIBITOR 82' 
PDB 3ZZ7 unspecified 
'CRYSTAL STRUCTURE OF 3C PROTEASE OF COXSACKIEVIRUS B3 COMPLEXED WITH ALPHA, BETA-UNSATURATED ETHYL ESTER INHIBITOR 81' 
PDB 3ZZ4 unspecified 'CRYSTAL STRUCTURE OF 3C PROTEASE MUTANT (T68A AND N126Y) OF COXSACKIEVIRUS B3' 
PDB 3ZZ3 unspecified 'CRYSTAL STRUCTURE OF 3C PROTEASE MUTANT (N126Y) OF COXSACKIEVIRUS B3' 
PDB 3ZZ5 unspecified 
'CRYSTAL STRUCTURE OF 3C PROTEASE OF COXSACKIEVIRUS B3 COMPLEXED WITH ALPHA, BETA-UNSATURATED ETHYL ESTER INHIBITOR 74' 
# 
loop_
_audit_author.name 
_audit_author.pdbx_ordinal 
'Tan, J.'        1 
'Anand, K.'      2 
'Mesters, J.R.'  3 
'Hilgenfeld, R.' 4 
# 
_citation.id                        primary 
_citation.title                     
;Peptidic Alpha, Beta-Unsaturated Ethyl Esters as Inhibitors of the 3C Protease of Coxsackie Virus B3: Crystal Structures, Antiviral Activities, and Resistance Mutations
;
_citation.journal_abbrev            'To be Published' 
_citation.journal_volume            ? 
_citation.page_first                ? 
_citation.page_last                 ? 
_citation.year                      ? 
_citation.journal_id_ASTM           ? 
_citation.country                   ? 
_citation.journal_id_ISSN           ? 
_citation.journal_id_CSD            0353 
_citation.book_publisher            ? 
_citation.pdbx_database_id_PubMed   ? 
_citation.pdbx_database_id_DOI      ? 
# 
loop_
_citation_author.citation_id 
_citation_author.name 
_citation_author.ordinal 
_citation_author.identifier_ORCID 
primary 'Tan, J.'        1 ? 
primary 'Anand, K.'      2 ? 
primary 'Mesters, J.R.'  3 ? 
primary 'Hilgenfeld, R.' 4 ? 
# 
loop_
_entity.id 
_entity.type 
_entity.src_method 
_entity.pdbx_description 
_entity.formula_weight 
_entity.pdbx_number_of_molecules 
_entity.pdbx_ec 
_entity.pdbx_mutation 
_entity.pdbx_fragment 
_entity.details 
1 polymer     man '3C PROTEINASE' 20429.488 1  3.4.22.28 ? ? ? 
2 non-polymer syn 
;O-tert-butyl-N-[(9H-fluoren-9-ylmethoxy)carbonyl]-L-threonyl-N-{(2R)-5-ethoxy-5-oxo-1-[(3S)-2-oxopyrrolidin-3-yl]pentan-2-yl}-L-phenylalaninamide
;
754.911   1  ?         ? ? ? 
3 water       nat water 18.015    62 ?         ? ? ? 
# 
_entity_name_com.entity_id   1 
_entity_name_com.name        'POLYPROTEIN 3BCD' 
# 
_entity_poly.entity_id                      1 
_entity_poly.type                           'polypeptide(L)' 
_entity_poly.nstd_linkage                   no 
_entity_poly.nstd_monomer                   no 
_entity_poly.pdbx_seq_one_letter_code       
;MGPAFEFAVAMMKRNSSTVKTEYGEFTMLGIYDRWAVLPRHAKPGPTILMNDQEVGVLDAKELVDKDGTNLELTLLKLNR
NEKFRDIRGFLAKEEVEVNEAVLAINTSKFPNMYIPVGQVTEYGFLNLGGTPTKRMLMYNFPTRAGQCGGVLMSTGKVLG
IHVGGNGHQGFSAALLKHYFNDEQ
;
_entity_poly.pdbx_seq_one_letter_code_can   
;MGPAFEFAVAMMKRNSSTVKTEYGEFTMLGIYDRWAVLPRHAKPGPTILMNDQEVGVLDAKELVDKDGTNLELTLLKLNR
NEKFRDIRGFLAKEEVEVNEAVLAINTSKFPNMYIPVGQVTEYGFLNLGGTPTKRMLMYNFPTRAGQCGGVLMSTGKVLG
IHVGGNGHQGFSAALLKHYFNDEQ
;
_entity_poly.pdbx_strand_id                 A 
_entity_poly.pdbx_target_identifier         ? 
# 
loop_
_pdbx_entity_nonpoly.entity_id 
_pdbx_entity_nonpoly.name 
_pdbx_entity_nonpoly.comp_id 
2 
;O-tert-butyl-N-[(9H-fluoren-9-ylmethoxy)carbonyl]-L-threonyl-N-{(2R)-5-ethoxy-5-oxo-1-[(3S)-2-oxopyrrolidin-3-yl]pentan-2-yl}-L-phenylalaninamide
;
G84 
3 water HOH 
# 
loop_
_entity_poly_seq.entity_id 
_entity_poly_seq.num 
_entity_poly_seq.mon_id 
_entity_poly_seq.hetero 
1 1   MET n 
1 2   GLY n 
1 3   PRO n 
1 4   ALA n 
1 5   PHE n 
1 6   GLU n 
1 7   PHE n 
1 8   ALA n 
1 9   VAL n 
1 10  ALA n 
1 11  MET n 
1 12  MET n 
1 13  LYS n 
1 14  ARG n 
1 15  ASN n 
1 16  SER n 
1 17  SER n 
1 18  THR n 
1 19  VAL n 
1 20  LYS n 
1 21  THR n 
1 22  GLU n 
1 23  TYR n 
1 24  GLY n 
1 25  GLU n 
1 26  PHE n 
1 27  THR n 
1 28  MET n 
1 29  LEU n 
1 30  GLY n 
1 31  ILE n 
1 32  TYR n 
1 33  ASP n 
1 34  ARG n 
1 35  TRP n 
1 36  ALA n 
1 37  VAL n 
1 38  LEU n 
1 39  PRO n 
1 40  ARG n 
1 41  HIS n 
1 42  ALA n 
1 43  LYS n 
1 44  PRO n 
1 45  GLY n 
1 46  PRO n 
1 47  THR n 
1 48  ILE n 
1 49  LEU n 
1 50  MET n 
1 51  ASN n 
1 52  ASP n 
1 53  GLN n 
1 54  GLU n 
1 55  VAL n 
1 56  GLY n 
1 57  VAL n 
1 58  LEU n 
1 59  ASP n 
1 60  ALA n 
1 61  LYS n 
1 62  GLU n 
1 63  LEU n 
1 64  VAL n 
1 65  ASP n 
1 66  LYS n 
1 67  ASP n 
1 68  GLY n 
1 69  THR n 
1 70  ASN n 
1 71  LEU n 
1 72  GLU n 
1 73  LEU n 
1 74  THR n 
1 75  LEU n 
1 76  LEU n 
1 77  LYS n 
1 78  LEU n 
1 79  ASN n 
1 80  ARG n 
1 81  ASN n 
1 82  GLU n 
1 83  LYS n 
1 84  PHE n 
1 85  ARG n 
1 86  ASP n 
1 87  ILE n 
1 88  ARG n 
1 89  GLY n 
1 90  PHE n 
1 91  LEU n 
1 92  ALA n 
1 93  LYS n 
1 94  GLU n 
1 95  GLU n 
1 96  VAL n 
1 97  GLU n 
1 98  VAL n 
1 99  ASN n 
1 100 GLU n 
1 101 ALA n 
1 102 VAL n 
1 103 LEU n 
1 104 ALA n 
1 105 ILE n 
1 106 ASN n 
1 107 THR n 
1 108 SER n 
1 109 LYS n 
1 110 PHE n 
1 111 PRO n 
1 112 ASN n 
1 113 MET n 
1 114 TYR n 
1 115 ILE n 
1 116 PRO n 
1 117 VAL n 
1 118 GLY n 
1 119 GLN n 
1 120 VAL n 
1 121 THR n 
1 122 GLU n 
1 123 TYR n 
1 124 GLY n 
1 125 PHE n 
1 126 LEU n 
1 127 ASN n 
1 128 LEU n 
1 129 GLY n 
1 130 GLY n 
1 131 THR n 
1 132 PRO n 
1 133 THR n 
1 134 LYS n 
1 135 ARG n 
1 136 MET n 
1 137 LEU n 
1 138 MET n 
1 139 TYR n 
1 140 ASN n 
1 141 PHE n 
1 142 PRO n 
1 143 THR n 
1 144 ARG n 
1 145 ALA n 
1 146 GLY n 
1 147 GLN n 
1 148 CYS n 
1 149 GLY n 
1 150 GLY n 
1 151 VAL n 
1 152 LEU n 
1 153 MET n 
1 154 SER n 
1 155 THR n 
1 156 GLY n 
1 157 LYS n 
1 158 VAL n 
1 159 LEU n 
1 160 GLY n 
1 161 ILE n 
1 162 HIS n 
1 163 VAL n 
1 164 GLY n 
1 165 GLY n 
1 166 ASN n 
1 167 GLY n 
1 168 HIS n 
1 169 GLN n 
1 170 GLY n 
1 171 PHE n 
1 172 SER n 
1 173 ALA n 
1 174 ALA n 
1 175 LEU n 
1 176 LEU n 
1 177 LYS n 
1 178 HIS n 
1 179 TYR n 
1 180 PHE n 
1 181 ASN n 
1 182 ASP n 
1 183 GLU n 
1 184 GLN n 
# 
_entity_src_gen.entity_id                          1 
_entity_src_gen.pdbx_src_id                        1 
_entity_src_gen.pdbx_alt_source_flag               sample 
_entity_src_gen.pdbx_seq_type                      ? 
_entity_src_gen.pdbx_beg_seq_num                   ? 
_entity_src_gen.pdbx_end_seq_num                   ? 
_entity_src_gen.gene_src_common_name               ? 
_entity_src_gen.gene_src_genus                     ? 
_entity_src_gen.pdbx_gene_src_gene                 ? 
_entity_src_gen.gene_src_species                   ? 
_entity_src_gen.gene_src_strain                    B3 
_entity_src_gen.gene_src_tissue                    ? 
_entity_src_gen.gene_src_tissue_fraction           ? 
_entity_src_gen.gene_src_details                   ? 
_entity_src_gen.pdbx_gene_src_fragment             ? 
_entity_src_gen.pdbx_gene_src_scientific_name      'HUMAN COXSACKIEVIRUS' 
_entity_src_gen.pdbx_gene_src_ncbi_taxonomy_id     12072 
_entity_src_gen.pdbx_gene_src_variant              ? 
_entity_src_gen.pdbx_gene_src_cell_line            ? 
_entity_src_gen.pdbx_gene_src_atcc                 ? 
_entity_src_gen.pdbx_gene_src_organ                ? 
_entity_src_gen.pdbx_gene_src_organelle            ? 
_entity_src_gen.pdbx_gene_src_cell                 ? 
_entity_src_gen.pdbx_gene_src_cellular_location    ? 
_entity_src_gen.host_org_common_name               ? 
_entity_src_gen.pdbx_host_org_scientific_name      'ESCHERICHIA COLI' 
_entity_src_gen.pdbx_host_org_ncbi_taxonomy_id     469008 
_entity_src_gen.host_org_genus                     ? 
_entity_src_gen.pdbx_host_org_gene                 ? 
_entity_src_gen.pdbx_host_org_organ                ? 
_entity_src_gen.host_org_species                   ? 
_entity_src_gen.pdbx_host_org_tissue               ? 
_entity_src_gen.pdbx_host_org_tissue_fraction      ? 
_entity_src_gen.pdbx_host_org_strain               'BL21(DE3)GOLD' 
_entity_src_gen.pdbx_host_org_variant              ? 
_entity_src_gen.pdbx_host_org_cell_line            ? 
_entity_src_gen.pdbx_host_org_atcc                 ? 
_entity_src_gen.pdbx_host_org_culture_collection   ? 
_entity_src_gen.pdbx_host_org_cell                 ? 
_entity_src_gen.pdbx_host_org_organelle            ? 
_entity_src_gen.pdbx_host_org_cellular_location    ? 
_entity_src_gen.pdbx_host_org_vector_type          PLASMID 
_entity_src_gen.pdbx_host_org_vector               PET23A 
_entity_src_gen.host_org_details                   ? 
_entity_src_gen.expression_system_id               ? 
_entity_src_gen.plasmid_name                       PET23A-COX 
_entity_src_gen.plasmid_details                    ? 
_entity_src_gen.pdbx_description                   ? 
# 
loop_
_chem_comp.id 
_chem_comp.type 
_chem_comp.mon_nstd_flag 
_chem_comp.name 
_chem_comp.pdbx_synonyms 
_chem_comp.formula 
_chem_comp.formula_weight 
ALA 'L-peptide linking' y ALANINE ? 'C3 H7 N O2'     89.093  
ARG 'L-peptide linking' y ARGININE ? 'C6 H15 N4 O2 1' 175.209 
ASN 'L-peptide linking' y ASPARAGINE ? 'C4 H8 N2 O3'    132.118 
ASP 'L-peptide linking' y 'ASPARTIC ACID' ? 'C4 H7 N O4'     133.103 
CYS 'L-peptide linking' y CYSTEINE ? 'C3 H7 N O2 S'   121.158 
G84 non-polymer         . 
;O-tert-butyl-N-[(9H-fluoren-9-ylmethoxy)carbonyl]-L-threonyl-N-{(2R)-5-ethoxy-5-oxo-1-[(3S)-2-oxopyrrolidin-3-yl]pentan-2-yl}-L-phenylalaninamide
;
? 'C43 H54 N4 O8'  754.911 
GLN 'L-peptide linking' y GLUTAMINE ? 'C5 H10 N2 O3'   146.144 
GLU 'L-peptide linking' y 'GLUTAMIC ACID' ? 'C5 H9 N O4'     147.129 
GLY 'peptide linking'   y GLYCINE ? 'C2 H5 N O2'     75.067  
HIS 'L-peptide linking' y HISTIDINE ? 'C6 H10 N3 O2 1' 156.162 
HOH non-polymer         . WATER ? 'H2 O'           18.015  
ILE 'L-peptide linking' y ISOLEUCINE ? 'C6 H13 N O2'    131.173 
LEU 'L-peptide linking' y LEUCINE ? 'C6 H13 N O2'    131.173 
LYS 'L-peptide linking' y LYSINE ? 'C6 H15 N2 O2 1' 147.195 
MET 'L-peptide linking' y METHIONINE ? 'C5 H11 N O2 S'  149.211 
PHE 'L-peptide linking' y PHENYLALANINE ? 'C9 H11 N O2'    165.189 
PRO 'L-peptide linking' y PROLINE ? 'C5 H9 N O2'     115.130 
SER 'L-peptide linking' y SERINE ? 'C3 H7 N O3'     105.093 
THR 'L-peptide linking' y THREONINE ? 'C4 H9 N O3'     119.119 
TRP 'L-peptide linking' y TRYPTOPHAN ? 'C11 H12 N2 O2'  204.225 
TYR 'L-peptide linking' y TYROSINE ? 'C9 H11 N O3'    181.189 
VAL 'L-peptide linking' y VALINE ? 'C5 H11 N O2'    117.146 
# 
loop_
_pdbx_poly_seq_scheme.asym_id 
_pdbx_poly_seq_scheme.entity_id 
_pdbx_poly_seq_scheme.seq_id 
_pdbx_poly_seq_scheme.mon_id 
_pdbx_poly_seq_scheme.ndb_seq_num 
_pdbx_poly_seq_scheme.pdb_seq_num 
_pdbx_poly_seq_scheme.auth_seq_num 
_pdbx_poly_seq_scheme.pdb_mon_id 
_pdbx_poly_seq_scheme.auth_mon_id 
_pdbx_poly_seq_scheme.pdb_strand_id 
_pdbx_poly_seq_scheme.pdb_ins_code 
_pdbx_poly_seq_scheme.hetero 
A 1 1   MET 1   0   0   MET MET A . n 
A 1 2   GLY 2   1   1   GLY GLY A . n 
A 1 3   PRO 3   2   2   PRO PRO A . n 
A 1 4   ALA 4   3   3   ALA ALA A . n 
A 1 5   PHE 5   4   4   PHE PHE A . n 
A 1 6   GLU 6   5   5   GLU GLU A . n 
A 1 7   PHE 7   6   6   PHE PHE A . n 
A 1 8   ALA 8   7   7   ALA ALA A . n 
A 1 9   VAL 9   8   8   VAL VAL A . n 
A 1 10  ALA 10  9   9   ALA ALA A . n 
A 1 11  MET 11  10  10  MET MET A . n 
A 1 12  MET 12  11  11  MET MET A . n 
A 1 13  LYS 13  12  12  LYS LYS A . n 
A 1 14  ARG 14  13  13  ARG ARG A . n 
A 1 15  ASN 15  14  14  ASN ASN A . n 
A 1 16  SER 16  15  15  SER SER A . n 
A 1 17  SER 17  16  16  SER SER A . n 
A 1 18  THR 18  17  17  THR THR A . n 
A 1 19  VAL 19  18  18  VAL VAL A . n 
A 1 20  LYS 20  19  19  LYS LYS A . n 
A 1 21  THR 21  20  20  THR THR A . n 
A 1 22  GLU 22  21  21  GLU GLU A . n 
A 1 23  TYR 23  22  22  TYR TYR A . n 
A 1 24  GLY 24  23  23  GLY GLY A . n 
A 1 25  GLU 25  24  24  GLU GLU A . n 
A 1 26  PHE 26  25  25  PHE PHE A . n 
A 1 27  THR 27  26  26  THR THR A . n 
A 1 28  MET 28  27  27  MET MET A . n 
A 1 29  LEU 29  28  28  LEU LEU A . n 
A 1 30  GLY 30  29  29  GLY GLY A . n 
A 1 31  ILE 31  30  30  ILE ILE A . n 
A 1 32  TYR 32  31  31  TYR TYR A . n 
A 1 33  ASP 33  32  32  ASP ASP A . n 
A 1 34  ARG 34  33  33  ARG ARG A . n 
A 1 35  TRP 35  34  34  TRP TRP A . n 
A 1 36  ALA 36  35  35  ALA ALA A . n 
A 1 37  VAL 37  36  36  VAL VAL A . n 
A 1 38  LEU 38  37  37  LEU LEU A . n 
A 1 39  PRO 39  38  38  PRO PRO A . n 
A 1 40  ARG 40  39  39  ARG ARG A . n 
A 1 41  HIS 41  40  40  HIS HIS A . n 
A 1 42  ALA 42  41  41  ALA ALA A . n 
A 1 43  LYS 43  42  42  LYS LYS A . n 
A 1 44  PRO 44  43  43  PRO PRO A . n 
A 1 45  GLY 45  44  44  GLY GLY A . n 
A 1 46  PRO 46  45  45  PRO PRO A . n 
A 1 47  THR 47  46  46  THR THR A . n 
A 1 48  ILE 48  47  47  ILE ILE A . n 
A 1 49  LEU 49  48  48  LEU LEU A . n 
A 1 50  MET 50  49  49  MET MET A . n 
A 1 51  ASN 51  50  50  ASN ASN A . n 
A 1 52  ASP 52  51  51  ASP ASP A . n 
A 1 53  GLN 53  52  52  GLN GLN A . n 
A 1 54  GLU 54  53  53  GLU GLU A . n 
A 1 55  VAL 55  54  54  VAL VAL A . n 
A 1 56  GLY 56  55  55  GLY GLY A . n 
A 1 57  VAL 57  56  56  VAL VAL A . n 
A 1 58  LEU 58  57  57  LEU LEU A . n 
A 1 59  ASP 59  58  58  ASP ASP A . n 
A 1 60  ALA 60  59  59  ALA ALA A . n 
A 1 61  LYS 61  60  60  LYS LYS A . n 
A 1 62  GLU 62  61  61  GLU GLU A . n 
A 1 63  LEU 63  62  62  LEU LEU A . n 
A 1 64  VAL 64  63  63  VAL VAL A . n 
A 1 65  ASP 65  64  64  ASP ASP A . n 
A 1 66  LYS 66  65  65  LYS LYS A . n 
A 1 67  ASP 67  66  66  ASP ASP A . n 
A 1 68  GLY 68  67  67  GLY GLY A . n 
A 1 69  THR 69  68  68  THR THR A . n 
A 1 70  ASN 70  69  69  ASN ASN A . n 
A 1 71  LEU 71  70  70  LEU LEU A . n 
A 1 72  GLU 72  71  71  GLU GLU A . n 
A 1 73  LEU 73  72  72  LEU LEU A . n 
A 1 74  THR 74  73  73  THR THR A . n 
A 1 75  LEU 75  74  74  LEU LEU A . n 
A 1 76  LEU 76  75  75  LEU LEU A . n 
A 1 77  LYS 77  76  76  LYS LYS A . n 
A 1 78  LEU 78  77  77  LEU LEU A . n 
A 1 79  ASN 79  78  78  ASN ASN A . n 
A 1 80  ARG 80  79  79  ARG ARG A . n 
A 1 81  ASN 81  80  80  ASN ASN A . n 
A 1 82  GLU 82  81  81  GLU GLU A . n 
A 1 83  LYS 83  82  82  LYS LYS A . n 
A 1 84  PHE 84  83  83  PHE PHE A . n 
A 1 85  ARG 85  84  84  ARG ARG A . n 
A 1 86  ASP 86  85  85  ASP ASP A . n 
A 1 87  ILE 87  86  86  ILE ILE A . n 
A 1 88  ARG 88  87  87  ARG ARG A . n 
A 1 89  GLY 89  88  88  GLY GLY A . n 
A 1 90  PHE 90  89  89  PHE PHE A . n 
A 1 91  LEU 91  90  90  LEU LEU A . n 
A 1 92  ALA 92  91  91  ALA ALA A . n 
A 1 93  LYS 93  92  92  LYS LYS A . n 
A 1 94  GLU 94  93  93  GLU GLU A . n 
A 1 95  GLU 95  94  94  GLU GLU A . n 
A 1 96  VAL 96  95  95  VAL VAL A . n 
A 1 97  GLU 97  96  96  GLU GLU A . n 
A 1 98  VAL 98  97  97  VAL VAL A . n 
A 1 99  ASN 99  98  98  ASN ASN A . n 
A 1 100 GLU 100 99  99  GLU GLU A . n 
A 1 101 ALA 101 100 100 ALA ALA A . n 
A 1 102 VAL 102 101 101 VAL VAL A . n 
A 1 103 LEU 103 102 102 LEU LEU A . n 
A 1 104 ALA 104 103 103 ALA ALA A . n 
A 1 105 ILE 105 104 104 ILE ILE A . n 
A 1 106 ASN 106 105 105 ASN ASN A . n 
A 1 107 THR 107 106 106 THR THR A . n 
A 1 108 SER 108 107 107 SER SER A . n 
A 1 109 LYS 109 108 108 LYS LYS A . n 
A 1 110 PHE 110 109 109 PHE PHE A . n 
A 1 111 PRO 111 110 110 PRO PRO A . n 
A 1 112 ASN 112 111 111 ASN ASN A . n 
A 1 113 MET 113 112 112 MET MET A . n 
A 1 114 TYR 114 113 113 TYR TYR A . n 
A 1 115 ILE 115 114 114 ILE ILE A . n 
A 1 116 PRO 116 115 115 PRO PRO A . n 
A 1 117 VAL 117 116 116 VAL VAL A . n 
A 1 118 GLY 118 117 117 GLY GLY A . n 
A 1 119 GLN 119 118 118 GLN GLN A . n 
A 1 120 VAL 120 119 119 VAL VAL A . n 
A 1 121 THR 121 120 120 THR THR A . n 
A 1 122 GLU 122 121 121 GLU GLU A . n 
A 1 123 TYR 123 122 122 TYR TYR A . n 
A 1 124 GLY 124 123 123 GLY GLY A . n 
A 1 125 PHE 125 124 124 PHE PHE A . n 
A 1 126 LEU 126 125 125 LEU LEU A . n 
A 1 127 ASN 127 126 126 ASN ASN A . n 
A 1 128 LEU 128 127 127 LEU LEU A . n 
A 1 129 GLY 129 128 128 GLY GLY A . n 
A 1 130 GLY 130 129 129 GLY GLY A . n 
A 1 131 THR 131 130 130 THR THR A . n 
A 1 132 PRO 132 131 131 PRO PRO A . n 
A 1 133 THR 133 132 132 THR THR A . n 
A 1 134 LYS 134 133 133 LYS LYS A . n 
A 1 135 ARG 135 134 134 ARG ARG A . n 
A 1 136 MET 136 135 135 MET MET A . n 
A 1 137 LEU 137 136 136 LEU LEU A . n 
A 1 138 MET 138 137 137 MET MET A . n 
A 1 139 TYR 139 138 138 TYR TYR A . n 
A 1 140 ASN 140 139 139 ASN ASN A . n 
A 1 141 PHE 141 140 140 PHE PHE A . n 
A 1 142 PRO 142 141 141 PRO PRO A . n 
A 1 143 THR 143 142 142 THR THR A . n 
A 1 144 ARG 144 143 143 ARG ARG A . n 
A 1 145 ALA 145 144 144 ALA ALA A . n 
A 1 146 GLY 146 145 145 GLY GLY A . n 
A 1 147 GLN 147 146 146 GLN GLN A . n 
A 1 148 CYS 148 147 147 CYS CYS A . n 
A 1 149 GLY 149 148 148 GLY GLY A . n 
A 1 150 GLY 150 149 149 GLY GLY A . n 
A 1 151 VAL 151 150 150 VAL VAL A . n 
A 1 152 LEU 152 151 151 LEU LEU A . n 
A 1 153 MET 153 152 152 MET MET A . n 
A 1 154 SER 154 153 153 SER SER A . n 
A 1 155 THR 155 154 154 THR THR A . n 
A 1 156 GLY 156 155 155 GLY GLY A . n 
A 1 157 LYS 157 156 156 LYS LYS A . n 
A 1 158 VAL 158 157 157 VAL VAL A . n 
A 1 159 LEU 159 158 158 LEU LEU A . n 
A 1 160 GLY 160 159 159 GLY GLY A . n 
A 1 161 ILE 161 160 160 ILE ILE A . n 
A 1 162 HIS 162 161 161 HIS HIS A . n 
A 1 163 VAL 163 162 162 VAL VAL A . n 
A 1 164 GLY 164 163 163 GLY GLY A . n 
A 1 165 GLY 165 164 164 GLY GLY A . n 
A 1 166 ASN 166 165 165 ASN ASN A . n 
A 1 167 GLY 167 166 166 GLY GLY A . n 
A 1 168 HIS 168 167 167 HIS HIS A . n 
A 1 169 GLN 169 168 168 GLN GLN A . n 
A 1 170 GLY 170 169 169 GLY GLY A . n 
A 1 171 PHE 171 170 170 PHE PHE A . n 
A 1 172 SER 172 171 171 SER SER A . n 
A 1 173 ALA 173 172 172 ALA ALA A . n 
A 1 174 ALA 174 173 173 ALA ALA A . n 
A 1 175 LEU 175 174 174 LEU LEU A . n 
A 1 176 LEU 176 175 175 LEU LEU A . n 
A 1 177 LYS 177 176 176 LYS LYS A . n 
A 1 178 HIS 178 177 177 HIS HIS A . n 
A 1 179 TYR 179 178 178 TYR TYR A . n 
A 1 180 PHE 180 179 179 PHE PHE A . n 
A 1 181 ASN 181 180 180 ASN ASN A . n 
A 1 182 ASP 182 181 ?   ?   ?   A . n 
A 1 183 GLU 183 182 ?   ?   ?   A . n 
A 1 184 GLN 184 183 ?   ?   ?   A . n 
# 
loop_
_pdbx_nonpoly_scheme.asym_id 
_pdbx_nonpoly_scheme.entity_id 
_pdbx_nonpoly_scheme.mon_id 
_pdbx_nonpoly_scheme.ndb_seq_num 
_pdbx_nonpoly_scheme.pdb_seq_num 
_pdbx_nonpoly_scheme.auth_seq_num 
_pdbx_nonpoly_scheme.pdb_mon_id 
_pdbx_nonpoly_scheme.auth_mon_id 
_pdbx_nonpoly_scheme.pdb_strand_id 
_pdbx_nonpoly_scheme.pdb_ins_code 
B 2 G84 1  1181 1181 G84 G84 A . 
C 3 HOH 1  2001 2001 HOH HOH A . 
C 3 HOH 2  2002 2002 HOH HOH A . 
C 3 HOH 3  2003 2003 HOH HOH A . 
C 3 HOH 4  2004 2004 HOH HOH A . 
C 3 HOH 5  2005 2005 HOH HOH A . 
C 3 HOH 6  2006 2006 HOH HOH A . 
C 3 HOH 7  2007 2007 HOH HOH A . 
C 3 HOH 8  2008 2008 HOH HOH A . 
C 3 HOH 9  2009 2009 HOH HOH A . 
C 3 HOH 10 2010 2010 HOH HOH A . 
C 3 HOH 11 2011 2011 HOH HOH A . 
C 3 HOH 12 2012 2012 HOH HOH A . 
C 3 HOH 13 2013 2013 HOH HOH A . 
C 3 HOH 14 2014 2014 HOH HOH A . 
C 3 HOH 15 2015 2015 HOH HOH A . 
C 3 HOH 16 2016 2016 HOH HOH A . 
C 3 HOH 17 2017 2017 HOH HOH A . 
C 3 HOH 18 2018 2018 HOH HOH A . 
C 3 HOH 19 2019 2019 HOH HOH A . 
C 3 HOH 20 2020 2020 HOH HOH A . 
C 3 HOH 21 2021 2021 HOH HOH A . 
C 3 HOH 22 2022 2022 HOH HOH A . 
C 3 HOH 23 2023 2023 HOH HOH A . 
C 3 HOH 24 2024 2024 HOH HOH A . 
C 3 HOH 25 2025 2025 HOH HOH A . 
C 3 HOH 26 2026 2026 HOH HOH A . 
C 3 HOH 27 2027 2027 HOH HOH A . 
C 3 HOH 28 2028 2028 HOH HOH A . 
C 3 HOH 29 2029 2029 HOH HOH A . 
C 3 HOH 30 2030 2030 HOH HOH A . 
C 3 HOH 31 2031 2031 HOH HOH A . 
C 3 HOH 32 2032 2032 HOH HOH A . 
C 3 HOH 33 2033 2033 HOH HOH A . 
C 3 HOH 34 2034 2034 HOH HOH A . 
C 3 HOH 35 2035 2035 HOH HOH A . 
C 3 HOH 36 2036 2036 HOH HOH A . 
C 3 HOH 37 2037 2037 HOH HOH A . 
C 3 HOH 38 2038 2038 HOH HOH A . 
C 3 HOH 39 2039 2039 HOH HOH A . 
C 3 HOH 40 2040 2040 HOH HOH A . 
C 3 HOH 41 2041 2041 HOH HOH A . 
C 3 HOH 42 2042 2042 HOH HOH A . 
C 3 HOH 43 2043 2043 HOH HOH A . 
C 3 HOH 44 2044 2044 HOH HOH A . 
C 3 HOH 45 2045 2045 HOH HOH A . 
C 3 HOH 46 2046 2046 HOH HOH A . 
C 3 HOH 47 2047 2047 HOH HOH A . 
C 3 HOH 48 2048 2048 HOH HOH A . 
C 3 HOH 49 2049 2049 HOH HOH A . 
C 3 HOH 50 2050 2050 HOH HOH A . 
C 3 HOH 51 2051 2051 HOH HOH A . 
C 3 HOH 52 2052 2052 HOH HOH A . 
C 3 HOH 53 2053 2053 HOH HOH A . 
C 3 HOH 54 2054 2054 HOH HOH A . 
C 3 HOH 55 2055 2055 HOH HOH A . 
C 3 HOH 56 2056 2056 HOH HOH A . 
C 3 HOH 57 2057 2057 HOH HOH A . 
C 3 HOH 58 2058 2058 HOH HOH A . 
C 3 HOH 59 2059 2059 HOH HOH A . 
C 3 HOH 60 2060 2060 HOH HOH A . 
C 3 HOH 61 2061 2061 HOH HOH A . 
C 3 HOH 62 2062 2062 HOH HOH A . 
# 
loop_
_software.name 
_software.classification 
_software.version 
_software.citation_id 
_software.pdbx_ordinal 
REFMAC  refinement       5.5.0110 ? 1 
iMOSFLM 'data reduction' .        ? 2 
SCALA   'data scaling'   .        ? 3 
MOLREP  phasing          .        ? 4 
# 
_cell.entry_id           3ZZA 
_cell.length_a           78.380 
_cell.length_b           63.930 
_cell.length_c           39.400 
_cell.angle_alpha        90.00 
_cell.angle_beta         116.59 
_cell.angle_gamma        90.00 
_cell.Z_PDB              4 
_cell.pdbx_unique_axis   ? 
# 
_symmetry.entry_id                         3ZZA 
_symmetry.space_group_name_H-M             'C 1 2 1' 
_symmetry.pdbx_full_space_group_name_H-M   ? 
_symmetry.cell_setting                     ? 
_symmetry.Int_Tables_number                5 
# 
_exptl.entry_id          3ZZA 
_exptl.method            'X-RAY DIFFRACTION' 
_exptl.crystals_number   1 
# 
_exptl_crystal.id                    1 
_exptl_crystal.density_meas          ? 
_exptl_crystal.density_Matthews      2.12 
_exptl_crystal.density_percent_sol   41.51 
_exptl_crystal.description           NONE 
# 
_exptl_crystal_grow.crystal_id      1 
_exptl_crystal_grow.method          'VAPOR DIFFUSION, SITTING DROP' 
_exptl_crystal_grow.temp            ? 
_exptl_crystal_grow.temp_details    ? 
_exptl_crystal_grow.pH              8.5 
_exptl_crystal_grow.pdbx_pH_range   ? 
_exptl_crystal_grow.pdbx_details    '100 MM TRIS-HCL PH 8.5, 0.2 M MAGNESIUM CHLORIDE, AND 22% PEG 4000; SITTING DROP' 
# 
_diffrn.id                     1 
_diffrn.ambient_temp           100 
_diffrn.ambient_temp_details   ? 
_diffrn.crystal_id             1 
# 
_diffrn_detector.diffrn_id              1 
_diffrn_detector.detector               CCD 
_diffrn_detector.type                   'MARMOSAIC 225 mm CCD' 
_diffrn_detector.pdbx_collection_date   ? 
_diffrn_detector.details                MIRRORS 
# 
_diffrn_radiation.diffrn_id                        1 
_diffrn_radiation.wavelength_id                    1 
_diffrn_radiation.pdbx_monochromatic_or_laue_m_l   M 
_diffrn_radiation.monochromator                    ? 
_diffrn_radiation.pdbx_diffrn_protocol             'SINGLE WAVELENGTH' 
_diffrn_radiation.pdbx_scattering_type             x-ray 
# 
_diffrn_radiation_wavelength.id           1 
_diffrn_radiation_wavelength.wavelength   0.9184 
_diffrn_radiation_wavelength.wt           1.0 
# 
_diffrn_source.diffrn_id                   1 
_diffrn_source.source                      SYNCHROTRON 
_diffrn_source.type                        'BESSY BEAMLINE 14.1' 
_diffrn_source.pdbx_synchrotron_site       BESSY 
_diffrn_source.pdbx_synchrotron_beamline   14.1 
_diffrn_source.pdbx_wavelength             0.9184 
_diffrn_source.pdbx_wavelength_list        ? 
# 
_reflns.pdbx_diffrn_id               1 
_reflns.pdbx_ordinal                 1 
_reflns.entry_id                     3ZZA 
_reflns.observed_criterion_sigma_I   2.0 
_reflns.observed_criterion_sigma_F   ? 
_reflns.d_resolution_low             35.23 
_reflns.d_resolution_high            1.80 
_reflns.number_obs                   15573 
_reflns.number_all                   ? 
_reflns.percent_possible_obs         96.9 
_reflns.pdbx_Rmerge_I_obs            0.04 
_reflns.pdbx_Rsym_value              ? 
_reflns.pdbx_netI_over_sigmaI        14.70 
_reflns.B_iso_Wilson_estimate        ? 
_reflns.pdbx_redundancy              3.9 
# 
_reflns_shell.pdbx_diffrn_id         1 
_reflns_shell.pdbx_ordinal           1 
_reflns_shell.d_res_high             1.80 
_reflns_shell.d_res_low              1.90 
_reflns_shell.percent_possible_all   95.8 
_reflns_shell.Rmerge_I_obs           0.45 
_reflns_shell.pdbx_Rsym_value        ? 
_reflns_shell.meanI_over_sigI_obs    3.00 
_reflns_shell.pdbx_redundancy        3.8 
# 
_refine.pdbx_refine_id                           'X-RAY DIFFRACTION' 
_refine.entry_id                                 3ZZA 
_refine.pdbx_diffrn_id                           1 
_refine.pdbx_TLS_residual_ADP_flag               ? 
_refine.ls_number_reflns_obs                     14782 
_refine.ls_number_reflns_all                     ? 
_refine.pdbx_ls_sigma_I                          ? 
_refine.pdbx_ls_sigma_F                          . 
_refine.pdbx_data_cutoff_high_absF               ? 
_refine.pdbx_data_cutoff_low_absF                ? 
_refine.pdbx_data_cutoff_high_rms_absF           ? 
_refine.ls_d_res_low                             47.23 
_refine.ls_d_res_high                            1.80 
_refine.ls_percent_reflns_obs                    96.64 
_refine.ls_R_factor_obs                          0.20536 
_refine.ls_R_factor_all                          ? 
_refine.ls_R_factor_R_work                       0.20265 
_refine.ls_R_factor_R_free                       0.25384 
_refine.ls_R_factor_R_free_error                 ? 
_refine.ls_R_factor_R_free_error_details         ? 
_refine.ls_percent_reflns_R_free                 5.1 
_refine.ls_number_reflns_R_free                  791 
_refine.ls_number_parameters                     ? 
_refine.ls_number_restraints                     ? 
_refine.occupancy_min                            ? 
_refine.occupancy_max                            ? 
_refine.correlation_coeff_Fo_to_Fc               0.958 
_refine.correlation_coeff_Fo_to_Fc_free          0.937 
_refine.B_iso_mean                               31.734 
_refine.aniso_B[1][1]                            0.59 
_refine.aniso_B[2][2]                            -0.37 
_refine.aniso_B[3][3]                            1.06 
_refine.aniso_B[1][2]                            0.00 
_refine.aniso_B[1][3]                            1.42 
_refine.aniso_B[2][3]                            0.00 
_refine.solvent_model_details                    MASK 
_refine.solvent_model_param_ksol                 ? 
_refine.solvent_model_param_bsol                 ? 
_refine.pdbx_solvent_vdw_probe_radii             1.40 
_refine.pdbx_solvent_ion_probe_radii             0.80 
_refine.pdbx_solvent_shrinkage_radii             0.80 
_refine.pdbx_ls_cross_valid_method               THROUGHOUT 
_refine.details                                  'HYDROGENS HAVE BEEN ADDED IN THE RIDING POSITIONS.' 
_refine.pdbx_starting_model                      'CRYSTAL STRUCTURE OF COXSACKIEVIURS B3 3C PROTEASE' 
_refine.pdbx_method_to_determine_struct          'MOLECULAR REPLACEMENT' 
_refine.pdbx_isotropic_thermal_model             ? 
_refine.pdbx_stereochemistry_target_values       'MAXIMUM LIKELIHOOD' 
_refine.pdbx_stereochem_target_val_spec_case     ? 
_refine.pdbx_R_Free_selection_details            RANDOM 
_refine.pdbx_overall_ESU_R                       0.157 
_refine.pdbx_overall_ESU_R_Free                  0.151 
_refine.overall_SU_ML                            0.111 
_refine.pdbx_overall_phase_error                 ? 
_refine.overall_SU_B                             3.523 
_refine.overall_SU_R_Cruickshank_DPI             ? 
_refine.pdbx_overall_SU_R_free_Cruickshank_DPI   ? 
_refine.pdbx_overall_SU_R_Blow_DPI               ? 
_refine.pdbx_overall_SU_R_free_Blow_DPI          ? 
# 
_refine_hist.pdbx_refine_id                   'X-RAY DIFFRACTION' 
_refine_hist.cycle_id                         LAST 
_refine_hist.pdbx_number_atoms_protein        1406 
_refine_hist.pdbx_number_atoms_nucleic_acid   0 
_refine_hist.pdbx_number_atoms_ligand         55 
_refine_hist.number_atoms_solvent             62 
_refine_hist.number_atoms_total               1523 
_refine_hist.d_res_high                       1.80 
_refine_hist.d_res_low                        47.23 
# 
loop_
_refine_ls_restr.type 
_refine_ls_restr.dev_ideal 
_refine_ls_restr.dev_ideal_target 
_refine_ls_restr.weight 
_refine_ls_restr.number 
_refine_ls_restr.pdbx_refine_id 
_refine_ls_restr.pdbx_restraint_function 
r_bond_refined_d             0.018  0.022  ? 1495 'X-RAY DIFFRACTION' ? 
r_bond_other_d               ?      ?      ? ?    'X-RAY DIFFRACTION' ? 
r_angle_refined_deg          1.906  2.009  ? 2017 'X-RAY DIFFRACTION' ? 
r_angle_other_deg            ?      ?      ? ?    'X-RAY DIFFRACTION' ? 
r_dihedral_angle_1_deg       6.453  5.000  ? 180  'X-RAY DIFFRACTION' ? 
r_dihedral_angle_2_deg       32.845 24.127 ? 63   'X-RAY DIFFRACTION' ? 
r_dihedral_angle_3_deg       18.022 15.000 ? 252  'X-RAY DIFFRACTION' ? 
r_dihedral_angle_4_deg       12.174 15.000 ? 8    'X-RAY DIFFRACTION' ? 
r_chiral_restr               0.120  0.200  ? 218  'X-RAY DIFFRACTION' ? 
r_gen_planes_refined         0.010  0.021  ? 1124 'X-RAY DIFFRACTION' ? 
r_gen_planes_other           ?      ?      ? ?    'X-RAY DIFFRACTION' ? 
r_nbd_refined                ?      ?      ? ?    'X-RAY DIFFRACTION' ? 
r_nbd_other                  ?      ?      ? ?    'X-RAY DIFFRACTION' ? 
r_nbtor_refined              ?      ?      ? ?    'X-RAY DIFFRACTION' ? 
r_nbtor_other                ?      ?      ? ?    'X-RAY DIFFRACTION' ? 
r_xyhbond_nbd_refined        ?      ?      ? ?    'X-RAY DIFFRACTION' ? 
r_xyhbond_nbd_other          ?      ?      ? ?    'X-RAY DIFFRACTION' ? 
r_metal_ion_refined          ?      ?      ? ?    'X-RAY DIFFRACTION' ? 
r_metal_ion_other            ?      ?      ? ?    'X-RAY DIFFRACTION' ? 
r_symmetry_vdw_refined       ?      ?      ? ?    'X-RAY DIFFRACTION' ? 
r_symmetry_vdw_other         ?      ?      ? ?    'X-RAY DIFFRACTION' ? 
r_symmetry_hbond_refined     ?      ?      ? ?    'X-RAY DIFFRACTION' ? 
r_symmetry_hbond_other       ?      ?      ? ?    'X-RAY DIFFRACTION' ? 
r_symmetry_metal_ion_refined ?      ?      ? ?    'X-RAY DIFFRACTION' ? 
r_symmetry_metal_ion_other   ?      ?      ? ?    'X-RAY DIFFRACTION' ? 
r_mcbond_it                  1.101  1.500  ? 892  'X-RAY DIFFRACTION' ? 
r_mcbond_other               ?      ?      ? ?    'X-RAY DIFFRACTION' ? 
r_mcangle_it                 1.915  2.000  ? 1429 'X-RAY DIFFRACTION' ? 
r_mcangle_other              ?      ?      ? ?    'X-RAY DIFFRACTION' ? 
r_scbond_it                  2.972  3.000  ? 603  'X-RAY DIFFRACTION' ? 
r_scbond_other               ?      ?      ? ?    'X-RAY DIFFRACTION' ? 
r_scangle_it                 4.929  4.500  ? 588  'X-RAY DIFFRACTION' ? 
r_scangle_other              ?      ?      ? ?    'X-RAY DIFFRACTION' ? 
r_long_range_B_refined       ?      ?      ? ?    'X-RAY DIFFRACTION' ? 
r_long_range_B_other         ?      ?      ? ?    'X-RAY DIFFRACTION' ? 
r_rigid_bond_restr           ?      ?      ? ?    'X-RAY DIFFRACTION' ? 
r_sphericity_free            ?      ?      ? ?    'X-RAY DIFFRACTION' ? 
r_sphericity_bonded          ?      ?      ? ?    'X-RAY DIFFRACTION' ? 
# 
_refine_ls_shell.pdbx_refine_id                   'X-RAY DIFFRACTION' 
_refine_ls_shell.pdbx_total_number_of_bins_used   20 
_refine_ls_shell.d_res_high                       1.802 
_refine_ls_shell.d_res_low                        1.849 
_refine_ls_shell.number_reflns_R_work             1059 
_refine_ls_shell.R_factor_R_work                  0.243 
_refine_ls_shell.percent_reflns_obs               95.60 
_refine_ls_shell.R_factor_R_free                  0.289 
_refine_ls_shell.R_factor_R_free_error            ? 
_refine_ls_shell.percent_reflns_R_free            ? 
_refine_ls_shell.number_reflns_R_free             50 
_refine_ls_shell.number_reflns_all                ? 
_refine_ls_shell.R_factor_all                     ? 
# 
_struct.entry_id                  3ZZA 
_struct.title                     
'Crystal structure of 3C protease of coxsackievirus B3 complexed with alpha, beta-unsaturated ethyl ester inhibitor 84' 
_struct.pdbx_model_details        ? 
_struct.pdbx_CASP_flag            ? 
_struct.pdbx_model_type_details   ? 
# 
_struct_keywords.entry_id        3ZZA 
_struct_keywords.pdbx_keywords   HYDROLASE 
_struct_keywords.text            'HYDROLASE, PICORNAVIRIDAE' 
# 
loop_
_struct_asym.id 
_struct_asym.pdbx_blank_PDB_chainid_flag 
_struct_asym.pdbx_modified 
_struct_asym.entity_id 
_struct_asym.details 
A N N 1 ? 
B N N 2 ? 
C N N 3 ? 
# 
_struct_ref.id                         1 
_struct_ref.db_name                    UNP 
_struct_ref.db_code                    Q90092_9ENTO 
_struct_ref.entity_id                  1 
_struct_ref.pdbx_seq_one_letter_code   ? 
_struct_ref.pdbx_align_begin           ? 
_struct_ref.pdbx_db_accession          Q90092 
_struct_ref.pdbx_db_isoform            ? 
# 
_struct_ref_seq.align_id                      1 
_struct_ref_seq.ref_id                        1 
_struct_ref_seq.pdbx_PDB_id_code              3ZZA 
_struct_ref_seq.pdbx_strand_id                A 
_struct_ref_seq.seq_align_beg                 2 
_struct_ref_seq.pdbx_seq_align_beg_ins_code   ? 
_struct_ref_seq.seq_align_end                 184 
_struct_ref_seq.pdbx_seq_align_end_ins_code   ? 
_struct_ref_seq.pdbx_db_accession             Q90092 
_struct_ref_seq.db_align_beg                  14 
_struct_ref_seq.pdbx_db_align_beg_ins_code    ? 
_struct_ref_seq.db_align_end                  196 
_struct_ref_seq.pdbx_db_align_end_ins_code    ? 
_struct_ref_seq.pdbx_auth_seq_align_beg       1 
_struct_ref_seq.pdbx_auth_seq_align_end       183 
# 
_struct_ref_seq_dif.align_id                     1 
_struct_ref_seq_dif.pdbx_pdb_id_code             3ZZA 
_struct_ref_seq_dif.mon_id                       MET 
_struct_ref_seq_dif.pdbx_pdb_strand_id           A 
_struct_ref_seq_dif.seq_num                      1 
_struct_ref_seq_dif.pdbx_pdb_ins_code            ? 
_struct_ref_seq_dif.pdbx_seq_db_name             UNP 
_struct_ref_seq_dif.pdbx_seq_db_accession_code   Q90092 
_struct_ref_seq_dif.db_mon_id                    ? 
_struct_ref_seq_dif.pdbx_seq_db_seq_num          ? 
_struct_ref_seq_dif.details                      'expression tag' 
_struct_ref_seq_dif.pdbx_auth_seq_num            0 
_struct_ref_seq_dif.pdbx_ordinal                 1 
# 
_pdbx_struct_assembly.id                   1 
_pdbx_struct_assembly.details              author_and_software_defined_assembly 
_pdbx_struct_assembly.method_details       PISA 
_pdbx_struct_assembly.oligomeric_details   dimeric 
_pdbx_struct_assembly.oligomeric_count     2 
# 
loop_
_pdbx_struct_assembly_prop.biol_id 
_pdbx_struct_assembly_prop.type 
_pdbx_struct_assembly_prop.value 
_pdbx_struct_assembly_prop.details 
1 'ABSA (A^2)' 1640  ? 
1 MORE         -13.6 ? 
1 'SSA (A^2)'  15480 ? 
# 
_pdbx_struct_assembly_gen.assembly_id       1 
_pdbx_struct_assembly_gen.oper_expression   1,2 
_pdbx_struct_assembly_gen.asym_id_list      A,B,C 
# 
loop_
_pdbx_struct_oper_list.id 
_pdbx_struct_oper_list.type 
_pdbx_struct_oper_list.name 
_pdbx_struct_oper_list.symmetry_operation 
_pdbx_struct_oper_list.matrix[1][1] 
_pdbx_struct_oper_list.matrix[1][2] 
_pdbx_struct_oper_list.matrix[1][3] 
_pdbx_struct_oper_list.vector[1] 
_pdbx_struct_oper_list.matrix[2][1] 
_pdbx_struct_oper_list.matrix[2][2] 
_pdbx_struct_oper_list.matrix[2][3] 
_pdbx_struct_oper_list.vector[2] 
_pdbx_struct_oper_list.matrix[3][1] 
_pdbx_struct_oper_list.matrix[3][2] 
_pdbx_struct_oper_list.matrix[3][3] 
_pdbx_struct_oper_list.vector[3] 
1 'identity operation'         1_555 x,y,z       1.0000000000  0.0000000000 0.0000000000 0.0000000000   0.0000000000 1.0000000000  0.0000000000 0.0000000000  0.0000000000 0.0000000000 1.0000000000  0.0000000000  
2 'crystal symmetry operation' 2_656 -x+1,y,-z+1 -0.1291981834 0.8115794305 0.5697777263 -24.2794219860 0.8115794305 -0.2436152986 0.5310276964 18.2510008421 0.5697777263 0.5310276964 -0.6271865179 11.1103463839 
# 
_struct_biol.id   1 
# 
loop_
_struct_conf.conf_type_id 
_struct_conf.id 
_struct_conf.pdbx_PDB_helix_id 
_struct_conf.beg_label_comp_id 
_struct_conf.beg_label_asym_id 
_struct_conf.beg_label_seq_id 
_struct_conf.pdbx_beg_PDB_ins_code 
_struct_conf.end_label_comp_id 
_struct_conf.end_label_asym_id 
_struct_conf.end_label_seq_id 
_struct_conf.pdbx_end_PDB_ins_code 
_struct_conf.beg_auth_comp_id 
_struct_conf.beg_auth_asym_id 
_struct_conf.beg_auth_seq_id 
_struct_conf.end_auth_comp_id 
_struct_conf.end_auth_asym_id 
_struct_conf.end_auth_seq_id 
_struct_conf.pdbx_PDB_helix_class 
_struct_conf.details 
_struct_conf.pdbx_PDB_helix_length 
HELX_P HELX_P1 1 MET A 1   ? ASN A 15  ? MET A 0   ASN A 14  1 ? 15 
HELX_P HELX_P2 2 HIS A 41  ? LYS A 43  ? HIS A 40  LYS A 42  5 ? 3  
HELX_P HELX_P3 3 ILE A 87  ? PHE A 90  ? ILE A 86  PHE A 89  5 ? 4  
HELX_P HELX_P4 4 LEU A 176 ? ASN A 181 ? LEU A 175 ASN A 180 5 ? 6  
# 
_struct_conf_type.id          HELX_P 
_struct_conf_type.criteria    ? 
_struct_conf_type.reference   ? 
# 
_struct_conn.id                            covale1 
_struct_conn.conn_type_id                  covale 
_struct_conn.pdbx_leaving_atom_flag        none 
_struct_conn.pdbx_PDB_id                   ? 
_struct_conn.ptnr1_label_asym_id           A 
_struct_conn.ptnr1_label_comp_id           CYS 
_struct_conn.ptnr1_label_seq_id            148 
_struct_conn.ptnr1_label_atom_id           SG 
_struct_conn.pdbx_ptnr1_label_alt_id       ? 
_struct_conn.pdbx_ptnr1_PDB_ins_code       ? 
_struct_conn.pdbx_ptnr1_standard_comp_id   ? 
_struct_conn.ptnr1_symmetry                1_555 
_struct_conn.ptnr2_label_asym_id           B 
_struct_conn.ptnr2_label_comp_id           G84 
_struct_conn.ptnr2_label_seq_id            . 
_struct_conn.ptnr2_label_atom_id           C63 
_struct_conn.pdbx_ptnr2_label_alt_id       ? 
_struct_conn.pdbx_ptnr2_PDB_ins_code       ? 
_struct_conn.ptnr1_auth_asym_id            A 
_struct_conn.ptnr1_auth_comp_id            CYS 
_struct_conn.ptnr1_auth_seq_id             147 
_struct_conn.ptnr2_auth_asym_id            A 
_struct_conn.ptnr2_auth_comp_id            G84 
_struct_conn.ptnr2_auth_seq_id             1181 
_struct_conn.ptnr2_symmetry                1_555 
_struct_conn.pdbx_ptnr3_label_atom_id      ? 
_struct_conn.pdbx_ptnr3_label_seq_id       ? 
_struct_conn.pdbx_ptnr3_label_comp_id      ? 
_struct_conn.pdbx_ptnr3_label_asym_id      ? 
_struct_conn.pdbx_ptnr3_label_alt_id       ? 
_struct_conn.pdbx_ptnr3_PDB_ins_code       ? 
_struct_conn.details                       ? 
_struct_conn.pdbx_dist_value               1.801 
_struct_conn.pdbx_value_order              ? 
_struct_conn.pdbx_role                     ? 
# 
_struct_conn_type.id          covale 
_struct_conn_type.criteria    ? 
_struct_conn_type.reference   ? 
# 
_pdbx_modification_feature.ordinal                            1 
_pdbx_modification_feature.label_comp_id                      G84 
_pdbx_modification_feature.label_asym_id                      B 
_pdbx_modification_feature.label_seq_id                       . 
_pdbx_modification_feature.label_alt_id                       ? 
_pdbx_modification_feature.modified_residue_label_comp_id     CYS 
_pdbx_modification_feature.modified_residue_label_asym_id     A 
_pdbx_modification_feature.modified_residue_label_seq_id      148 
_pdbx_modification_feature.modified_residue_label_alt_id      ? 
_pdbx_modification_feature.auth_comp_id                       G84 
_pdbx_modification_feature.auth_asym_id                       A 
_pdbx_modification_feature.auth_seq_id                        1181 
_pdbx_modification_feature.PDB_ins_code                       ? 
_pdbx_modification_feature.symmetry                           1_555 
_pdbx_modification_feature.modified_residue_auth_comp_id      CYS 
_pdbx_modification_feature.modified_residue_auth_asym_id      A 
_pdbx_modification_feature.modified_residue_auth_seq_id       147 
_pdbx_modification_feature.modified_residue_PDB_ins_code      ? 
_pdbx_modification_feature.modified_residue_symmetry          1_555 
_pdbx_modification_feature.comp_id_linking_atom               C63 
_pdbx_modification_feature.modified_residue_id_linking_atom   SG 
_pdbx_modification_feature.modified_residue_id                CYS 
_pdbx_modification_feature.ref_pcm_id                         1 
_pdbx_modification_feature.ref_comp_id                        G84 
_pdbx_modification_feature.type                               None 
_pdbx_modification_feature.category                           'Covalent chemical modification' 
# 
loop_
_struct_sheet.id 
_struct_sheet.type 
_struct_sheet.number_strands 
_struct_sheet.details 
AA ? 7 ? 
AB ? 7 ? 
# 
loop_
_struct_sheet_order.sheet_id 
_struct_sheet_order.range_id_1 
_struct_sheet_order.range_id_2 
_struct_sheet_order.offset 
_struct_sheet_order.sense 
AA 1 2 ? anti-parallel 
AA 2 3 ? anti-parallel 
AA 3 4 ? anti-parallel 
AA 4 5 ? anti-parallel 
AA 5 6 ? anti-parallel 
AA 6 7 ? anti-parallel 
AB 1 2 ? anti-parallel 
AB 2 3 ? anti-parallel 
AB 3 4 ? anti-parallel 
AB 4 5 ? anti-parallel 
AB 5 6 ? anti-parallel 
AB 6 7 ? anti-parallel 
# 
loop_
_struct_sheet_range.sheet_id 
_struct_sheet_range.id 
_struct_sheet_range.beg_label_comp_id 
_struct_sheet_range.beg_label_asym_id 
_struct_sheet_range.beg_label_seq_id 
_struct_sheet_range.pdbx_beg_PDB_ins_code 
_struct_sheet_range.end_label_comp_id 
_struct_sheet_range.end_label_asym_id 
_struct_sheet_range.end_label_seq_id 
_struct_sheet_range.pdbx_end_PDB_ins_code 
_struct_sheet_range.beg_auth_comp_id 
_struct_sheet_range.beg_auth_asym_id 
_struct_sheet_range.beg_auth_seq_id 
_struct_sheet_range.end_auth_comp_id 
_struct_sheet_range.end_auth_asym_id 
_struct_sheet_range.end_auth_seq_id 
AA 1 SER A 16  ? THR A 21  ? SER A 15  THR A 20  
AA 2 GLY A 24  ? TYR A 32  ? GLY A 23  TYR A 31  
AA 3 TRP A 35  ? PRO A 39  ? TRP A 34  PRO A 38  
AA 4 ASN A 70  ? ASN A 79  ? ASN A 69  ASN A 78  
AA 5 GLN A 53  ? VAL A 64  ? GLN A 52  VAL A 63  
AA 6 THR A 47  ? MET A 50  ? THR A 46  MET A 49  
AA 7 SER A 16  ? THR A 21  ? SER A 15  THR A 20  
AB 1 VAL A 98  ? ILE A 105 ? VAL A 97  ILE A 104 
AB 2 MET A 113 ? LEU A 128 ? MET A 112 LEU A 127 
AB 3 THR A 131 ? TYR A 139 ? THR A 130 TYR A 138 
AB 4 GLY A 170 ? ALA A 174 ? GLY A 169 ALA A 173 
AB 5 LYS A 157 ? GLY A 165 ? LYS A 156 GLY A 164 
AB 6 VAL A 151 ? SER A 154 ? VAL A 150 SER A 153 
AB 7 VAL A 98  ? ILE A 105 ? VAL A 97  ILE A 104 
# 
loop_
_pdbx_struct_sheet_hbond.sheet_id 
_pdbx_struct_sheet_hbond.range_id_1 
_pdbx_struct_sheet_hbond.range_id_2 
_pdbx_struct_sheet_hbond.range_1_label_atom_id 
_pdbx_struct_sheet_hbond.range_1_label_comp_id 
_pdbx_struct_sheet_hbond.range_1_label_asym_id 
_pdbx_struct_sheet_hbond.range_1_label_seq_id 
_pdbx_struct_sheet_hbond.range_1_PDB_ins_code 
_pdbx_struct_sheet_hbond.range_1_auth_atom_id 
_pdbx_struct_sheet_hbond.range_1_auth_comp_id 
_pdbx_struct_sheet_hbond.range_1_auth_asym_id 
_pdbx_struct_sheet_hbond.range_1_auth_seq_id 
_pdbx_struct_sheet_hbond.range_2_label_atom_id 
_pdbx_struct_sheet_hbond.range_2_label_comp_id 
_pdbx_struct_sheet_hbond.range_2_label_asym_id 
_pdbx_struct_sheet_hbond.range_2_label_seq_id 
_pdbx_struct_sheet_hbond.range_2_PDB_ins_code 
_pdbx_struct_sheet_hbond.range_2_auth_atom_id 
_pdbx_struct_sheet_hbond.range_2_auth_comp_id 
_pdbx_struct_sheet_hbond.range_2_auth_asym_id 
_pdbx_struct_sheet_hbond.range_2_auth_seq_id 
AA 1 2 N THR A 21  ? N THR A 20  O GLY A 24  ? O GLY A 23  
AA 2 3 N ILE A 31  ? N ILE A 30  O TRP A 35  ? O TRP A 34  
AA 3 4 N LEU A 38  ? N LEU A 37  O THR A 74  ? O THR A 73  
AA 4 5 N ASN A 79  ? N ASN A 78  O GLY A 56  ? O GLY A 55  
AA 5 6 N VAL A 55  ? N VAL A 54  O ILE A 48  ? O ILE A 47  
AA 6 7 N LEU A 49  ? N LEU A 48  O LYS A 20  ? O LYS A 19  
AB 1 2 N ILE A 105 ? N ILE A 104 O MET A 113 ? O MET A 112 
AB 2 3 N LEU A 128 ? N LEU A 127 O THR A 131 ? O THR A 130 
AB 3 4 N TYR A 139 ? N TYR A 138 O GLY A 170 ? O GLY A 169 
AB 4 5 N ALA A 173 ? N ALA A 172 O ILE A 161 ? O ILE A 160 
AB 5 6 N LEU A 159 ? N LEU A 158 O LEU A 152 ? O LEU A 151 
AB 6 7 N MET A 153 ? N MET A 152 O VAL A 102 ? O VAL A 101 
# 
_struct_site.id                   AC1 
_struct_site.pdbx_evidence_code   Software 
_struct_site.pdbx_auth_asym_id    A 
_struct_site.pdbx_auth_comp_id    G84 
_struct_site.pdbx_auth_seq_id     1181 
_struct_site.pdbx_auth_ins_code   ? 
_struct_site.pdbx_num_residues    19 
_struct_site.details              'BINDING SITE FOR RESIDUE G84 A 1181' 
# 
loop_
_struct_site_gen.id 
_struct_site_gen.site_id 
_struct_site_gen.pdbx_num_res 
_struct_site_gen.label_comp_id 
_struct_site_gen.label_asym_id 
_struct_site_gen.label_seq_id 
_struct_site_gen.pdbx_auth_ins_code 
_struct_site_gen.auth_comp_id 
_struct_site_gen.auth_asym_id 
_struct_site_gen.auth_seq_id 
_struct_site_gen.label_atom_id 
_struct_site_gen.label_alt_id 
_struct_site_gen.symmetry 
_struct_site_gen.details 
1  AC1 19 GLU A 25  ? GLU A 24  . ? 1_555 ? 
2  AC1 19 ARG A 40  ? ARG A 39  . ? 1_555 ? 
3  AC1 19 HIS A 41  ? HIS A 40  . ? 1_555 ? 
4  AC1 19 GLU A 72  ? GLU A 71  . ? 1_555 ? 
5  AC1 19 LYS A 93  ? LYS A 92  . ? 4_556 ? 
6  AC1 19 LEU A 126 ? LEU A 125 . ? 1_555 ? 
7  AC1 19 ASN A 127 ? ASN A 126 . ? 1_555 ? 
8  AC1 19 LEU A 128 ? LEU A 127 . ? 1_555 ? 
9  AC1 19 GLY A 129 ? GLY A 128 . ? 1_555 ? 
10 AC1 19 THR A 143 ? THR A 142 . ? 1_555 ? 
11 AC1 19 ARG A 144 ? ARG A 143 . ? 1_555 ? 
12 AC1 19 GLY A 146 ? GLY A 145 . ? 1_555 ? 
13 AC1 19 GLN A 147 ? GLN A 146 . ? 1_555 ? 
14 AC1 19 CYS A 148 ? CYS A 147 . ? 1_555 ? 
15 AC1 19 HIS A 162 ? HIS A 161 . ? 1_555 ? 
16 AC1 19 VAL A 163 ? VAL A 162 . ? 1_555 ? 
17 AC1 19 GLY A 164 ? GLY A 163 . ? 1_555 ? 
18 AC1 19 GLY A 165 ? GLY A 164 . ? 1_555 ? 
19 AC1 19 HIS A 168 ? HIS A 167 . ? 2_657 ? 
# 
_pdbx_entry_details.entry_id                   3ZZA 
_pdbx_entry_details.compound_details           ? 
_pdbx_entry_details.source_details             ? 
_pdbx_entry_details.nonpolymer_details         ? 
_pdbx_entry_details.sequence_details           ? 
_pdbx_entry_details.has_ligand_of_interest     ? 
_pdbx_entry_details.has_protein_modification   Y 
# 
_pdbx_validate_symm_contact.id                1 
_pdbx_validate_symm_contact.PDB_model_num     1 
_pdbx_validate_symm_contact.auth_atom_id_1    OD1 
_pdbx_validate_symm_contact.auth_asym_id_1    A 
_pdbx_validate_symm_contact.auth_comp_id_1    ASN 
_pdbx_validate_symm_contact.auth_seq_id_1     139 
_pdbx_validate_symm_contact.PDB_ins_code_1    ? 
_pdbx_validate_symm_contact.label_alt_id_1    ? 
_pdbx_validate_symm_contact.site_symmetry_1   1_555 
_pdbx_validate_symm_contact.auth_atom_id_2    OD1 
_pdbx_validate_symm_contact.auth_asym_id_2    A 
_pdbx_validate_symm_contact.auth_comp_id_2    ASN 
_pdbx_validate_symm_contact.auth_seq_id_2     139 
_pdbx_validate_symm_contact.PDB_ins_code_2    ? 
_pdbx_validate_symm_contact.label_alt_id_2    ? 
_pdbx_validate_symm_contact.site_symmetry_2   2_657 
_pdbx_validate_symm_contact.dist              2.18 
# 
_pdbx_validate_rmsd_angle.id                         1 
_pdbx_validate_rmsd_angle.PDB_model_num              1 
_pdbx_validate_rmsd_angle.auth_atom_id_1             CA 
_pdbx_validate_rmsd_angle.auth_asym_id_1             A 
_pdbx_validate_rmsd_angle.auth_comp_id_1             LEU 
_pdbx_validate_rmsd_angle.auth_seq_id_1              75 
_pdbx_validate_rmsd_angle.PDB_ins_code_1             ? 
_pdbx_validate_rmsd_angle.label_alt_id_1             ? 
_pdbx_validate_rmsd_angle.auth_atom_id_2             CB 
_pdbx_validate_rmsd_angle.auth_asym_id_2             A 
_pdbx_validate_rmsd_angle.auth_comp_id_2             LEU 
_pdbx_validate_rmsd_angle.auth_seq_id_2              75 
_pdbx_validate_rmsd_angle.PDB_ins_code_2             ? 
_pdbx_validate_rmsd_angle.label_alt_id_2             ? 
_pdbx_validate_rmsd_angle.auth_atom_id_3             CG 
_pdbx_validate_rmsd_angle.auth_asym_id_3             A 
_pdbx_validate_rmsd_angle.auth_comp_id_3             LEU 
_pdbx_validate_rmsd_angle.auth_seq_id_3              75 
_pdbx_validate_rmsd_angle.PDB_ins_code_3             ? 
_pdbx_validate_rmsd_angle.label_alt_id_3             ? 
_pdbx_validate_rmsd_angle.angle_value                132.60 
_pdbx_validate_rmsd_angle.angle_target_value         115.30 
_pdbx_validate_rmsd_angle.angle_deviation            17.30 
_pdbx_validate_rmsd_angle.angle_standard_deviation   2.30 
_pdbx_validate_rmsd_angle.linker_flag                N 
# 
loop_
_pdbx_validate_torsion.id 
_pdbx_validate_torsion.PDB_model_num 
_pdbx_validate_torsion.auth_comp_id 
_pdbx_validate_torsion.auth_asym_id 
_pdbx_validate_torsion.auth_seq_id 
_pdbx_validate_torsion.PDB_ins_code 
_pdbx_validate_torsion.label_alt_id 
_pdbx_validate_torsion.phi 
_pdbx_validate_torsion.psi 
1 1 ASP A 32  ? ? 48.49 -123.71 
2 1 ASP A 51  ? ? 66.50 -4.24   
3 1 ASN A 111 ? ? 34.95 58.79   
# 
_pdbx_database_remark.id     700 
_pdbx_database_remark.text   
;
SHEET
DETERMINATION METHOD: DSSP
THE SHEETS PRESENTED AS "AA" IN EACH CHAIN ON SHEET RECORDS
BELOW IS ACTUALLY AN  6-STRANDED BARREL THIS IS REPRESENTED BY
A  7-STRANDED SHEET IN WHICH THE FIRST AND LAST STRANDS
ARE IDENTICAL.

THE SHEETS PRESENTED AS "AB" IN EACH CHAIN ON SHEET RECORDS
BELOW IS ACTUALLY AN  6-STRANDED BARREL THIS IS REPRESENTED BY
A  7-STRANDED SHEET IN WHICH THE FIRST AND LAST STRANDS
ARE IDENTICAL.
;
# 
loop_
_pdbx_unobs_or_zero_occ_residues.id 
_pdbx_unobs_or_zero_occ_residues.PDB_model_num 
_pdbx_unobs_or_zero_occ_residues.polymer_flag 
_pdbx_unobs_or_zero_occ_residues.occupancy_flag 
_pdbx_unobs_or_zero_occ_residues.auth_asym_id 
_pdbx_unobs_or_zero_occ_residues.auth_comp_id 
_pdbx_unobs_or_zero_occ_residues.auth_seq_id 
_pdbx_unobs_or_zero_occ_residues.PDB_ins_code 
_pdbx_unobs_or_zero_occ_residues.label_asym_id 
_pdbx_unobs_or_zero_occ_residues.label_comp_id 
_pdbx_unobs_or_zero_occ_residues.label_seq_id 
1 1 Y 1 A ASP 181 ? A ASP 182 
2 1 Y 1 A GLU 182 ? A GLU 183 
3 1 Y 1 A GLN 183 ? A GLN 184 
# 
loop_
_chem_comp_atom.comp_id 
_chem_comp_atom.atom_id 
_chem_comp_atom.type_symbol 
_chem_comp_atom.pdbx_aromatic_flag 
_chem_comp_atom.pdbx_stereo_config 
_chem_comp_atom.pdbx_ordinal 
ALA N    N N N 1   
ALA CA   C N S 2   
ALA C    C N N 3   
ALA O    O N N 4   
ALA CB   C N N 5   
ALA OXT  O N N 6   
ALA H    H N N 7   
ALA H2   H N N 8   
ALA HA   H N N 9   
ALA HB1  H N N 10  
ALA HB2  H N N 11  
ALA HB3  H N N 12  
ALA HXT  H N N 13  
ARG N    N N N 14  
ARG CA   C N S 15  
ARG C    C N N 16  
ARG O    O N N 17  
ARG CB   C N N 18  
ARG CG   C N N 19  
ARG CD   C N N 20  
ARG NE   N N N 21  
ARG CZ   C N N 22  
ARG NH1  N N N 23  
ARG NH2  N N N 24  
ARG OXT  O N N 25  
ARG H    H N N 26  
ARG H2   H N N 27  
ARG HA   H N N 28  
ARG HB2  H N N 29  
ARG HB3  H N N 30  
ARG HG2  H N N 31  
ARG HG3  H N N 32  
ARG HD2  H N N 33  
ARG HD3  H N N 34  
ARG HE   H N N 35  
ARG HH11 H N N 36  
ARG HH12 H N N 37  
ARG HH21 H N N 38  
ARG HH22 H N N 39  
ARG HXT  H N N 40  
ASN N    N N N 41  
ASN CA   C N S 42  
ASN C    C N N 43  
ASN O    O N N 44  
ASN CB   C N N 45  
ASN CG   C N N 46  
ASN OD1  O N N 47  
ASN ND2  N N N 48  
ASN OXT  O N N 49  
ASN H    H N N 50  
ASN H2   H N N 51  
ASN HA   H N N 52  
ASN HB2  H N N 53  
ASN HB3  H N N 54  
ASN HD21 H N N 55  
ASN HD22 H N N 56  
ASN HXT  H N N 57  
ASP N    N N N 58  
ASP CA   C N S 59  
ASP C    C N N 60  
ASP O    O N N 61  
ASP CB   C N N 62  
ASP CG   C N N 63  
ASP OD1  O N N 64  
ASP OD2  O N N 65  
ASP OXT  O N N 66  
ASP H    H N N 67  
ASP H2   H N N 68  
ASP HA   H N N 69  
ASP HB2  H N N 70  
ASP HB3  H N N 71  
ASP HD2  H N N 72  
ASP HXT  H N N 73  
CYS N    N N N 74  
CYS CA   C N R 75  
CYS C    C N N 76  
CYS O    O N N 77  
CYS CB   C N N 78  
CYS SG   S N N 79  
CYS OXT  O N N 80  
CYS H    H N N 81  
CYS H2   H N N 82  
CYS HA   H N N 83  
CYS HB2  H N N 84  
CYS HB3  H N N 85  
CYS HG   H N N 86  
CYS HXT  H N N 87  
G84 C1   C Y N 88  
G84 C2   C Y N 89  
G84 C3   C N N 90  
G84 C4   C N N 91  
G84 C5   C N N 92  
G84 C6   C Y N 93  
G84 C7   C Y N 94  
G84 C8   C Y N 95  
G84 C9   C Y N 96  
G84 C10  C Y N 97  
G84 C11  C Y N 98  
G84 C12  C N N 99  
G84 C13  C N N 100 
G84 C14  C N N 101 
G84 C15  C Y N 102 
G84 O15  O N N 103 
G84 C16  C Y N 104 
G84 C17  C N N 105 
G84 C18  C Y N 106 
G84 C19  C Y N 107 
G84 O19  O N N 108 
G84 C20  C Y N 109 
G84 C21  C Y N 110 
G84 N21  N N N 111 
G84 C22  C Y N 112 
G84 C23  C N S 113 
G84 C25  C N R 114 
G84 O27  O N N 115 
G84 C29  C N N 116 
G84 C31  C N N 117 
G84 N33  N N N 118 
G84 O35  O N N 119 
G84 C37  C N S 120 
G84 C39  C N N 121 
G84 C41  C N N 122 
G84 C43  C N N 123 
G84 C45  C N N 124 
G84 O47  O N N 125 
G84 N49  N N N 126 
G84 C51  C Y N 127 
G84 C53  C Y N 128 
G84 C55  C Y N 129 
G84 C57  C N R 130 
G84 C59  C N N 131 
G84 C61  C N S 132 
G84 C63  C N N 133 
G84 C65  C N N 134 
G84 O66  O N N 135 
G84 N69  N N N 136 
G84 C71  C N N 137 
G84 C73  C N N 138 
G84 C82  C N N 139 
G84 C84  C N N 140 
G84 O86  O N N 141 
G84 O88  O N N 142 
G84 H3   H N N 143 
G84 H3A  H N N 144 
G84 H4   H N N 145 
G84 H5   H N N 146 
G84 H5A  H N N 147 
G84 H5B  H N N 148 
G84 H7   H N N 149 
G84 H9   H N N 150 
G84 H10  H N N 151 
G84 H11  H N N 152 
G84 H12  H N N 153 
G84 H12A H N N 154 
G84 H12B H N N 155 
G84 H13  H N N 156 
G84 H13A H N N 157 
G84 H14  H N N 158 
G84 H14A H N N 159 
G84 H14B H N N 160 
G84 H15  H N N 161 
G84 H16  H N N 162 
G84 H18  H N N 163 
G84 H19  H N N 164 
G84 H20  H N N 165 
G84 H21  H N N 166 
G84 HN21 H N N 167 
G84 H22  H N N 168 
G84 H23  H N N 169 
G84 H25  H N N 170 
G84 HN33 H N N 171 
G84 H37  H N N 172 
G84 H41  H N N 173 
G84 H41A H N N 174 
G84 H43  H N N 175 
G84 H43A H N N 176 
G84 H43B H N N 177 
G84 H45  H N N 178 
G84 H45A H N N 179 
G84 H45B H N N 180 
G84 HN49 H N N 181 
G84 H53  H N N 182 
G84 H55  H N N 183 
G84 H57  H N N 184 
G84 H59  H N N 185 
G84 H59A H N N 186 
G84 H61  H N N 187 
G84 H63  H N N 188 
G84 H63A H N N 189 
G84 HN69 H N N 190 
G84 H71  H N N 191 
G84 H71A H N N 192 
G84 H73  H N N 193 
G84 H73A H N N 194 
G84 H82  H N N 195 
G84 H82A H N N 196 
GLN N    N N N 197 
GLN CA   C N S 198 
GLN C    C N N 199 
GLN O    O N N 200 
GLN CB   C N N 201 
GLN CG   C N N 202 
GLN CD   C N N 203 
GLN OE1  O N N 204 
GLN NE2  N N N 205 
GLN OXT  O N N 206 
GLN H    H N N 207 
GLN H2   H N N 208 
GLN HA   H N N 209 
GLN HB2  H N N 210 
GLN HB3  H N N 211 
GLN HG2  H N N 212 
GLN HG3  H N N 213 
GLN HE21 H N N 214 
GLN HE22 H N N 215 
GLN HXT  H N N 216 
GLU N    N N N 217 
GLU CA   C N S 218 
GLU C    C N N 219 
GLU O    O N N 220 
GLU CB   C N N 221 
GLU CG   C N N 222 
GLU CD   C N N 223 
GLU OE1  O N N 224 
GLU OE2  O N N 225 
GLU OXT  O N N 226 
GLU H    H N N 227 
GLU H2   H N N 228 
GLU HA   H N N 229 
GLU HB2  H N N 230 
GLU HB3  H N N 231 
GLU HG2  H N N 232 
GLU HG3  H N N 233 
GLU HE2  H N N 234 
GLU HXT  H N N 235 
GLY N    N N N 236 
GLY CA   C N N 237 
GLY C    C N N 238 
GLY O    O N N 239 
GLY OXT  O N N 240 
GLY H    H N N 241 
GLY H2   H N N 242 
GLY HA2  H N N 243 
GLY HA3  H N N 244 
GLY HXT  H N N 245 
HIS N    N N N 246 
HIS CA   C N S 247 
HIS C    C N N 248 
HIS O    O N N 249 
HIS CB   C N N 250 
HIS CG   C Y N 251 
HIS ND1  N Y N 252 
HIS CD2  C Y N 253 
HIS CE1  C Y N 254 
HIS NE2  N Y N 255 
HIS OXT  O N N 256 
HIS H    H N N 257 
HIS H2   H N N 258 
HIS HA   H N N 259 
HIS HB2  H N N 260 
HIS HB3  H N N 261 
HIS HD1  H N N 262 
HIS HD2  H N N 263 
HIS HE1  H N N 264 
HIS HE2  H N N 265 
HIS HXT  H N N 266 
HOH O    O N N 267 
HOH H1   H N N 268 
HOH H2   H N N 269 
ILE N    N N N 270 
ILE CA   C N S 271 
ILE C    C N N 272 
ILE O    O N N 273 
ILE CB   C N S 274 
ILE CG1  C N N 275 
ILE CG2  C N N 276 
ILE CD1  C N N 277 
ILE OXT  O N N 278 
ILE H    H N N 279 
ILE H2   H N N 280 
ILE HA   H N N 281 
ILE HB   H N N 282 
ILE HG12 H N N 283 
ILE HG13 H N N 284 
ILE HG21 H N N 285 
ILE HG22 H N N 286 
ILE HG23 H N N 287 
ILE HD11 H N N 288 
ILE HD12 H N N 289 
ILE HD13 H N N 290 
ILE HXT  H N N 291 
LEU N    N N N 292 
LEU CA   C N S 293 
LEU C    C N N 294 
LEU O    O N N 295 
LEU CB   C N N 296 
LEU CG   C N N 297 
LEU CD1  C N N 298 
LEU CD2  C N N 299 
LEU OXT  O N N 300 
LEU H    H N N 301 
LEU H2   H N N 302 
LEU HA   H N N 303 
LEU HB2  H N N 304 
LEU HB3  H N N 305 
LEU HG   H N N 306 
LEU HD11 H N N 307 
LEU HD12 H N N 308 
LEU HD13 H N N 309 
LEU HD21 H N N 310 
LEU HD22 H N N 311 
LEU HD23 H N N 312 
LEU HXT  H N N 313 
LYS N    N N N 314 
LYS CA   C N S 315 
LYS C    C N N 316 
LYS O    O N N 317 
LYS CB   C N N 318 
LYS CG   C N N 319 
LYS CD   C N N 320 
LYS CE   C N N 321 
LYS NZ   N N N 322 
LYS OXT  O N N 323 
LYS H    H N N 324 
LYS H2   H N N 325 
LYS HA   H N N 326 
LYS HB2  H N N 327 
LYS HB3  H N N 328 
LYS HG2  H N N 329 
LYS HG3  H N N 330 
LYS HD2  H N N 331 
LYS HD3  H N N 332 
LYS HE2  H N N 333 
LYS HE3  H N N 334 
LYS HZ1  H N N 335 
LYS HZ2  H N N 336 
LYS HZ3  H N N 337 
LYS HXT  H N N 338 
MET N    N N N 339 
MET CA   C N S 340 
MET C    C N N 341 
MET O    O N N 342 
MET CB   C N N 343 
MET CG   C N N 344 
MET SD   S N N 345 
MET CE   C N N 346 
MET OXT  O N N 347 
MET H    H N N 348 
MET H2   H N N 349 
MET HA   H N N 350 
MET HB2  H N N 351 
MET HB3  H N N 352 
MET HG2  H N N 353 
MET HG3  H N N 354 
MET HE1  H N N 355 
MET HE2  H N N 356 
MET HE3  H N N 357 
MET HXT  H N N 358 
PHE N    N N N 359 
PHE CA   C N S 360 
PHE C    C N N 361 
PHE O    O N N 362 
PHE CB   C N N 363 
PHE CG   C Y N 364 
PHE CD1  C Y N 365 
PHE CD2  C Y N 366 
PHE CE1  C Y N 367 
PHE CE2  C Y N 368 
PHE CZ   C Y N 369 
PHE OXT  O N N 370 
PHE H    H N N 371 
PHE H2   H N N 372 
PHE HA   H N N 373 
PHE HB2  H N N 374 
PHE HB3  H N N 375 
PHE HD1  H N N 376 
PHE HD2  H N N 377 
PHE HE1  H N N 378 
PHE HE2  H N N 379 
PHE HZ   H N N 380 
PHE HXT  H N N 381 
PRO N    N N N 382 
PRO CA   C N S 383 
PRO C    C N N 384 
PRO O    O N N 385 
PRO CB   C N N 386 
PRO CG   C N N 387 
PRO CD   C N N 388 
PRO OXT  O N N 389 
PRO H    H N N 390 
PRO HA   H N N 391 
PRO HB2  H N N 392 
PRO HB3  H N N 393 
PRO HG2  H N N 394 
PRO HG3  H N N 395 
PRO HD2  H N N 396 
PRO HD3  H N N 397 
PRO HXT  H N N 398 
SER N    N N N 399 
SER CA   C N S 400 
SER C    C N N 401 
SER O    O N N 402 
SER CB   C N N 403 
SER OG   O N N 404 
SER OXT  O N N 405 
SER H    H N N 406 
SER H2   H N N 407 
SER HA   H N N 408 
SER HB2  H N N 409 
SER HB3  H N N 410 
SER HG   H N N 411 
SER HXT  H N N 412 
THR N    N N N 413 
THR CA   C N S 414 
THR C    C N N 415 
THR O    O N N 416 
THR CB   C N R 417 
THR OG1  O N N 418 
THR CG2  C N N 419 
THR OXT  O N N 420 
THR H    H N N 421 
THR H2   H N N 422 
THR HA   H N N 423 
THR HB   H N N 424 
THR HG1  H N N 425 
THR HG21 H N N 426 
THR HG22 H N N 427 
THR HG23 H N N 428 
THR HXT  H N N 429 
TRP N    N N N 430 
TRP CA   C N S 431 
TRP C    C N N 432 
TRP O    O N N 433 
TRP CB   C N N 434 
TRP CG   C Y N 435 
TRP CD1  C Y N 436 
TRP CD2  C Y N 437 
TRP NE1  N Y N 438 
TRP CE2  C Y N 439 
TRP CE3  C Y N 440 
TRP CZ2  C Y N 441 
TRP CZ3  C Y N 442 
TRP CH2  C Y N 443 
TRP OXT  O N N 444 
TRP H    H N N 445 
TRP H2   H N N 446 
TRP HA   H N N 447 
TRP HB2  H N N 448 
TRP HB3  H N N 449 
TRP HD1  H N N 450 
TRP HE1  H N N 451 
TRP HE3  H N N 452 
TRP HZ2  H N N 453 
TRP HZ3  H N N 454 
TRP HH2  H N N 455 
TRP HXT  H N N 456 
TYR N    N N N 457 
TYR CA   C N S 458 
TYR C    C N N 459 
TYR O    O N N 460 
TYR CB   C N N 461 
TYR CG   C Y N 462 
TYR CD1  C Y N 463 
TYR CD2  C Y N 464 
TYR CE1  C Y N 465 
TYR CE2  C Y N 466 
TYR CZ   C Y N 467 
TYR OH   O N N 468 
TYR OXT  O N N 469 
TYR H    H N N 470 
TYR H2   H N N 471 
TYR HA   H N N 472 
TYR HB2  H N N 473 
TYR HB3  H N N 474 
TYR HD1  H N N 475 
TYR HD2  H N N 476 
TYR HE1  H N N 477 
TYR HE2  H N N 478 
TYR HH   H N N 479 
TYR HXT  H N N 480 
VAL N    N N N 481 
VAL CA   C N S 482 
VAL C    C N N 483 
VAL O    O N N 484 
VAL CB   C N N 485 
VAL CG1  C N N 486 
VAL CG2  C N N 487 
VAL OXT  O N N 488 
VAL H    H N N 489 
VAL H2   H N N 490 
VAL HA   H N N 491 
VAL HB   H N N 492 
VAL HG11 H N N 493 
VAL HG12 H N N 494 
VAL HG13 H N N 495 
VAL HG21 H N N 496 
VAL HG22 H N N 497 
VAL HG23 H N N 498 
VAL HXT  H N N 499 
# 
loop_
_chem_comp_bond.comp_id 
_chem_comp_bond.atom_id_1 
_chem_comp_bond.atom_id_2 
_chem_comp_bond.value_order 
_chem_comp_bond.pdbx_aromatic_flag 
_chem_comp_bond.pdbx_stereo_config 
_chem_comp_bond.pdbx_ordinal 
ALA N   CA   sing N N 1   
ALA N   H    sing N N 2   
ALA N   H2   sing N N 3   
ALA CA  C    sing N N 4   
ALA CA  CB   sing N N 5   
ALA CA  HA   sing N N 6   
ALA C   O    doub N N 7   
ALA C   OXT  sing N N 8   
ALA CB  HB1  sing N N 9   
ALA CB  HB2  sing N N 10  
ALA CB  HB3  sing N N 11  
ALA OXT HXT  sing N N 12  
ARG N   CA   sing N N 13  
ARG N   H    sing N N 14  
ARG N   H2   sing N N 15  
ARG CA  C    sing N N 16  
ARG CA  CB   sing N N 17  
ARG CA  HA   sing N N 18  
ARG C   O    doub N N 19  
ARG C   OXT  sing N N 20  
ARG CB  CG   sing N N 21  
ARG CB  HB2  sing N N 22  
ARG CB  HB3  sing N N 23  
ARG CG  CD   sing N N 24  
ARG CG  HG2  sing N N 25  
ARG CG  HG3  sing N N 26  
ARG CD  NE   sing N N 27  
ARG CD  HD2  sing N N 28  
ARG CD  HD3  sing N N 29  
ARG NE  CZ   sing N N 30  
ARG NE  HE   sing N N 31  
ARG CZ  NH1  sing N N 32  
ARG CZ  NH2  doub N N 33  
ARG NH1 HH11 sing N N 34  
ARG NH1 HH12 sing N N 35  
ARG NH2 HH21 sing N N 36  
ARG NH2 HH22 sing N N 37  
ARG OXT HXT  sing N N 38  
ASN N   CA   sing N N 39  
ASN N   H    sing N N 40  
ASN N   H2   sing N N 41  
ASN CA  C    sing N N 42  
ASN CA  CB   sing N N 43  
ASN CA  HA   sing N N 44  
ASN C   O    doub N N 45  
ASN C   OXT  sing N N 46  
ASN CB  CG   sing N N 47  
ASN CB  HB2  sing N N 48  
ASN CB  HB3  sing N N 49  
ASN CG  OD1  doub N N 50  
ASN CG  ND2  sing N N 51  
ASN ND2 HD21 sing N N 52  
ASN ND2 HD22 sing N N 53  
ASN OXT HXT  sing N N 54  
ASP N   CA   sing N N 55  
ASP N   H    sing N N 56  
ASP N   H2   sing N N 57  
ASP CA  C    sing N N 58  
ASP CA  CB   sing N N 59  
ASP CA  HA   sing N N 60  
ASP C   O    doub N N 61  
ASP C   OXT  sing N N 62  
ASP CB  CG   sing N N 63  
ASP CB  HB2  sing N N 64  
ASP CB  HB3  sing N N 65  
ASP CG  OD1  doub N N 66  
ASP CG  OD2  sing N N 67  
ASP OD2 HD2  sing N N 68  
ASP OXT HXT  sing N N 69  
CYS N   CA   sing N N 70  
CYS N   H    sing N N 71  
CYS N   H2   sing N N 72  
CYS CA  C    sing N N 73  
CYS CA  CB   sing N N 74  
CYS CA  HA   sing N N 75  
CYS C   O    doub N N 76  
CYS C   OXT  sing N N 77  
CYS CB  SG   sing N N 78  
CYS CB  HB2  sing N N 79  
CYS CB  HB3  sing N N 80  
CYS SG  HG   sing N N 81  
CYS OXT HXT  sing N N 82  
G84 C1  C2   doub Y N 83  
G84 C1  C8   sing N N 84  
G84 C1  C10  sing Y N 85  
G84 C2  C4   sing N N 86  
G84 C2  C18  sing Y N 87  
G84 C3  C5   sing N N 88  
G84 C3  O86  sing N N 89  
G84 C4  C6   sing N N 90  
G84 C4  C13  sing N N 91  
G84 C6  C8   doub Y N 92  
G84 C6  C22  sing Y N 93  
G84 C7  C9   doub Y N 94  
G84 C7  C53  sing Y N 95  
G84 C8  C19  sing Y N 96  
G84 C9  C11  sing Y N 97  
G84 C10 C15  doub Y N 98  
G84 C11 C55  doub Y N 99  
G84 C12 C29  sing N N 100 
G84 C13 O15  sing N N 101 
G84 C14 C25  sing N N 102 
G84 C15 C16  sing Y N 103 
G84 O15 C17  sing N N 104 
G84 C16 C18  doub Y N 105 
G84 C17 O19  doub N N 106 
G84 C17 N21  sing N N 107 
G84 C19 C20  doub Y N 108 
G84 C20 C21  sing Y N 109 
G84 C21 C22  doub Y N 110 
G84 N21 C23  sing N N 111 
G84 C23 C25  sing N N 112 
G84 C23 C31  sing N N 113 
G84 C25 O27  sing N N 114 
G84 O27 C29  sing N N 115 
G84 C29 C43  sing N N 116 
G84 C29 C45  sing N N 117 
G84 C31 N33  sing N N 118 
G84 C31 O35  doub N N 119 
G84 N33 C37  sing N N 120 
G84 C37 C39  sing N N 121 
G84 C37 C41  sing N N 122 
G84 C39 O47  doub N N 123 
G84 C39 N49  sing N N 124 
G84 C41 C51  sing N N 125 
G84 N49 C57  sing N N 126 
G84 C51 C53  doub Y N 127 
G84 C51 C55  sing Y N 128 
G84 C57 C59  sing N N 129 
G84 C57 C63  sing N N 130 
G84 C59 C61  sing N N 131 
G84 C61 C65  sing N N 132 
G84 C61 C73  sing N N 133 
G84 C63 C82  sing N N 134 
G84 C65 O66  doub N N 135 
G84 C65 N69  sing N N 136 
G84 N69 C71  sing N N 137 
G84 C71 C73  sing N N 138 
G84 C82 C84  sing N N 139 
G84 C84 O86  sing N N 140 
G84 C84 O88  doub N N 141 
G84 C3  H3   sing N N 142 
G84 C3  H3A  sing N N 143 
G84 C4  H4   sing N N 144 
G84 C5  H5   sing N N 145 
G84 C5  H5A  sing N N 146 
G84 C5  H5B  sing N N 147 
G84 C7  H7   sing N N 148 
G84 C9  H9   sing N N 149 
G84 C10 H10  sing N N 150 
G84 C11 H11  sing N N 151 
G84 C12 H12  sing N N 152 
G84 C12 H12A sing N N 153 
G84 C12 H12B sing N N 154 
G84 C13 H13  sing N N 155 
G84 C13 H13A sing N N 156 
G84 C14 H14  sing N N 157 
G84 C14 H14A sing N N 158 
G84 C14 H14B sing N N 159 
G84 C15 H15  sing N N 160 
G84 C16 H16  sing N N 161 
G84 C18 H18  sing N N 162 
G84 C19 H19  sing N N 163 
G84 C20 H20  sing N N 164 
G84 C21 H21  sing N N 165 
G84 N21 HN21 sing N N 166 
G84 C22 H22  sing N N 167 
G84 C23 H23  sing N N 168 
G84 C25 H25  sing N N 169 
G84 N33 HN33 sing N N 170 
G84 C37 H37  sing N N 171 
G84 C41 H41  sing N N 172 
G84 C41 H41A sing N N 173 
G84 C43 H43  sing N N 174 
G84 C43 H43A sing N N 175 
G84 C43 H43B sing N N 176 
G84 C45 H45  sing N N 177 
G84 C45 H45A sing N N 178 
G84 C45 H45B sing N N 179 
G84 N49 HN49 sing N N 180 
G84 C53 H53  sing N N 181 
G84 C55 H55  sing N N 182 
G84 C57 H57  sing N N 183 
G84 C59 H59  sing N N 184 
G84 C59 H59A sing N N 185 
G84 C61 H61  sing N N 186 
G84 C63 H63  sing N N 187 
G84 C63 H63A sing N N 188 
G84 N69 HN69 sing N N 189 
G84 C71 H71  sing N N 190 
G84 C71 H71A sing N N 191 
G84 C73 H73  sing N N 192 
G84 C73 H73A sing N N 193 
G84 C82 H82  sing N N 194 
G84 C82 H82A sing N N 195 
GLN N   CA   sing N N 196 
GLN N   H    sing N N 197 
GLN N   H2   sing N N 198 
GLN CA  C    sing N N 199 
GLN CA  CB   sing N N 200 
GLN CA  HA   sing N N 201 
GLN C   O    doub N N 202 
GLN C   OXT  sing N N 203 
GLN CB  CG   sing N N 204 
GLN CB  HB2  sing N N 205 
GLN CB  HB3  sing N N 206 
GLN CG  CD   sing N N 207 
GLN CG  HG2  sing N N 208 
GLN CG  HG3  sing N N 209 
GLN CD  OE1  doub N N 210 
GLN CD  NE2  sing N N 211 
GLN NE2 HE21 sing N N 212 
GLN NE2 HE22 sing N N 213 
GLN OXT HXT  sing N N 214 
GLU N   CA   sing N N 215 
GLU N   H    sing N N 216 
GLU N   H2   sing N N 217 
GLU CA  C    sing N N 218 
GLU CA  CB   sing N N 219 
GLU CA  HA   sing N N 220 
GLU C   O    doub N N 221 
GLU C   OXT  sing N N 222 
GLU CB  CG   sing N N 223 
GLU CB  HB2  sing N N 224 
GLU CB  HB3  sing N N 225 
GLU CG  CD   sing N N 226 
GLU CG  HG2  sing N N 227 
GLU CG  HG3  sing N N 228 
GLU CD  OE1  doub N N 229 
GLU CD  OE2  sing N N 230 
GLU OE2 HE2  sing N N 231 
GLU OXT HXT  sing N N 232 
GLY N   CA   sing N N 233 
GLY N   H    sing N N 234 
GLY N   H2   sing N N 235 
GLY CA  C    sing N N 236 
GLY CA  HA2  sing N N 237 
GLY CA  HA3  sing N N 238 
GLY C   O    doub N N 239 
GLY C   OXT  sing N N 240 
GLY OXT HXT  sing N N 241 
HIS N   CA   sing N N 242 
HIS N   H    sing N N 243 
HIS N   H2   sing N N 244 
HIS CA  C    sing N N 245 
HIS CA  CB   sing N N 246 
HIS CA  HA   sing N N 247 
HIS C   O    doub N N 248 
HIS C   OXT  sing N N 249 
HIS CB  CG   sing N N 250 
HIS CB  HB2  sing N N 251 
HIS CB  HB3  sing N N 252 
HIS CG  ND1  sing Y N 253 
HIS CG  CD2  doub Y N 254 
HIS ND1 CE1  doub Y N 255 
HIS ND1 HD1  sing N N 256 
HIS CD2 NE2  sing Y N 257 
HIS CD2 HD2  sing N N 258 
HIS CE1 NE2  sing Y N 259 
HIS CE1 HE1  sing N N 260 
HIS NE2 HE2  sing N N 261 
HIS OXT HXT  sing N N 262 
HOH O   H1   sing N N 263 
HOH O   H2   sing N N 264 
ILE N   CA   sing N N 265 
ILE N   H    sing N N 266 
ILE N   H2   sing N N 267 
ILE CA  C    sing N N 268 
ILE CA  CB   sing N N 269 
ILE CA  HA   sing N N 270 
ILE C   O    doub N N 271 
ILE C   OXT  sing N N 272 
ILE CB  CG1  sing N N 273 
ILE CB  CG2  sing N N 274 
ILE CB  HB   sing N N 275 
ILE CG1 CD1  sing N N 276 
ILE CG1 HG12 sing N N 277 
ILE CG1 HG13 sing N N 278 
ILE CG2 HG21 sing N N 279 
ILE CG2 HG22 sing N N 280 
ILE CG2 HG23 sing N N 281 
ILE CD1 HD11 sing N N 282 
ILE CD1 HD12 sing N N 283 
ILE CD1 HD13 sing N N 284 
ILE OXT HXT  sing N N 285 
LEU N   CA   sing N N 286 
LEU N   H    sing N N 287 
LEU N   H2   sing N N 288 
LEU CA  C    sing N N 289 
LEU CA  CB   sing N N 290 
LEU CA  HA   sing N N 291 
LEU C   O    doub N N 292 
LEU C   OXT  sing N N 293 
LEU CB  CG   sing N N 294 
LEU CB  HB2  sing N N 295 
LEU CB  HB3  sing N N 296 
LEU CG  CD1  sing N N 297 
LEU CG  CD2  sing N N 298 
LEU CG  HG   sing N N 299 
LEU CD1 HD11 sing N N 300 
LEU CD1 HD12 sing N N 301 
LEU CD1 HD13 sing N N 302 
LEU CD2 HD21 sing N N 303 
LEU CD2 HD22 sing N N 304 
LEU CD2 HD23 sing N N 305 
LEU OXT HXT  sing N N 306 
LYS N   CA   sing N N 307 
LYS N   H    sing N N 308 
LYS N   H2   sing N N 309 
LYS CA  C    sing N N 310 
LYS CA  CB   sing N N 311 
LYS CA  HA   sing N N 312 
LYS C   O    doub N N 313 
LYS C   OXT  sing N N 314 
LYS CB  CG   sing N N 315 
LYS CB  HB2  sing N N 316 
LYS CB  HB3  sing N N 317 
LYS CG  CD   sing N N 318 
LYS CG  HG2  sing N N 319 
LYS CG  HG3  sing N N 320 
LYS CD  CE   sing N N 321 
LYS CD  HD2  sing N N 322 
LYS CD  HD3  sing N N 323 
LYS CE  NZ   sing N N 324 
LYS CE  HE2  sing N N 325 
LYS CE  HE3  sing N N 326 
LYS NZ  HZ1  sing N N 327 
LYS NZ  HZ2  sing N N 328 
LYS NZ  HZ3  sing N N 329 
LYS OXT HXT  sing N N 330 
MET N   CA   sing N N 331 
MET N   H    sing N N 332 
MET N   H2   sing N N 333 
MET CA  C    sing N N 334 
MET CA  CB   sing N N 335 
MET CA  HA   sing N N 336 
MET C   O    doub N N 337 
MET C   OXT  sing N N 338 
MET CB  CG   sing N N 339 
MET CB  HB2  sing N N 340 
MET CB  HB3  sing N N 341 
MET CG  SD   sing N N 342 
MET CG  HG2  sing N N 343 
MET CG  HG3  sing N N 344 
MET SD  CE   sing N N 345 
MET CE  HE1  sing N N 346 
MET CE  HE2  sing N N 347 
MET CE  HE3  sing N N 348 
MET OXT HXT  sing N N 349 
PHE N   CA   sing N N 350 
PHE N   H    sing N N 351 
PHE N   H2   sing N N 352 
PHE CA  C    sing N N 353 
PHE CA  CB   sing N N 354 
PHE CA  HA   sing N N 355 
PHE C   O    doub N N 356 
PHE C   OXT  sing N N 357 
PHE CB  CG   sing N N 358 
PHE CB  HB2  sing N N 359 
PHE CB  HB3  sing N N 360 
PHE CG  CD1  doub Y N 361 
PHE CG  CD2  sing Y N 362 
PHE CD1 CE1  sing Y N 363 
PHE CD1 HD1  sing N N 364 
PHE CD2 CE2  doub Y N 365 
PHE CD2 HD2  sing N N 366 
PHE CE1 CZ   doub Y N 367 
PHE CE1 HE1  sing N N 368 
PHE CE2 CZ   sing Y N 369 
PHE CE2 HE2  sing N N 370 
PHE CZ  HZ   sing N N 371 
PHE OXT HXT  sing N N 372 
PRO N   CA   sing N N 373 
PRO N   CD   sing N N 374 
PRO N   H    sing N N 375 
PRO CA  C    sing N N 376 
PRO CA  CB   sing N N 377 
PRO CA  HA   sing N N 378 
PRO C   O    doub N N 379 
PRO C   OXT  sing N N 380 
PRO CB  CG   sing N N 381 
PRO CB  HB2  sing N N 382 
PRO CB  HB3  sing N N 383 
PRO CG  CD   sing N N 384 
PRO CG  HG2  sing N N 385 
PRO CG  HG3  sing N N 386 
PRO CD  HD2  sing N N 387 
PRO CD  HD3  sing N N 388 
PRO OXT HXT  sing N N 389 
SER N   CA   sing N N 390 
SER N   H    sing N N 391 
SER N   H2   sing N N 392 
SER CA  C    sing N N 393 
SER CA  CB   sing N N 394 
SER CA  HA   sing N N 395 
SER C   O    doub N N 396 
SER C   OXT  sing N N 397 
SER CB  OG   sing N N 398 
SER CB  HB2  sing N N 399 
SER CB  HB3  sing N N 400 
SER OG  HG   sing N N 401 
SER OXT HXT  sing N N 402 
THR N   CA   sing N N 403 
THR N   H    sing N N 404 
THR N   H2   sing N N 405 
THR CA  C    sing N N 406 
THR CA  CB   sing N N 407 
THR CA  HA   sing N N 408 
THR C   O    doub N N 409 
THR C   OXT  sing N N 410 
THR CB  OG1  sing N N 411 
THR CB  CG2  sing N N 412 
THR CB  HB   sing N N 413 
THR OG1 HG1  sing N N 414 
THR CG2 HG21 sing N N 415 
THR CG2 HG22 sing N N 416 
THR CG2 HG23 sing N N 417 
THR OXT HXT  sing N N 418 
TRP N   CA   sing N N 419 
TRP N   H    sing N N 420 
TRP N   H2   sing N N 421 
TRP CA  C    sing N N 422 
TRP CA  CB   sing N N 423 
TRP CA  HA   sing N N 424 
TRP C   O    doub N N 425 
TRP C   OXT  sing N N 426 
TRP CB  CG   sing N N 427 
TRP CB  HB2  sing N N 428 
TRP CB  HB3  sing N N 429 
TRP CG  CD1  doub Y N 430 
TRP CG  CD2  sing Y N 431 
TRP CD1 NE1  sing Y N 432 
TRP CD1 HD1  sing N N 433 
TRP CD2 CE2  doub Y N 434 
TRP CD2 CE3  sing Y N 435 
TRP NE1 CE2  sing Y N 436 
TRP NE1 HE1  sing N N 437 
TRP CE2 CZ2  sing Y N 438 
TRP CE3 CZ3  doub Y N 439 
TRP CE3 HE3  sing N N 440 
TRP CZ2 CH2  doub Y N 441 
TRP CZ2 HZ2  sing N N 442 
TRP CZ3 CH2  sing Y N 443 
TRP CZ3 HZ3  sing N N 444 
TRP CH2 HH2  sing N N 445 
TRP OXT HXT  sing N N 446 
TYR N   CA   sing N N 447 
TYR N   H    sing N N 448 
TYR N   H2   sing N N 449 
TYR CA  C    sing N N 450 
TYR CA  CB   sing N N 451 
TYR CA  HA   sing N N 452 
TYR C   O    doub N N 453 
TYR C   OXT  sing N N 454 
TYR CB  CG   sing N N 455 
TYR CB  HB2  sing N N 456 
TYR CB  HB3  sing N N 457 
TYR CG  CD1  doub Y N 458 
TYR CG  CD2  sing Y N 459 
TYR CD1 CE1  sing Y N 460 
TYR CD1 HD1  sing N N 461 
TYR CD2 CE2  doub Y N 462 
TYR CD2 HD2  sing N N 463 
TYR CE1 CZ   doub Y N 464 
TYR CE1 HE1  sing N N 465 
TYR CE2 CZ   sing Y N 466 
TYR CE2 HE2  sing N N 467 
TYR CZ  OH   sing N N 468 
TYR OH  HH   sing N N 469 
TYR OXT HXT  sing N N 470 
VAL N   CA   sing N N 471 
VAL N   H    sing N N 472 
VAL N   H2   sing N N 473 
VAL CA  C    sing N N 474 
VAL CA  CB   sing N N 475 
VAL CA  HA   sing N N 476 
VAL C   O    doub N N 477 
VAL C   OXT  sing N N 478 
VAL CB  CG1  sing N N 479 
VAL CB  CG2  sing N N 480 
VAL CB  HB   sing N N 481 
VAL CG1 HG11 sing N N 482 
VAL CG1 HG12 sing N N 483 
VAL CG1 HG13 sing N N 484 
VAL CG2 HG21 sing N N 485 
VAL CG2 HG22 sing N N 486 
VAL CG2 HG23 sing N N 487 
VAL OXT HXT  sing N N 488 
# 
_pdbx_initial_refinement_model.accession_code   ? 
_pdbx_initial_refinement_model.id               1 
_pdbx_initial_refinement_model.entity_id_list   ? 
_pdbx_initial_refinement_model.type             'experimental model' 
_pdbx_initial_refinement_model.source_name      Other 
_pdbx_initial_refinement_model.details          'CRYSTAL STRUCTURE OF COXSACKIEVIURS B3 3C PROTEASE' 
# 
_atom_sites.entry_id                    3ZZA 
_atom_sites.fract_transf_matrix[1][1]   -0.01000671 
_atom_sites.fract_transf_matrix[1][2]   0.00425132 
_atom_sites.fract_transf_matrix[1][3]   0.00923795 
_atom_sites.fract_transf_matrix[2][1]   -0.01032136 
_atom_sites.fract_transf_matrix[2][2]   -0.00961941 
_atom_sites.fract_transf_matrix[2][3]   -0.00675341 
_atom_sites.fract_transf_matrix[3][1]   -0.00206942 
_atom_sites.fract_transf_matrix[3][2]   -0.01474439 
_atom_sites.fract_transf_matrix[3][3]   0.02416434 
_atom_sites.fract_transf_vector[1]      0.288395 
_atom_sites.fract_transf_vector[2]      0.003919 
_atom_sites.fract_transf_vector[3]      0.475196 
# 
loop_
_atom_type.symbol 
C 
N 
O 
S 
# 
loop_
_atom_site.group_PDB 
_atom_site.id 
_atom_site.type_symbol 
_atom_site.label_atom_id 
_atom_site.label_alt_id 
_atom_site.label_comp_id 
_atom_site.label_asym_id 
_atom_site.label_entity_id 
_atom_site.label_seq_id 
_atom_site.pdbx_PDB_ins_code 
_atom_site.Cartn_x 
_atom_site.Cartn_y 
_atom_site.Cartn_z 
_atom_site.occupancy 
_atom_site.B_iso_or_equiv 
_atom_site.pdbx_formal_charge 
_atom_site.auth_seq_id 
_atom_site.auth_comp_id 
_atom_site.auth_asym_id 
_atom_site.auth_atom_id 
_atom_site.pdbx_PDB_model_num 
ATOM   1    N N   . MET A 1 1   ? -1.719  14.197  16.381  1.00 38.58 ? 0    MET A N   1 
ATOM   2    C CA  . MET A 1 1   ? -1.985  13.512  15.087  1.00 37.73 ? 0    MET A CA  1 
ATOM   3    C C   . MET A 1 1   ? -2.070  14.471  13.918  1.00 36.07 ? 0    MET A C   1 
ATOM   4    O O   . MET A 1 1   ? -2.045  14.040  12.755  1.00 35.38 ? 0    MET A O   1 
ATOM   5    C CB  . MET A 1 1   ? -3.270  12.723  15.178  1.00 38.59 ? 0    MET A CB  1 
ATOM   6    C CG  . MET A 1 1   ? -3.146  11.445  15.946  1.00 41.85 ? 0    MET A CG  1 
ATOM   7    S SD  . MET A 1 1   ? -4.438  10.407  15.276  1.00 49.06 ? 0    MET A SD  1 
ATOM   8    C CE  . MET A 1 1   ? -5.768  10.816  16.424  1.00 48.17 ? 0    MET A CE  1 
ATOM   9    N N   . GLY A 1 2   ? -2.164  15.770  14.217  1.00 35.30 ? 1    GLY A N   1 
ATOM   10   C CA  . GLY A 1 2   ? -2.161  16.807  13.180  1.00 33.20 ? 1    GLY A CA  1 
ATOM   11   C C   . GLY A 1 2   ? -1.071  16.645  12.143  1.00 32.40 ? 1    GLY A C   1 
ATOM   12   O O   . GLY A 1 2   ? -1.356  16.607  10.921  1.00 32.60 ? 1    GLY A O   1 
ATOM   13   N N   . PRO A 1 3   ? 0.200   16.574  12.591  1.00 30.84 ? 2    PRO A N   1 
ATOM   14   C CA  . PRO A 1 3   ? 1.243   16.344  11.600  1.00 30.85 ? 2    PRO A CA  1 
ATOM   15   C C   . PRO A 1 3   ? 1.109   15.054  10.773  1.00 28.85 ? 2    PRO A C   1 
ATOM   16   O O   . PRO A 1 3   ? 1.510   15.068  9.623   1.00 29.02 ? 2    PRO A O   1 
ATOM   17   C CB  . PRO A 1 3   ? 2.529   16.302  12.454  1.00 31.52 ? 2    PRO A CB  1 
ATOM   18   C CG  . PRO A 1 3   ? 2.189   17.160  13.624  1.00 31.31 ? 2    PRO A CG  1 
ATOM   19   C CD  . PRO A 1 3   ? 0.769   16.895  13.920  1.00 31.64 ? 2    PRO A CD  1 
ATOM   20   N N   . ALA A 1 4   ? 0.605   13.969  11.365  1.00 27.34 ? 3    ALA A N   1 
ATOM   21   C CA  . ALA A 1 4   ? 0.394   12.707  10.644  1.00 26.47 ? 3    ALA A CA  1 
ATOM   22   C C   . ALA A 1 4   ? -0.644  12.929  9.517   1.00 26.17 ? 3    ALA A C   1 
ATOM   23   O O   . ALA A 1 4   ? -0.396  12.529  8.355   1.00 22.38 ? 3    ALA A O   1 
ATOM   24   C CB  . ALA A 1 4   ? -0.073  11.638  11.591  1.00 27.02 ? 3    ALA A CB  1 
ATOM   25   N N   . PHE A 1 5   ? -1.775  13.578  9.827   1.00 25.63 ? 4    PHE A N   1 
ATOM   26   C CA  . PHE A 1 5   ? -2.759  13.938  8.732   1.00 27.49 ? 4    PHE A CA  1 
ATOM   27   C C   . PHE A 1 5   ? -2.085  14.793  7.692   1.00 26.19 ? 4    PHE A C   1 
ATOM   28   O O   . PHE A 1 5   ? -2.201  14.537  6.492   1.00 24.00 ? 4    PHE A O   1 
ATOM   29   C CB  . PHE A 1 5   ? -3.942  14.716  9.284   1.00 28.51 ? 4    PHE A CB  1 
ATOM   30   C CG  . PHE A 1 5   ? -5.052  15.135  8.255   1.00 34.38 ? 4    PHE A CG  1 
ATOM   31   C CD1 . PHE A 1 5   ? -5.931  14.186  7.673   1.00 37.69 ? 4    PHE A CD1 1 
ATOM   32   C CD2 . PHE A 1 5   ? -5.346  16.517  8.020   1.00 37.87 ? 4    PHE A CD2 1 
ATOM   33   C CE1 . PHE A 1 5   ? -7.040  14.607  6.810   1.00 38.48 ? 4    PHE A CE1 1 
ATOM   34   C CE2 . PHE A 1 5   ? -6.438  16.930  7.162   1.00 35.30 ? 4    PHE A CE2 1 
ATOM   35   C CZ  . PHE A 1 5   ? -7.277  15.974  6.554   1.00 34.99 ? 4    PHE A CZ  1 
ATOM   36   N N   . GLU A 1 6   ? -1.370  15.834  8.150   1.00 26.13 ? 5    GLU A N   1 
ATOM   37   C CA  . GLU A 1 6   ? -0.781  16.773  7.199   1.00 24.49 ? 5    GLU A CA  1 
ATOM   38   C C   . GLU A 1 6   ? 0.163   16.085  6.215   1.00 23.78 ? 5    GLU A C   1 
ATOM   39   O O   . GLU A 1 6   ? 0.064   16.345  5.010   1.00 21.98 ? 5    GLU A O   1 
ATOM   40   C CB  . GLU A 1 6   ? -0.182  18.003  7.917   1.00 26.09 ? 5    GLU A CB  1 
ATOM   41   C CG  . GLU A 1 6   ? -0.166  19.253  7.019   1.00 29.87 ? 5    GLU A CG  1 
ATOM   42   C CD  . GLU A 1 6   ? 0.327   20.483  7.777   1.00 34.07 ? 5    GLU A CD  1 
ATOM   43   O OE1 . GLU A 1 6   ? -0.191  20.778  8.872   1.00 36.66 ? 5    GLU A OE1 1 
ATOM   44   O OE2 . GLU A 1 6   ? 1.287   21.113  7.297   1.00 36.45 ? 5    GLU A OE2 1 
ATOM   45   N N   . PHE A 1 7   ? 1.029   15.188  6.712   1.00 21.78 ? 6    PHE A N   1 
ATOM   46   C CA  . PHE A 1 7   ? 1.963   14.450  5.879   1.00 21.63 ? 6    PHE A CA  1 
ATOM   47   C C   . PHE A 1 7   ? 1.154   13.567  4.910   1.00 20.08 ? 6    PHE A C   1 
ATOM   48   O O   . PHE A 1 7   ? 1.443   13.498  3.709   1.00 19.64 ? 6    PHE A O   1 
ATOM   49   C CB  . PHE A 1 7   ? 2.867   13.583  6.781   1.00 21.58 ? 6    PHE A CB  1 
ATOM   50   C CG  . PHE A 1 7   ? 3.743   12.645  6.064   1.00 25.55 ? 6    PHE A CG  1 
ATOM   51   C CD1 . PHE A 1 7   ? 4.924   13.090  5.423   1.00 28.85 ? 6    PHE A CD1 1 
ATOM   52   C CD2 . PHE A 1 7   ? 3.434   11.289  6.027   1.00 25.44 ? 6    PHE A CD2 1 
ATOM   53   C CE1 . PHE A 1 7   ? 5.738   12.177  4.745   1.00 26.97 ? 6    PHE A CE1 1 
ATOM   54   C CE2 . PHE A 1 7   ? 4.242   10.387  5.400   1.00 24.12 ? 6    PHE A CE2 1 
ATOM   55   C CZ  . PHE A 1 7   ? 5.410   10.795  4.750   1.00 26.94 ? 6    PHE A CZ  1 
ATOM   56   N N   . ALA A 1 8   ? 0.126   12.927  5.450   1.00 20.54 ? 7    ALA A N   1 
ATOM   57   C CA  . ALA A 1 8   ? -0.619  11.941  4.652   1.00 20.75 ? 7    ALA A CA  1 
ATOM   58   C C   . ALA A 1 8   ? -1.301  12.577  3.480   1.00 21.97 ? 7    ALA A C   1 
ATOM   59   O O   . ALA A 1 8   ? -1.306  12.028  2.384   1.00 22.09 ? 7    ALA A O   1 
ATOM   60   C CB  . ALA A 1 8   ? -1.643  11.226  5.551   1.00 20.28 ? 7    ALA A CB  1 
ATOM   61   N N   . VAL A 1 9   ? -1.914  13.733  3.724   1.00 23.73 ? 8    VAL A N   1 
ATOM   62   C CA  . VAL A 1 9   ? -2.656  14.452  2.689   1.00 25.16 ? 8    VAL A CA  1 
ATOM   63   C C   . VAL A 1 9   ? -1.728  14.823  1.563   1.00 24.95 ? 8    VAL A C   1 
ATOM   64   O O   . VAL A 1 9   ? -2.065  14.584  0.396   1.00 26.59 ? 8    VAL A O   1 
ATOM   65   C CB  . VAL A 1 9   ? -3.407  15.732  3.247   1.00 24.99 ? 8    VAL A CB  1 
ATOM   66   C CG1 . VAL A 1 9   ? -3.996  16.565  2.109   1.00 26.28 ? 8    VAL A CG1 1 
ATOM   67   C CG2 . VAL A 1 9   ? -4.514  15.326  4.150   1.00 25.65 ? 8    VAL A CG2 1 
ATOM   68   N N   . ALA A 1 10  ? -0.539  15.351  1.901   1.00 25.37 ? 9    ALA A N   1 
ATOM   69   C CA  . ALA A 1 10  ? 0.450   15.776  0.904   1.00 25.00 ? 9    ALA A CA  1 
ATOM   70   C C   . ALA A 1 10  ? 1.012   14.599  0.105   1.00 24.83 ? 9    ALA A C   1 
ATOM   71   O O   . ALA A 1 10  ? 1.253   14.703  -1.104  1.00 22.90 ? 9    ALA A O   1 
ATOM   72   C CB  . ALA A 1 10  ? 1.611   16.578  1.554   1.00 25.87 ? 9    ALA A CB  1 
ATOM   73   N N   . MET A 1 11  ? 1.257   13.477  0.797   1.00 23.15 ? 10   MET A N   1 
ATOM   74   C CA  . MET A 1 11  ? 1.720   12.243  0.160   1.00 22.42 ? 10   MET A CA  1 
ATOM   75   C C   . MET A 1 11  ? 0.687   11.687  -0.831  1.00 21.68 ? 10   MET A C   1 
ATOM   76   O O   . MET A 1 11  ? 1.055   11.303  -1.961  1.00 22.19 ? 10   MET A O   1 
ATOM   77   C CB  . MET A 1 11  ? 1.950   11.208  1.251   1.00 22.14 ? 10   MET A CB  1 
ATOM   78   C CG  . MET A 1 11  ? 2.503   9.834   0.821   1.00 24.43 ? 10   MET A CG  1 
ATOM   79   S SD  . MET A 1 11  ? 4.002   9.937   -0.155  1.00 27.98 ? 10   MET A SD  1 
ATOM   80   C CE  . MET A 1 11  ? 5.109   10.610  1.078   1.00 21.77 ? 10   MET A CE  1 
ATOM   81   N N   . MET A 1 12  ? -0.587  11.649  -0.447  1.00 21.37 ? 11   MET A N   1 
ATOM   82   C CA  . MET A 1 12  ? -1.599  11.102  -1.379  1.00 22.14 ? 11   MET A CA  1 
ATOM   83   C C   . MET A 1 12  ? -1.738  12.003  -2.598  1.00 23.81 ? 11   MET A C   1 
ATOM   84   O O   . MET A 1 12  ? -1.899  11.530  -3.729  1.00 23.74 ? 11   MET A O   1 
ATOM   85   C CB  . MET A 1 12  ? -2.952  10.916  -0.718  1.00 21.95 ? 11   MET A CB  1 
ATOM   86   C CG  . MET A 1 12  ? -2.905  9.961   0.507   1.00 18.52 ? 11   MET A CG  1 
ATOM   87   S SD  . MET A 1 12  ? -2.322  8.314   0.052   1.00 20.60 ? 11   MET A SD  1 
ATOM   88   C CE  . MET A 1 12  ? -3.722  7.737   -0.898  1.00 22.56 ? 11   MET A CE  1 
ATOM   89   N N   . LYS A 1 13  ? -1.665  13.312  -2.359  1.00 25.13 ? 12   LYS A N   1 
ATOM   90   C CA  . LYS A 1 13  ? -1.804  14.274  -3.437  1.00 27.37 ? 12   LYS A CA  1 
ATOM   91   C C   . LYS A 1 13  ? -0.696  14.107  -4.455  1.00 28.21 ? 12   LYS A C   1 
ATOM   92   O O   . LYS A 1 13  ? -0.903  14.237  -5.674  1.00 29.39 ? 12   LYS A O   1 
ATOM   93   C CB  . LYS A 1 13  ? -1.826  15.701  -2.873  1.00 27.72 ? 12   LYS A CB  1 
ATOM   94   C CG  . LYS A 1 13  ? -2.085  16.768  -3.897  1.00 33.54 ? 12   LYS A CG  1 
ATOM   95   C CD  . LYS A 1 13  ? -2.123  18.139  -3.173  1.00 40.67 ? 12   LYS A CD  1 
ATOM   96   C CE  . LYS A 1 13  ? -3.006  19.154  -3.891  1.00 43.27 ? 12   LYS A CE  1 
ATOM   97   N NZ  . LYS A 1 13  ? -2.538  19.307  -5.307  1.00 45.84 ? 12   LYS A NZ  1 
ATOM   98   N N   . ARG A 1 14  ? 0.503   13.835  -3.975  1.00 28.39 ? 13   ARG A N   1 
ATOM   99   C CA  . ARG A 1 14  ? 1.656   13.841  -4.880  1.00 28.11 ? 13   ARG A CA  1 
ATOM   100  C C   . ARG A 1 14  ? 1.944   12.452  -5.498  1.00 26.46 ? 13   ARG A C   1 
ATOM   101  O O   . ARG A 1 14  ? 2.361   12.350  -6.668  1.00 25.42 ? 13   ARG A O   1 
ATOM   102  C CB  . ARG A 1 14  ? 2.868   14.481  -4.177  1.00 29.68 ? 13   ARG A CB  1 
ATOM   103  C CG  . ARG A 1 14  ? 4.130   14.448  -5.026  1.00 33.42 ? 13   ARG A CG  1 
ATOM   104  C CD  . ARG A 1 14  ? 4.116   15.548  -6.134  1.00 42.26 ? 13   ARG A CD  1 
ATOM   105  N NE  . ARG A 1 14  ? 5.460   15.776  -6.689  1.00 46.16 ? 13   ARG A NE  1 
ATOM   106  C CZ  . ARG A 1 14  ? 6.440   16.447  -6.069  1.00 50.00 ? 13   ARG A CZ  1 
ATOM   107  N NH1 . ARG A 1 14  ? 6.259   16.968  -4.850  1.00 50.29 ? 13   ARG A NH1 1 
ATOM   108  N NH2 . ARG A 1 14  ? 7.615   16.601  -6.674  1.00 51.98 ? 13   ARG A NH2 1 
ATOM   109  N N   . ASN A 1 15  ? 1.654   11.381  -4.753  1.00 24.72 ? 14   ASN A N   1 
ATOM   110  C CA  . ASN A 1 15  ? 2.106   10.043  -5.168  1.00 24.07 ? 14   ASN A CA  1 
ATOM   111  C C   . ASN A 1 15  ? 1.000   8.998   -5.332  1.00 22.71 ? 14   ASN A C   1 
ATOM   112  O O   . ASN A 1 15  ? 1.287   7.903   -5.779  1.00 25.20 ? 14   ASN A O   1 
ATOM   113  C CB  . ASN A 1 15  ? 3.151   9.455   -4.181  1.00 23.14 ? 14   ASN A CB  1 
ATOM   114  C CG  . ASN A 1 15  ? 4.548   10.057  -4.337  1.00 25.87 ? 14   ASN A CG  1 
ATOM   115  O OD1 . ASN A 1 15  ? 5.490   9.356   -4.731  1.00 30.11 ? 14   ASN A OD1 1 
ATOM   116  N ND2 . ASN A 1 15  ? 4.692   11.343  -3.967  1.00 24.54 ? 14   ASN A ND2 1 
ATOM   117  N N   . SER A 1 16  ? -0.238  9.290   -4.947  1.00 22.83 ? 15   SER A N   1 
ATOM   118  C CA  . SER A 1 16  ? -1.259  8.254   -5.064  1.00 22.54 ? 15   SER A CA  1 
ATOM   119  C C   . SER A 1 16  ? -2.156  8.394   -6.298  1.00 23.29 ? 15   SER A C   1 
ATOM   120  O O   . SER A 1 16  ? -2.304  9.496   -6.877  1.00 23.52 ? 15   SER A O   1 
ATOM   121  C CB  . SER A 1 16  ? -2.121  8.187   -3.819  1.00 21.08 ? 15   SER A CB  1 
ATOM   122  O OG  . SER A 1 16  ? -3.183  9.153   -3.896  1.00 22.45 ? 15   SER A OG  1 
ATOM   123  N N   . SER A 1 17  ? -2.751  7.261   -6.668  1.00 22.97 ? 16   SER A N   1 
ATOM   124  C CA  . SER A 1 17  ? -3.721  7.164   -7.743  1.00 22.22 ? 16   SER A CA  1 
ATOM   125  C C   . SER A 1 17  ? -4.746  6.082   -7.414  1.00 22.07 ? 16   SER A C   1 
ATOM   126  O O   . SER A 1 17  ? -4.621  5.309   -6.409  1.00 22.92 ? 16   SER A O   1 
ATOM   127  C CB  . SER A 1 17  ? -3.041  6.898   -9.090  1.00 22.54 ? 16   SER A CB  1 
ATOM   128  O OG  . SER A 1 17  ? -2.360  5.644   -9.091  1.00 21.93 ? 16   SER A OG  1 
ATOM   129  N N   . THR A 1 18  ? -5.787  6.042   -8.258  1.00 22.69 ? 17   THR A N   1 
ATOM   130  C CA  . THR A 1 18  ? -6.856  5.070   -8.119  1.00 22.47 ? 17   THR A CA  1 
ATOM   131  C C   . THR A 1 18  ? -6.677  4.104   -9.289  1.00 23.62 ? 17   THR A C   1 
ATOM   132  O O   . THR A 1 18  ? -6.575  4.532   -10.458 1.00 23.18 ? 17   THR A O   1 
ATOM   133  C CB  . THR A 1 18  ? -8.243  5.721   -8.261  1.00 24.38 ? 17   THR A CB  1 
ATOM   134  O OG1 . THR A 1 18  ? -8.413  6.739   -7.280  1.00 24.65 ? 17   THR A OG1 1 
ATOM   135  C CG2 . THR A 1 18  ? -9.327  4.677   -8.035  1.00 24.58 ? 17   THR A CG2 1 
ATOM   136  N N   . VAL A 1 19  ? -6.617  2.815   -8.976  1.00 23.03 ? 18   VAL A N   1 
ATOM   137  C CA  . VAL A 1 19  ? -6.332  1.819   -10.023 1.00 23.50 ? 18   VAL A CA  1 
ATOM   138  C C   . VAL A 1 19  ? -7.401  0.785   -10.015 1.00 24.30 ? 18   VAL A C   1 
ATOM   139  O O   . VAL A 1 19  ? -7.826  0.348   -8.947  1.00 23.44 ? 18   VAL A O   1 
ATOM   140  C CB  . VAL A 1 19  ? -4.957  1.138   -9.825  1.00 23.97 ? 18   VAL A CB  1 
ATOM   141  C CG1 . VAL A 1 19  ? -4.825  -0.122  -10.653 1.00 24.86 ? 18   VAL A CG1 1 
ATOM   142  C CG2 . VAL A 1 19  ? -3.853  2.139   -10.197 1.00 21.73 ? 18   VAL A CG2 1 
ATOM   143  N N   . LYS A 1 20  ? -7.843  0.420   -11.222 1.00 24.82 ? 19   LYS A N   1 
ATOM   144  C CA  . LYS A 1 20  ? -8.704  -0.745  -11.423 1.00 25.68 ? 19   LYS A CA  1 
ATOM   145  C C   . LYS A 1 20  ? -7.981  -1.851  -12.172 1.00 24.51 ? 19   LYS A C   1 
ATOM   146  O O   . LYS A 1 20  ? -7.275  -1.624  -13.183 1.00 24.93 ? 19   LYS A O   1 
ATOM   147  C CB  . LYS A 1 20  ? -9.969  -0.362  -12.184 1.00 26.31 ? 19   LYS A CB  1 
ATOM   148  C CG  . LYS A 1 20  ? -10.887 0.451   -11.341 1.00 30.42 ? 19   LYS A CG  1 
ATOM   149  C CD  . LYS A 1 20  ? -12.005 1.100   -12.165 1.00 37.12 ? 19   LYS A CD  1 
ATOM   150  C CE  . LYS A 1 20  ? -13.283 0.298   -12.034 1.00 42.56 ? 19   LYS A CE  1 
ATOM   151  N NZ  . LYS A 1 20  ? -13.210 -1.028  -12.727 1.00 45.19 ? 19   LYS A NZ  1 
ATOM   152  N N   . THR A 1 21  ? -8.101  -3.048  -11.625 1.00 23.95 ? 20   THR A N   1 
ATOM   153  C CA  . THR A 1 21  ? -7.702  -4.273  -12.313 1.00 23.67 ? 20   THR A CA  1 
ATOM   154  C C   . THR A 1 21  ? -8.936  -5.148  -12.457 1.00 24.14 ? 20   THR A C   1 
ATOM   155  O O   . THR A 1 21  ? -10.054 -4.792  -12.022 1.00 25.02 ? 20   THR A O   1 
ATOM   156  C CB  . THR A 1 21  ? -6.623  -5.060  -11.519 1.00 21.55 ? 20   THR A CB  1 
ATOM   157  O OG1 . THR A 1 21  ? -7.212  -5.676  -10.358 1.00 23.37 ? 20   THR A OG1 1 
ATOM   158  C CG2 . THR A 1 21  ? -5.490  -4.135  -11.092 1.00 23.16 ? 20   THR A CG2 1 
ATOM   159  N N   . GLU A 1 22  ? -8.734  -6.360  -12.985 1.00 25.17 ? 21   GLU A N   1 
ATOM   160  C CA  . GLU A 1 22  ? -9.845  -7.253  -13.152 1.00 23.98 ? 21   GLU A CA  1 
ATOM   161  C C   . GLU A 1 22  ? -10.344 -7.680  -11.801 1.00 24.04 ? 21   GLU A C   1 
ATOM   162  O O   . GLU A 1 22  ? -11.466 -8.146  -11.701 1.00 23.38 ? 21   GLU A O   1 
ATOM   163  C CB  . GLU A 1 22  ? -9.441  -8.490  -13.989 1.00 25.74 ? 21   GLU A CB  1 
ATOM   164  C CG  . GLU A 1 22  ? -9.321  -8.184  -15.444 1.00 28.19 ? 21   GLU A CG  1 
ATOM   165  C CD  . GLU A 1 22  ? -7.993  -7.544  -15.830 1.00 36.22 ? 21   GLU A CD  1 
ATOM   166  O OE1 . GLU A 1 22  ? -7.173  -7.188  -14.953 1.00 38.49 ? 21   GLU A OE1 1 
ATOM   167  O OE2 . GLU A 1 22  ? -7.745  -7.404  -17.046 1.00 38.82 ? 21   GLU A OE2 1 
ATOM   168  N N   . TYR A 1 23  ? -9.516  -7.477  -10.764 1.00 22.84 ? 22   TYR A N   1 
ATOM   169  C CA  . TYR A 1 23  ? -9.760  -7.986  -9.400  1.00 22.73 ? 22   TYR A CA  1 
ATOM   170  C C   . TYR A 1 23  ? -10.274 -6.908  -8.425  1.00 23.72 ? 22   TYR A C   1 
ATOM   171  O O   . TYR A 1 23  ? -10.535 -7.176  -7.250  1.00 24.76 ? 22   TYR A O   1 
ATOM   172  C CB  . TYR A 1 23  ? -8.494  -8.679  -8.859  1.00 24.18 ? 22   TYR A CB  1 
ATOM   173  C CG  . TYR A 1 23  ? -8.431  -10.097 -9.378  1.00 24.12 ? 22   TYR A CG  1 
ATOM   174  C CD1 . TYR A 1 23  ? -8.000  -10.346 -10.671 1.00 25.75 ? 22   TYR A CD1 1 
ATOM   175  C CD2 . TYR A 1 23  ? -8.906  -11.159 -8.602  1.00 28.36 ? 22   TYR A CD2 1 
ATOM   176  C CE1 . TYR A 1 23  ? -8.022  -11.636 -11.188 1.00 27.71 ? 22   TYR A CE1 1 
ATOM   177  C CE2 . TYR A 1 23  ? -8.912  -12.455 -9.091  1.00 26.15 ? 22   TYR A CE2 1 
ATOM   178  C CZ  . TYR A 1 23  ? -8.498  -12.670 -10.396 1.00 25.93 ? 22   TYR A CZ  1 
ATOM   179  O OH  . TYR A 1 23  ? -8.501  -13.954 -10.921 1.00 24.23 ? 22   TYR A OH  1 
ATOM   180  N N   . GLY A 1 24  ? -10.484 -5.711  -8.944  1.00 22.55 ? 23   GLY A N   1 
ATOM   181  C CA  . GLY A 1 24  ? -11.166 -4.657  -8.210  1.00 22.15 ? 23   GLY A CA  1 
ATOM   182  C C   . GLY A 1 24  ? -10.561 -3.275  -8.364  1.00 21.52 ? 23   GLY A C   1 
ATOM   183  O O   . GLY A 1 24  ? -9.777  -3.031  -9.276  1.00 22.11 ? 23   GLY A O   1 
ATOM   184  N N   . GLU A 1 25  ? -10.950 -2.381  -7.435  1.00 21.91 ? 24   GLU A N   1 
ATOM   185  C CA  . GLU A 1 25  ? -10.473 -0.993  -7.404  1.00 20.44 ? 24   GLU A CA  1 
ATOM   186  C C   . GLU A 1 25  ? -9.627  -0.769  -6.179  1.00 18.47 ? 24   GLU A C   1 
ATOM   187  O O   . GLU A 1 25  ? -10.022 -1.157  -5.079  1.00 18.19 ? 24   GLU A O   1 
ATOM   188  C CB  . GLU A 1 25  ? -11.638 -0.009  -7.369  1.00 20.67 ? 24   GLU A CB  1 
ATOM   189  C CG  . GLU A 1 25  ? -11.193 1.382   -7.601  1.00 25.59 ? 24   GLU A CG  1 
ATOM   190  C CD  . GLU A 1 25  ? -12.374 2.389   -7.653  1.00 28.61 ? 24   GLU A CD  1 
ATOM   191  O OE1 . GLU A 1 25  ? -13.455 2.084   -7.113  1.00 35.22 ? 24   GLU A OE1 1 
ATOM   192  O OE2 . GLU A 1 25  ? -12.185 3.469   -8.214  1.00 31.05 ? 24   GLU A OE2 1 
ATOM   193  N N   . PHE A 1 26  ? -8.442  -0.200  -6.396  1.00 17.90 ? 25   PHE A N   1 
ATOM   194  C CA  . PHE A 1 26  ? -7.448  -0.090  -5.313  1.00 19.04 ? 25   PHE A CA  1 
ATOM   195  C C   . PHE A 1 26  ? -6.864  1.286   -5.243  1.00 17.81 ? 25   PHE A C   1 
ATOM   196  O O   . PHE A 1 26  ? -6.798  1.955   -6.265  1.00 20.67 ? 25   PHE A O   1 
ATOM   197  C CB  . PHE A 1 26  ? -6.272  -1.046  -5.627  1.00 18.29 ? 25   PHE A CB  1 
ATOM   198  C CG  . PHE A 1 26  ? -6.720  -2.477  -5.760  1.00 21.04 ? 25   PHE A CG  1 
ATOM   199  C CD1 . PHE A 1 26  ? -7.257  -2.960  -7.008  1.00 22.35 ? 25   PHE A CD1 1 
ATOM   200  C CD2 . PHE A 1 26  ? -6.731  -3.316  -4.636  1.00 24.09 ? 25   PHE A CD2 1 
ATOM   201  C CE1 . PHE A 1 26  ? -7.724  -4.278  -7.117  1.00 24.33 ? 25   PHE A CE1 1 
ATOM   202  C CE2 . PHE A 1 26  ? -7.178  -4.649  -4.769  1.00 24.77 ? 25   PHE A CE2 1 
ATOM   203  C CZ  . PHE A 1 26  ? -7.707  -5.103  -5.996  1.00 25.16 ? 25   PHE A CZ  1 
ATOM   204  N N   . THR A 1 27  ? -6.344  1.650   -4.070  1.00 17.68 ? 26   THR A N   1 
ATOM   205  C CA  . THR A 1 27  ? -5.434  2.819   -4.002  1.00 18.46 ? 26   THR A CA  1 
ATOM   206  C C   . THR A 1 27  ? -4.044  2.366   -4.470  1.00 19.47 ? 26   THR A C   1 
ATOM   207  O O   . THR A 1 27  ? -3.630  1.230   -4.162  1.00 20.72 ? 26   THR A O   1 
ATOM   208  C CB  . THR A 1 27  ? -5.395  3.281   -2.555  1.00 18.38 ? 26   THR A CB  1 
ATOM   209  O OG1 . THR A 1 27  ? -6.710  3.682   -2.212  1.00 17.77 ? 26   THR A OG1 1 
ATOM   210  C CG2 . THR A 1 27  ? -4.407  4.466   -2.389  1.00 19.46 ? 26   THR A CG2 1 
ATOM   211  N N   . MET A 1 28  ? -3.332  3.183   -5.261  1.00 19.80 ? 27   MET A N   1 
ATOM   212  C CA  . MET A 1 28  ? -1.990  2.802   -5.689  1.00 19.88 ? 27   MET A CA  1 
ATOM   213  C C   . MET A 1 28  ? -0.964  3.870   -5.321  1.00 19.46 ? 27   MET A C   1 
ATOM   214  O O   . MET A 1 28  ? -1.161  5.037   -5.572  1.00 19.61 ? 27   MET A O   1 
ATOM   215  C CB  . MET A 1 28  ? -1.907  2.510   -7.213  1.00 19.04 ? 27   MET A CB  1 
ATOM   216  C CG  . MET A 1 28  ? -0.521  2.163   -7.636  1.00 20.48 ? 27   MET A CG  1 
ATOM   217  S SD  . MET A 1 28  ? -0.392  1.563   -9.360  1.00 24.59 ? 27   MET A SD  1 
ATOM   218  C CE  . MET A 1 28  ? -0.593  3.099   -10.229 1.00 26.54 ? 27   MET A CE  1 
ATOM   219  N N   . LEU A 1 29  ? 0.147   3.452   -4.728  1.00 19.74 ? 28   LEU A N   1 
ATOM   220  C CA  . LEU A 1 29  ? 1.150   4.436   -4.322  1.00 20.29 ? 28   LEU A CA  1 
ATOM   221  C C   . LEU A 1 29  ? 2.373   4.349   -5.217  1.00 19.92 ? 28   LEU A C   1 
ATOM   222  O O   . LEU A 1 29  ? 2.992   3.263   -5.349  1.00 20.78 ? 28   LEU A O   1 
ATOM   223  C CB  . LEU A 1 29  ? 1.575   4.195   -2.872  1.00 22.28 ? 28   LEU A CB  1 
ATOM   224  C CG  . LEU A 1 29  ? 2.533   5.254   -2.266  1.00 21.99 ? 28   LEU A CG  1 
ATOM   225  C CD1 . LEU A 1 29  ? 1.895   6.611   -2.002  1.00 24.49 ? 28   LEU A CD1 1 
ATOM   226  C CD2 . LEU A 1 29  ? 3.169   4.688   -0.973  1.00 22.90 ? 28   LEU A CD2 1 
ATOM   227  N N   . GLY A 1 30  ? 2.753   5.480   -5.798  1.00 19.67 ? 29   GLY A N   1 
ATOM   228  C CA  . GLY A 1 30  ? 3.915   5.486   -6.686  1.00 21.72 ? 29   GLY A CA  1 
ATOM   229  C C   . GLY A 1 30  ? 5.096   5.686   -5.772  1.00 21.01 ? 29   GLY A C   1 
ATOM   230  O O   . GLY A 1 30  ? 4.965   6.428   -4.823  1.00 21.44 ? 29   GLY A O   1 
ATOM   231  N N   . ILE A 1 31  ? 6.223   5.034   -6.037  1.00 21.73 ? 30   ILE A N   1 
ATOM   232  C CA  . ILE A 1 31  ? 7.339   5.066   -5.076  1.00 24.11 ? 30   ILE A CA  1 
ATOM   233  C C   . ILE A 1 31  ? 8.554   5.866   -5.582  1.00 25.55 ? 30   ILE A C   1 
ATOM   234  O O   . ILE A 1 31  ? 9.066   6.724   -4.879  1.00 25.25 ? 30   ILE A O   1 
ATOM   235  C CB  . ILE A 1 31  ? 7.783   3.647   -4.742  1.00 24.27 ? 30   ILE A CB  1 
ATOM   236  C CG1 . ILE A 1 31  ? 6.564   2.811   -4.275  1.00 23.71 ? 30   ILE A CG1 1 
ATOM   237  C CG2 . ILE A 1 31  ? 8.994   3.674   -3.723  1.00 26.49 ? 30   ILE A CG2 1 
ATOM   238  C CD1 . ILE A 1 31  ? 6.033   3.174   -2.919  1.00 24.35 ? 30   ILE A CD1 1 
ATOM   239  N N   . TYR A 1 32  ? 9.000   5.563   -6.797  1.00 27.37 ? 31   TYR A N   1 
ATOM   240  C CA  . TYR A 1 32  ? 10.063  6.373   -7.425  1.00 29.61 ? 31   TYR A CA  1 
ATOM   241  C C   . TYR A 1 32  ? 10.119  6.011   -8.892  1.00 30.73 ? 31   TYR A C   1 
ATOM   242  O O   . TYR A 1 32  ? 9.546   4.998   -9.307  1.00 29.26 ? 31   TYR A O   1 
ATOM   243  C CB  . TYR A 1 32  ? 11.440  6.180   -6.737  1.00 29.64 ? 31   TYR A CB  1 
ATOM   244  C CG  . TYR A 1 32  ? 12.116  4.901   -7.183  1.00 32.93 ? 31   TYR A CG  1 
ATOM   245  C CD1 . TYR A 1 32  ? 11.571  3.649   -6.862  1.00 37.79 ? 31   TYR A CD1 1 
ATOM   246  C CD2 . TYR A 1 32  ? 13.272  4.932   -7.969  1.00 38.63 ? 31   TYR A CD2 1 
ATOM   247  C CE1 . TYR A 1 32  ? 12.157  2.472   -7.303  1.00 40.18 ? 31   TYR A CE1 1 
ATOM   248  C CE2 . TYR A 1 32  ? 13.870  3.751   -8.420  1.00 40.75 ? 31   TYR A CE2 1 
ATOM   249  C CZ  . TYR A 1 32  ? 13.312  2.525   -8.083  1.00 42.91 ? 31   TYR A CZ  1 
ATOM   250  O OH  . TYR A 1 32  ? 13.886  1.331   -8.516  1.00 44.05 ? 31   TYR A OH  1 
ATOM   251  N N   . ASP A 1 33  ? 10.756  6.861   -9.703  1.00 32.64 ? 32   ASP A N   1 
ATOM   252  C CA  . ASP A 1 33  ? 10.805  6.592   -11.119 1.00 34.42 ? 32   ASP A CA  1 
ATOM   253  C C   . ASP A 1 33  ? 9.383   6.241   -11.666 1.00 34.41 ? 32   ASP A C   1 
ATOM   254  O O   . ASP A 1 33  ? 8.467   7.024   -11.484 1.00 34.75 ? 32   ASP A O   1 
ATOM   255  C CB  . ASP A 1 33  ? 11.825  5.472   -11.375 1.00 36.19 ? 32   ASP A CB  1 
ATOM   256  C CG  . ASP A 1 33  ? 12.013  5.177   -12.842 1.00 39.93 ? 32   ASP A CG  1 
ATOM   257  O OD1 . ASP A 1 33  ? 12.400  6.107   -13.582 1.00 45.52 ? 32   ASP A OD1 1 
ATOM   258  O OD2 . ASP A 1 33  ? 11.753  4.020   -13.244 1.00 44.27 ? 32   ASP A OD2 1 
ATOM   259  N N   . ARG A 1 34  ? 9.211   5.077   -12.303 1.00 34.05 ? 33   ARG A N   1 
ATOM   260  C CA  . ARG A 1 34  ? 7.907   4.620   -12.781 1.00 34.34 ? 33   ARG A CA  1 
ATOM   261  C C   . ARG A 1 34  ? 7.441   3.391   -12.015 1.00 32.70 ? 33   ARG A C   1 
ATOM   262  O O   . ARG A 1 34  ? 6.687   2.588   -12.525 1.00 33.51 ? 33   ARG A O   1 
ATOM   263  C CB  . ARG A 1 34  ? 7.964   4.288   -14.276 1.00 35.66 ? 33   ARG A CB  1 
ATOM   264  C CG  . ARG A 1 34  ? 7.895   5.509   -15.163 1.00 38.73 ? 33   ARG A CG  1 
ATOM   265  C CD  . ARG A 1 34  ? 9.234   5.865   -15.716 1.00 41.97 ? 33   ARG A CD  1 
ATOM   266  N NE  . ARG A 1 34  ? 9.138   7.035   -16.585 1.00 46.03 ? 33   ARG A NE  1 
ATOM   267  C CZ  . ARG A 1 34  ? 10.184  7.651   -17.129 1.00 46.10 ? 33   ARG A CZ  1 
ATOM   268  N NH1 . ARG A 1 34  ? 11.413  7.203   -16.901 1.00 45.77 ? 33   ARG A NH1 1 
ATOM   269  N NH2 . ARG A 1 34  ? 9.999   8.724   -17.893 1.00 44.80 ? 33   ARG A NH2 1 
ATOM   270  N N   . TRP A 1 35  ? 7.919   3.234   -10.788 1.00 31.55 ? 34   TRP A N   1 
ATOM   271  C CA  . TRP A 1 35  ? 7.621   2.051   -9.988  1.00 29.54 ? 34   TRP A CA  1 
ATOM   272  C C   . TRP A 1 35  ? 6.553   2.416   -8.966  1.00 27.07 ? 34   TRP A C   1 
ATOM   273  O O   . TRP A 1 35  ? 6.674   3.444   -8.334  1.00 26.07 ? 34   TRP A O   1 
ATOM   274  C CB  . TRP A 1 35  ? 8.879   1.608   -9.244  1.00 28.74 ? 34   TRP A CB  1 
ATOM   275  C CG  . TRP A 1 35  ? 9.801   0.767   -10.062 1.00 32.05 ? 34   TRP A CG  1 
ATOM   276  C CD1 . TRP A 1 35  ? 10.984  1.161   -10.642 1.00 33.34 ? 34   TRP A CD1 1 
ATOM   277  C CD2 . TRP A 1 35  ? 9.611   -0.608  -10.419 1.00 32.31 ? 34   TRP A CD2 1 
ATOM   278  N NE1 . TRP A 1 35  ? 11.547  0.098   -11.331 1.00 34.37 ? 34   TRP A NE1 1 
ATOM   279  C CE2 . TRP A 1 35  ? 10.719  -0.992  -11.223 1.00 32.80 ? 34   TRP A CE2 1 
ATOM   280  C CE3 . TRP A 1 35  ? 8.620   -1.559  -10.134 1.00 28.74 ? 34   TRP A CE3 1 
ATOM   281  C CZ2 . TRP A 1 35  ? 10.862  -2.293  -11.738 1.00 34.42 ? 34   TRP A CZ2 1 
ATOM   282  C CZ3 . TRP A 1 35  ? 8.746   -2.848  -10.668 1.00 32.78 ? 34   TRP A CZ3 1 
ATOM   283  C CH2 . TRP A 1 35  ? 9.877   -3.210  -11.452 1.00 31.91 ? 34   TRP A CH2 1 
ATOM   284  N N   . ALA A 1 36  ? 5.519   1.581   -8.848  1.00 26.78 ? 35   ALA A N   1 
ATOM   285  C CA  . ALA A 1 36  ? 4.424   1.742   -7.873  1.00 25.40 ? 35   ALA A CA  1 
ATOM   286  C C   . ALA A 1 36  ? 4.162   0.427   -7.162  1.00 24.26 ? 35   ALA A C   1 
ATOM   287  O O   . ALA A 1 36  ? 4.745   -0.584  -7.520  1.00 25.01 ? 35   ALA A O   1 
ATOM   288  C CB  . ALA A 1 36  ? 3.142   2.181   -8.576  1.00 25.94 ? 35   ALA A CB  1 
ATOM   289  N N   . VAL A 1 37  ? 3.257   0.429   -6.176  1.00 23.52 ? 36   VAL A N   1 
ATOM   290  C CA  . VAL A 1 37  ? 2.920   -0.786  -5.463  1.00 22.53 ? 36   VAL A CA  1 
ATOM   291  C C   . VAL A 1 37  ? 1.403   -1.008  -5.362  1.00 22.50 ? 36   VAL A C   1 
ATOM   292  O O   . VAL A 1 37  ? 0.624   -0.065  -5.272  1.00 21.22 ? 36   VAL A O   1 
ATOM   293  C CB  . VAL A 1 37  ? 3.632   -0.769  -4.084  1.00 23.27 ? 36   VAL A CB  1 
ATOM   294  C CG1 . VAL A 1 37  ? 3.293   0.522   -3.322  1.00 18.75 ? 36   VAL A CG1 1 
ATOM   295  C CG2 . VAL A 1 37  ? 3.389   -2.050  -3.273  1.00 24.98 ? 36   VAL A CG2 1 
ATOM   296  N N   . LEU A 1 38  ? 1.010   -2.264  -5.470  1.00 23.09 ? 37   LEU A N   1 
ATOM   297  C CA  . LEU A 1 38  ? -0.354  -2.708  -5.238  1.00 23.98 ? 37   LEU A CA  1 
ATOM   298  C C   . LEU A 1 38  ? -0.330  -3.929  -4.308  1.00 24.00 ? 37   LEU A C   1 
ATOM   299  O O   . LEU A 1 38  ? 0.692   -4.639  -4.257  1.00 25.04 ? 37   LEU A O   1 
ATOM   300  C CB  . LEU A 1 38  ? -0.973  -3.140  -6.588  1.00 24.54 ? 37   LEU A CB  1 
ATOM   301  C CG  . LEU A 1 38  ? -1.432  -2.069  -7.551  1.00 27.06 ? 37   LEU A CG  1 
ATOM   302  C CD1 . LEU A 1 38  ? -2.006  -2.668  -8.818  1.00 26.43 ? 37   LEU A CD1 1 
ATOM   303  C CD2 . LEU A 1 38  ? -2.543  -1.232  -6.859  1.00 24.90 ? 37   LEU A CD2 1 
ATOM   304  N N   . PRO A 1 39  ? -1.461  -4.225  -3.621  1.00 23.20 ? 38   PRO A N   1 
ATOM   305  C CA  . PRO A 1 39  ? -1.567  -5.552  -2.974  1.00 24.04 ? 38   PRO A CA  1 
ATOM   306  C C   . PRO A 1 39  ? -1.474  -6.626  -4.060  1.00 24.21 ? 38   PRO A C   1 
ATOM   307  O O   . PRO A 1 39  ? -1.953  -6.415  -5.204  1.00 23.56 ? 38   PRO A O   1 
ATOM   308  C CB  . PRO A 1 39  ? -2.965  -5.531  -2.348  1.00 23.13 ? 38   PRO A CB  1 
ATOM   309  C CG  . PRO A 1 39  ? -3.340  -3.997  -2.279  1.00 23.93 ? 38   PRO A CG  1 
ATOM   310  C CD  . PRO A 1 39  ? -2.720  -3.457  -3.521  1.00 23.41 ? 38   PRO A CD  1 
ATOM   311  N N   . ARG A 1 40  ? -0.782  -7.729  -3.743  1.00 24.60 ? 39   ARG A N   1 
ATOM   312  C CA  . ARG A 1 40  ? -0.535  -8.797  -4.687  1.00 26.70 ? 39   ARG A CA  1 
ATOM   313  C C   . ARG A 1 40  ? -1.856  -9.279  -5.286  1.00 26.18 ? 39   ARG A C   1 
ATOM   314  O O   . ARG A 1 40  ? -1.933  -9.580  -6.472  1.00 27.20 ? 39   ARG A O   1 
ATOM   315  C CB  . ARG A 1 40  ? 0.223   -9.974  -4.009  1.00 27.82 ? 39   ARG A CB  1 
ATOM   316  C CG  . ARG A 1 40  ? 0.720   -11.098 -5.018  1.00 30.82 ? 39   ARG A CG  1 
ATOM   317  C CD  . ARG A 1 40  ? 0.767   -12.484 -4.325  1.00 36.28 ? 39   ARG A CD  1 
ATOM   318  N NE  . ARG A 1 40  ? -0.437  -12.624 -3.497  1.00 39.66 ? 39   ARG A NE  1 
ATOM   319  C CZ  . ARG A 1 40  ? -1.616  -13.099 -3.916  1.00 41.61 ? 39   ARG A CZ  1 
ATOM   320  N NH1 . ARG A 1 40  ? -1.775  -13.559 -5.162  1.00 40.16 ? 39   ARG A NH1 1 
ATOM   321  N NH2 . ARG A 1 40  ? -2.650  -13.106 -3.083  1.00 39.46 ? 39   ARG A NH2 1 
ATOM   322  N N   . HIS A 1 41  ? -2.889  -9.316  -4.455  1.00 25.04 ? 40   HIS A N   1 
ATOM   323  C CA  . HIS A 1 41  ? -4.199  -9.772  -4.894  1.00 26.57 ? 40   HIS A CA  1 
ATOM   324  C C   . HIS A 1 41  ? -4.941  -8.920  -5.904  1.00 26.18 ? 40   HIS A C   1 
ATOM   325  O O   . HIS A 1 41  ? -5.996  -9.368  -6.388  1.00 26.90 ? 40   HIS A O   1 
ATOM   326  C CB  . HIS A 1 41  ? -5.103  -10.110 -3.722  1.00 25.64 ? 40   HIS A CB  1 
ATOM   327  C CG  . HIS A 1 41  ? -5.486  -8.931  -2.883  1.00 27.35 ? 40   HIS A CG  1 
ATOM   328  N ND1 . HIS A 1 41  ? -4.891  -8.655  -1.663  1.00 26.78 ? 40   HIS A ND1 1 
ATOM   329  C CD2 . HIS A 1 41  ? -6.434  -7.981  -3.067  1.00 27.85 ? 40   HIS A CD2 1 
ATOM   330  C CE1 . HIS A 1 41  ? -5.471  -7.594  -1.124  1.00 29.15 ? 40   HIS A CE1 1 
ATOM   331  N NE2 . HIS A 1 41  ? -6.388  -7.146  -1.968  1.00 29.43 ? 40   HIS A NE2 1 
ATOM   332  N N   . ALA A 1 42  ? -4.416  -7.715  -6.203  1.00 26.33 ? 41   ALA A N   1 
ATOM   333  C CA  . ALA A 1 42  ? -4.911  -6.901  -7.312  1.00 26.96 ? 41   ALA A CA  1 
ATOM   334  C C   . ALA A 1 42  ? -4.558  -7.522  -8.662  1.00 28.12 ? 41   ALA A C   1 
ATOM   335  O O   . ALA A 1 42  ? -5.210  -7.231  -9.673  1.00 26.73 ? 41   ALA A O   1 
ATOM   336  C CB  . ALA A 1 42  ? -4.349  -5.497  -7.253  1.00 26.43 ? 41   ALA A CB  1 
ATOM   337  N N   . LYS A 1 43  ? -3.477  -8.314  -8.683  1.00 28.70 ? 42   LYS A N   1 
ATOM   338  C CA  . LYS A 1 43  ? -3.130  -9.140  -9.846  1.00 30.92 ? 42   LYS A CA  1 
ATOM   339  C C   . LYS A 1 43  ? -3.159  -8.326  -11.136 1.00 31.24 ? 42   LYS A C   1 
ATOM   340  O O   . LYS A 1 43  ? -3.851  -8.690  -12.089 1.00 32.05 ? 42   LYS A O   1 
ATOM   341  C CB  . LYS A 1 43  ? -4.065  -10.367 -9.945  1.00 30.71 ? 42   LYS A CB  1 
ATOM   342  C CG  . LYS A 1 43  ? -4.094  -11.265 -8.664  1.00 32.44 ? 42   LYS A CG  1 
ATOM   343  C CD  . LYS A 1 43  ? -5.374  -12.151 -8.655  1.00 35.55 ? 42   LYS A CD  1 
ATOM   344  C CE  . LYS A 1 43  ? -5.755  -12.679 -7.223  1.00 34.59 ? 42   LYS A CE  1 
ATOM   345  N NZ  . LYS A 1 43  ? -4.792  -13.829 -6.851  1.00 33.57 ? 42   LYS A NZ  1 
ATOM   346  N N   . PRO A 1 44  ? -2.404  -7.213  -11.171 1.00 32.40 ? 43   PRO A N   1 
ATOM   347  C CA  . PRO A 1 44  ? -2.372  -6.337  -12.341 1.00 33.06 ? 43   PRO A CA  1 
ATOM   348  C C   . PRO A 1 44  ? -1.964  -7.115  -13.598 1.00 35.33 ? 43   PRO A C   1 
ATOM   349  O O   . PRO A 1 44  ? -1.084  -7.985  -13.530 1.00 35.37 ? 43   PRO A O   1 
ATOM   350  C CB  . PRO A 1 44  ? -1.307  -5.302  -11.973 1.00 33.54 ? 43   PRO A CB  1 
ATOM   351  C CG  . PRO A 1 44  ? -0.490  -5.936  -10.867 1.00 32.14 ? 43   PRO A CG  1 
ATOM   352  C CD  . PRO A 1 44  ? -1.449  -6.785  -10.121 1.00 31.81 ? 43   PRO A CD  1 
ATOM   353  N N   . GLY A 1 45  ? -2.626  -6.837  -14.717 1.00 36.20 ? 44   GLY A N   1 
ATOM   354  C CA  . GLY A 1 45  ? -2.309  -7.533  -15.958 1.00 37.54 ? 44   GLY A CA  1 
ATOM   355  C C   . GLY A 1 45  ? -1.346  -6.687  -16.756 1.00 38.88 ? 44   GLY A C   1 
ATOM   356  O O   . GLY A 1 45  ? -0.659  -5.815  -16.194 1.00 38.70 ? 44   GLY A O   1 
ATOM   357  N N   . PRO A 1 46  ? -1.270  -6.949  -18.076 1.00 39.04 ? 45   PRO A N   1 
ATOM   358  C CA  . PRO A 1 46  ? -0.441  -6.168  -19.000 1.00 39.14 ? 45   PRO A CA  1 
ATOM   359  C C   . PRO A 1 46  ? -0.908  -4.733  -19.090 1.00 38.66 ? 45   PRO A C   1 
ATOM   360  O O   . PRO A 1 46  ? -0.155  -3.856  -19.500 1.00 38.64 ? 45   PRO A O   1 
ATOM   361  C CB  . PRO A 1 46  ? -0.650  -6.881  -20.358 1.00 39.27 ? 45   PRO A CB  1 
ATOM   362  C CG  . PRO A 1 46  ? -1.849  -7.773  -20.161 1.00 38.92 ? 45   PRO A CG  1 
ATOM   363  C CD  . PRO A 1 46  ? -1.851  -8.145  -18.722 1.00 39.47 ? 45   PRO A CD  1 
ATOM   364  N N   . THR A 1 47  ? -2.151  -4.508  -18.691 1.00 38.19 ? 46   THR A N   1 
ATOM   365  C CA  . THR A 1 47  ? -2.751  -3.189  -18.686 1.00 37.61 ? 46   THR A CA  1 
ATOM   366  C C   . THR A 1 47  ? -3.593  -3.006  -17.407 1.00 36.00 ? 46   THR A C   1 
ATOM   367  O O   . THR A 1 47  ? -4.248  -3.943  -16.958 1.00 35.73 ? 46   THR A O   1 
ATOM   368  C CB  . THR A 1 47  ? -3.556  -2.986  -19.985 1.00 37.70 ? 46   THR A CB  1 
ATOM   369  O OG1 . THR A 1 47  ? -2.903  -1.994  -20.793 1.00 40.43 ? 46   THR A OG1 1 
ATOM   370  C CG2 . THR A 1 47  ? -4.977  -2.576  -19.727 1.00 40.30 ? 46   THR A CG2 1 
ATOM   371  N N   . ILE A 1 48  ? -3.538  -1.800  -16.829 1.00 34.81 ? 47   ILE A N   1 
ATOM   372  C CA  . ILE A 1 48  ? -4.427  -1.403  -15.725 1.00 32.99 ? 47   ILE A CA  1 
ATOM   373  C C   . ILE A 1 48  ? -5.165  -0.103  -16.062 1.00 32.75 ? 47   ILE A C   1 
ATOM   374  O O   . ILE A 1 48  ? -4.746  0.630   -16.965 1.00 32.66 ? 47   ILE A O   1 
ATOM   375  C CB  . ILE A 1 48  ? -3.658  -1.233  -14.394 1.00 32.72 ? 47   ILE A CB  1 
ATOM   376  C CG1 . ILE A 1 48  ? -2.605  -0.105  -14.494 1.00 32.21 ? 47   ILE A CG1 1 
ATOM   377  C CG2 . ILE A 1 48  ? -3.032  -2.540  -13.967 1.00 31.93 ? 47   ILE A CG2 1 
ATOM   378  C CD1 . ILE A 1 48  ? -2.063  0.384   -13.117 1.00 31.27 ? 47   ILE A CD1 1 
ATOM   379  N N   . LEU A 1 49  ? -6.266  0.169   -15.358 1.00 30.65 ? 48   LEU A N   1 
ATOM   380  C CA  . LEU A 1 49  ? -6.853  1.514   -15.356 1.00 31.29 ? 48   LEU A CA  1 
ATOM   381  C C   . LEU A 1 49  ? -6.220  2.346   -14.241 1.00 31.00 ? 48   LEU A C   1 
ATOM   382  O O   . LEU A 1 49  ? -6.292  1.955   -13.067 1.00 29.65 ? 48   LEU A O   1 
ATOM   383  C CB  . LEU A 1 49  ? -8.365  1.461   -15.141 1.00 31.81 ? 48   LEU A CB  1 
ATOM   384  C CG  . LEU A 1 49  ? -9.281  2.004   -16.252 1.00 34.90 ? 48   LEU A CG  1 
ATOM   385  C CD1 . LEU A 1 49  ? -8.780  1.628   -17.694 1.00 37.71 ? 48   LEU A CD1 1 
ATOM   386  C CD2 . LEU A 1 49  ? -10.758 1.626   -16.006 1.00 35.65 ? 48   LEU A CD2 1 
ATOM   387  N N   . MET A 1 50  ? -5.577  3.451   -14.613 1.00 29.65 ? 49   MET A N   1 
ATOM   388  C CA  . MET A 1 50  ? -4.941  4.361   -13.651 1.00 30.54 ? 49   MET A CA  1 
ATOM   389  C C   . MET A 1 50  ? -5.632  5.720   -13.814 1.00 31.22 ? 49   MET A C   1 
ATOM   390  O O   . MET A 1 50  ? -5.467  6.382   -14.856 1.00 31.33 ? 49   MET A O   1 
ATOM   391  C CB  . MET A 1 50  ? -3.426  4.465   -13.877 1.00 29.57 ? 49   MET A CB  1 
ATOM   392  C CG  . MET A 1 50  ? -2.733  5.422   -12.900 1.00 30.73 ? 49   MET A CG  1 
ATOM   393  S SD  . MET A 1 50  ? -0.957  5.479   -13.115 1.00 32.55 ? 49   MET A SD  1 
ATOM   394  C CE  . MET A 1 50  ? -0.489  6.813   -12.024 1.00 35.30 ? 49   MET A CE  1 
ATOM   395  N N   . ASN A 1 51  ? -6.421  6.094   -12.808 1.00 31.75 ? 50   ASN A N   1 
ATOM   396  C CA  . ASN A 1 51  ? -7.322  7.259   -12.849 1.00 32.95 ? 50   ASN A CA  1 
ATOM   397  C C   . ASN A 1 51  ? -8.063  7.258   -14.206 1.00 35.10 ? 50   ASN A C   1 
ATOM   398  O O   . ASN A 1 51  ? -7.860  8.170   -15.021 1.00 35.29 ? 50   ASN A O   1 
ATOM   399  C CB  . ASN A 1 51  ? -6.518  8.578   -12.662 1.00 33.30 ? 50   ASN A CB  1 
ATOM   400  C CG  . ASN A 1 51  ? -5.822  8.706   -11.289 1.00 29.73 ? 50   ASN A CG  1 
ATOM   401  O OD1 . ASN A 1 51  ? -6.271  8.184   -10.246 1.00 25.76 ? 50   ASN A OD1 1 
ATOM   402  N ND2 . ASN A 1 51  ? -4.754  9.479   -11.278 1.00 29.16 ? 50   ASN A ND2 1 
ATOM   403  N N   . ASP A 1 52  ? -8.823  6.197   -14.487 1.00 36.12 ? 51   ASP A N   1 
ATOM   404  C CA  . ASP A 1 52  ? -9.547  6.019   -15.772 1.00 38.39 ? 51   ASP A CA  1 
ATOM   405  C C   . ASP A 1 52  ? -8.705  5.824   -17.045 1.00 39.23 ? 51   ASP A C   1 
ATOM   406  O O   . ASP A 1 52  ? -9.262  5.604   -18.123 1.00 39.61 ? 51   ASP A O   1 
ATOM   407  C CB  . ASP A 1 52  ? -10.540 7.170   -16.039 1.00 39.73 ? 51   ASP A CB  1 
ATOM   408  C CG  . ASP A 1 52  ? -11.667 7.270   -14.993 1.00 42.82 ? 51   ASP A CG  1 
ATOM   409  O OD1 . ASP A 1 52  ? -11.594 6.621   -13.927 1.00 45.76 ? 51   ASP A OD1 1 
ATOM   410  O OD2 . ASP A 1 52  ? -12.644 8.017   -15.247 1.00 47.16 ? 51   ASP A OD2 1 
ATOM   411  N N   . GLN A 1 53  ? -7.385  5.905   -16.971 1.00 39.94 ? 52   GLN A N   1 
ATOM   412  C CA  . GLN A 1 53  ? -6.595  5.711   -18.191 1.00 40.71 ? 52   GLN A CA  1 
ATOM   413  C C   . GLN A 1 53  ? -6.020  4.332   -18.266 1.00 41.18 ? 52   GLN A C   1 
ATOM   414  O O   . GLN A 1 53  ? -5.457  3.832   -17.297 1.00 40.81 ? 52   GLN A O   1 
ATOM   415  C CB  . GLN A 1 53  ? -5.440  6.701   -18.290 1.00 41.03 ? 52   GLN A CB  1 
ATOM   416  C CG  . GLN A 1 53  ? -5.861  8.130   -18.275 1.00 42.97 ? 52   GLN A CG  1 
ATOM   417  C CD  . GLN A 1 53  ? -4.764  9.025   -18.795 1.00 45.60 ? 52   GLN A CD  1 
ATOM   418  O OE1 . GLN A 1 53  ? -4.075  9.698   -18.012 1.00 44.40 ? 52   GLN A OE1 1 
ATOM   419  N NE2 . GLN A 1 53  ? -4.562  9.012   -20.126 1.00 44.46 ? 52   GLN A NE2 1 
ATOM   420  N N   . GLU A 1 54  ? -6.139  3.731   -19.440 1.00 41.72 ? 53   GLU A N   1 
ATOM   421  C CA  . GLU A 1 54  ? -5.400  2.518   -19.766 1.00 42.74 ? 53   GLU A CA  1 
ATOM   422  C C   . GLU A 1 54  ? -3.887  2.819   -19.744 1.00 42.32 ? 53   GLU A C   1 
ATOM   423  O O   . GLU A 1 54  ? -3.385  3.641   -20.511 1.00 42.21 ? 53   GLU A O   1 
ATOM   424  C CB  . GLU A 1 54  ? -5.860  1.985   -21.127 1.00 43.24 ? 53   GLU A CB  1 
ATOM   425  C CG  . GLU A 1 54  ? -5.392  0.577   -21.470 1.00 46.00 ? 53   GLU A CG  1 
ATOM   426  C CD  . GLU A 1 54  ? -6.161  -0.040  -22.662 1.00 49.93 ? 53   GLU A CD  1 
ATOM   427  O OE1 . GLU A 1 54  ? -7.411  -0.126  -22.586 1.00 50.93 ? 53   GLU A OE1 1 
ATOM   428  O OE2 . GLU A 1 54  ? -5.516  -0.425  -23.672 1.00 50.56 ? 53   GLU A OE2 1 
ATOM   429  N N   . VAL A 1 55  ? -3.169  2.167   -18.837 1.00 41.61 ? 54   VAL A N   1 
ATOM   430  C CA  . VAL A 1 55  ? -1.717  2.352   -18.721 1.00 41.24 ? 54   VAL A CA  1 
ATOM   431  C C   . VAL A 1 55  ? -1.028  1.003   -18.838 1.00 41.02 ? 54   VAL A C   1 
ATOM   432  O O   . VAL A 1 55  ? -1.465  0.029   -18.213 1.00 40.45 ? 54   VAL A O   1 
ATOM   433  C CB  . VAL A 1 55  ? -1.293  3.046   -17.372 1.00 41.42 ? 54   VAL A CB  1 
ATOM   434  C CG1 . VAL A 1 55  ? 0.239   3.153   -17.242 1.00 40.81 ? 54   VAL A CG1 1 
ATOM   435  C CG2 . VAL A 1 55  ? -1.935  4.424   -17.233 1.00 40.36 ? 54   VAL A CG2 1 
ATOM   436  N N   . GLY A 1 56  ? 0.046   0.964   -19.638 1.00 40.53 ? 55   GLY A N   1 
ATOM   437  C CA  . GLY A 1 56  ? 0.838   -0.248  -19.835 1.00 40.92 ? 55   GLY A CA  1 
ATOM   438  C C   . GLY A 1 56  ? 1.751   -0.585  -18.680 1.00 40.80 ? 55   GLY A C   1 
ATOM   439  O O   . GLY A 1 56  ? 2.423   0.299   -18.135 1.00 40.67 ? 55   GLY A O   1 
ATOM   440  N N   . VAL A 1 57  ? 1.766   -1.860  -18.309 1.00 41.01 ? 56   VAL A N   1 
ATOM   441  C CA  . VAL A 1 57  ? 2.639   -2.373  -17.238 1.00 41.65 ? 56   VAL A CA  1 
ATOM   442  C C   . VAL A 1 57  ? 3.861   -3.083  -17.828 1.00 42.76 ? 56   VAL A C   1 
ATOM   443  O O   . VAL A 1 57  ? 3.730   -4.200  -18.332 1.00 43.52 ? 56   VAL A O   1 
ATOM   444  C CB  . VAL A 1 57  ? 1.906   -3.378  -16.329 1.00 40.86 ? 56   VAL A CB  1 
ATOM   445  C CG1 . VAL A 1 57  ? 2.788   -3.773  -15.148 1.00 40.80 ? 56   VAL A CG1 1 
ATOM   446  C CG2 . VAL A 1 57  ? 0.608   -2.790  -15.831 1.00 40.74 ? 56   VAL A CG2 1 
ATOM   447  N N   . LEU A 1 58  ? 5.037   -2.455  -17.737 1.00 43.86 ? 57   LEU A N   1 
ATOM   448  C CA  . LEU A 1 58  ? 6.250   -2.973  -18.383 1.00 44.65 ? 57   LEU A CA  1 
ATOM   449  C C   . LEU A 1 58  ? 6.887   -4.084  -17.568 1.00 44.90 ? 57   LEU A C   1 
ATOM   450  O O   . LEU A 1 58  ? 7.543   -4.980  -18.116 1.00 45.33 ? 57   LEU A O   1 
ATOM   451  C CB  . LEU A 1 58  ? 7.271   -1.860  -18.620 1.00 45.14 ? 57   LEU A CB  1 
ATOM   452  C CG  . LEU A 1 58  ? 6.872   -0.666  -19.480 1.00 46.39 ? 57   LEU A CG  1 
ATOM   453  C CD1 . LEU A 1 58  ? 7.760   0.519   -19.164 1.00 47.00 ? 57   LEU A CD1 1 
ATOM   454  C CD2 . LEU A 1 58  ? 6.920   -1.020  -20.965 1.00 47.95 ? 57   LEU A CD2 1 
ATOM   455  N N   . ASP A 1 59  ? 6.711   -4.014  -16.249 1.00 44.47 ? 58   ASP A N   1 
ATOM   456  C CA  . ASP A 1 59  ? 7.256   -5.022  -15.359 1.00 44.12 ? 58   ASP A CA  1 
ATOM   457  C C   . ASP A 1 59  ? 6.470   -5.091  -14.055 1.00 43.16 ? 58   ASP A C   1 
ATOM   458  O O   . ASP A 1 59  ? 6.009   -4.069  -13.541 1.00 42.49 ? 58   ASP A O   1 
ATOM   459  C CB  . ASP A 1 59  ? 8.737   -4.759  -15.071 1.00 44.53 ? 58   ASP A CB  1 
ATOM   460  C CG  . ASP A 1 59  ? 9.459   -6.003  -14.599 1.00 46.78 ? 58   ASP A CG  1 
ATOM   461  O OD1 . ASP A 1 59  ? 8.938   -7.118  -14.848 1.00 45.93 ? 58   ASP A OD1 1 
ATOM   462  O OD2 . ASP A 1 59  ? 10.541  -5.862  -13.979 1.00 49.00 ? 58   ASP A OD2 1 
ATOM   463  N N   . ALA A 1 60  ? 6.319   -6.306  -13.546 1.00 42.11 ? 59   ALA A N   1 
ATOM   464  C CA  . ALA A 1 60  ? 5.588   -6.548  -12.310 1.00 41.77 ? 59   ALA A CA  1 
ATOM   465  C C   . ALA A 1 60  ? 6.291   -7.640  -11.521 1.00 41.42 ? 59   ALA A C   1 
ATOM   466  O O   . ALA A 1 60  ? 6.698   -8.667  -12.096 1.00 42.46 ? 59   ALA A O   1 
ATOM   467  C CB  . ALA A 1 60  ? 4.143   -6.929  -12.609 1.00 41.51 ? 59   ALA A CB  1 
ATOM   468  N N   . LYS A 1 61  ? 6.467   -7.419  -10.220 1.00 40.75 ? 60   LYS A N   1 
ATOM   469  C CA  . LYS A 1 61  ? 7.114   -8.408  -9.342  1.00 39.78 ? 60   LYS A CA  1 
ATOM   470  C C   . LYS A 1 61  ? 6.251   -8.699  -8.121  1.00 38.28 ? 60   LYS A C   1 
ATOM   471  O O   . LYS A 1 61  ? 5.987   -7.781  -7.354  1.00 36.84 ? 60   LYS A O   1 
ATOM   472  C CB  . LYS A 1 61  ? 8.484   -7.917  -8.840  1.00 40.43 ? 60   LYS A CB  1 
ATOM   473  C CG  . LYS A 1 61  ? 9.492   -7.483  -9.888  1.00 42.83 ? 60   LYS A CG  1 
ATOM   474  C CD  . LYS A 1 61  ? 10.929  -7.533  -9.316  1.00 50.21 ? 60   LYS A CD  1 
ATOM   475  C CE  . LYS A 1 61  ? 11.271  -6.315  -8.424  1.00 52.60 ? 60   LYS A CE  1 
ATOM   476  N NZ  . LYS A 1 61  ? 11.566  -5.058  -9.190  1.00 55.02 ? 60   LYS A NZ  1 
ATOM   477  N N   . GLU A 1 62  ? 5.806   -9.950  -7.948  1.00 36.25 ? 61   GLU A N   1 
ATOM   478  C CA  . GLU A 1 62  ? 5.109   -10.330 -6.713  1.00 36.12 ? 61   GLU A CA  1 
ATOM   479  C C   . GLU A 1 62  ? 6.160   -10.630 -5.649  1.00 35.43 ? 61   GLU A C   1 
ATOM   480  O O   . GLU A 1 62  ? 6.927   -11.591 -5.782  1.00 36.52 ? 61   GLU A O   1 
ATOM   481  C CB  . GLU A 1 62  ? 4.142   -11.517 -6.911  1.00 36.26 ? 61   GLU A CB  1 
ATOM   482  C CG  . GLU A 1 62  ? 3.212   -11.454 -8.188  1.00 38.54 ? 61   GLU A CG  1 
ATOM   483  C CD  . GLU A 1 62  ? 1.982   -12.392 -8.100  1.00 41.25 ? 61   GLU A CD  1 
ATOM   484  O OE1 . GLU A 1 62  ? 2.063   -13.457 -7.439  1.00 42.78 ? 61   GLU A OE1 1 
ATOM   485  O OE2 . GLU A 1 62  ? 0.915   -12.049 -8.670  1.00 40.55 ? 61   GLU A OE2 1 
ATOM   486  N N   . LEU A 1 63  ? 6.235   -9.814  -4.605  1.00 34.04 ? 62   LEU A N   1 
ATOM   487  C CA  . LEU A 1 63  ? 7.294   -10.001 -3.594  1.00 31.91 ? 62   LEU A CA  1 
ATOM   488  C C   . LEU A 1 63  ? 7.113   -11.205 -2.661  1.00 31.39 ? 62   LEU A C   1 
ATOM   489  O O   . LEU A 1 63  ? 6.002   -11.481 -2.202  1.00 30.18 ? 62   LEU A O   1 
ATOM   490  C CB  . LEU A 1 63  ? 7.513   -8.718  -2.788  1.00 31.30 ? 62   LEU A CB  1 
ATOM   491  C CG  . LEU A 1 63  ? 7.908   -7.434  -3.527  1.00 30.93 ? 62   LEU A CG  1 
ATOM   492  C CD1 . LEU A 1 63  ? 8.104   -6.293  -2.532  1.00 29.32 ? 62   LEU A CD1 1 
ATOM   493  C CD2 . LEU A 1 63  ? 9.102   -7.549  -4.482  1.00 29.48 ? 62   LEU A CD2 1 
ATOM   494  N N   . VAL A 1 64  ? 8.219   -11.934 -2.420  1.00 30.71 ? 63   VAL A N   1 
ATOM   495  C CA  . VAL A 1 64  ? 8.271   -13.025 -1.469  1.00 30.46 ? 63   VAL A CA  1 
ATOM   496  C C   . VAL A 1 64  ? 9.546   -12.899 -0.638  1.00 30.26 ? 63   VAL A C   1 
ATOM   497  O O   . VAL A 1 64  ? 10.516  -12.272 -1.063  1.00 30.22 ? 63   VAL A O   1 
ATOM   498  C CB  . VAL A 1 64  ? 8.283   -14.420 -2.168  1.00 31.48 ? 63   VAL A CB  1 
ATOM   499  C CG1 . VAL A 1 64  ? 6.948   -14.734 -2.792  1.00 30.07 ? 63   VAL A CG1 1 
ATOM   500  C CG2 . VAL A 1 64  ? 9.374   -14.484 -3.223  1.00 31.14 ? 63   VAL A CG2 1 
ATOM   501  N N   . ASP A 1 65  ? 9.574   -13.484 0.545   1.00 30.29 ? 64   ASP A N   1 
ATOM   502  C CA  . ASP A 1 65  ? 10.813  -13.416 1.318   1.00 31.96 ? 64   ASP A CA  1 
ATOM   503  C C   . ASP A 1 65  ? 11.818  -14.496 0.869   1.00 31.85 ? 64   ASP A C   1 
ATOM   504  O O   . ASP A 1 65  ? 11.612  -15.160 -0.168  1.00 30.96 ? 64   ASP A O   1 
ATOM   505  C CB  . ASP A 1 65  ? 10.593  -13.323 2.845   1.00 31.27 ? 64   ASP A CB  1 
ATOM   506  C CG  . ASP A 1 65  ? 10.197  -14.649 3.493   1.00 35.39 ? 64   ASP A CG  1 
ATOM   507  O OD1 . ASP A 1 65  ? 10.195  -15.683 2.805   1.00 36.83 ? 64   ASP A OD1 1 
ATOM   508  O OD2 . ASP A 1 65  ? 9.893   -14.637 4.718   1.00 36.13 ? 64   ASP A OD2 1 
ATOM   509  N N   . LYS A 1 66  ? 12.911  -14.612 1.604   1.00 34.04 ? 65   LYS A N   1 
ATOM   510  C CA  . LYS A 1 66  ? 14.006  -15.527 1.230   1.00 36.17 ? 65   LYS A CA  1 
ATOM   511  C C   . LYS A 1 66  ? 13.608  -16.998 1.236   1.00 37.14 ? 65   LYS A C   1 
ATOM   512  O O   . LYS A 1 66  ? 14.278  -17.817 0.570   1.00 38.06 ? 65   LYS A O   1 
ATOM   513  C CB  . LYS A 1 66  ? 15.252  -15.306 2.109   1.00 36.74 ? 65   LYS A CB  1 
ATOM   514  C CG  . LYS A 1 66  ? 15.815  -13.875 2.079   1.00 40.58 ? 65   LYS A CG  1 
ATOM   515  C CD  . LYS A 1 66  ? 16.029  -13.388 0.628   1.00 44.73 ? 65   LYS A CD  1 
ATOM   516  C CE  . LYS A 1 66  ? 15.288  -12.052 0.325   1.00 48.60 ? 65   LYS A CE  1 
ATOM   517  N NZ  . LYS A 1 66  ? 16.036  -10.815 0.792   1.00 48.84 ? 65   LYS A NZ  1 
ATOM   518  N N   . ASP A 1 67  ? 12.557  -17.340 1.994   1.00 36.45 ? 66   ASP A N   1 
ATOM   519  C CA  . ASP A 1 67  ? 11.967  -18.687 1.933   1.00 37.15 ? 66   ASP A CA  1 
ATOM   520  C C   . ASP A 1 67  ? 10.920  -18.873 0.834   1.00 37.28 ? 66   ASP A C   1 
ATOM   521  O O   . ASP A 1 67  ? 10.443  -19.992 0.626   1.00 38.06 ? 66   ASP A O   1 
ATOM   522  C CB  . ASP A 1 67  ? 11.322  -19.052 3.262   1.00 36.95 ? 66   ASP A CB  1 
ATOM   523  C CG  . ASP A 1 67  ? 12.314  -19.132 4.386   1.00 38.54 ? 66   ASP A CG  1 
ATOM   524  O OD1 . ASP A 1 67  ? 13.424  -19.678 4.199   1.00 40.01 ? 66   ASP A OD1 1 
ATOM   525  O OD2 . ASP A 1 67  ? 11.988  -18.640 5.484   1.00 37.66 ? 66   ASP A OD2 1 
ATOM   526  N N   . GLY A 1 68  ? 10.574  -17.794 0.122   1.00 36.96 ? 67   GLY A N   1 
ATOM   527  C CA  . GLY A 1 68  ? 9.445   -17.814 -0.829  1.00 36.28 ? 67   GLY A CA  1 
ATOM   528  C C   . GLY A 1 68  ? 8.087   -17.507 -0.177  1.00 36.58 ? 67   GLY A C   1 
ATOM   529  O O   . GLY A 1 68  ? 7.033   -17.641 -0.817  1.00 35.73 ? 67   GLY A O   1 
ATOM   530  N N   . THR A 1 69  ? 8.095   -17.111 1.096   1.00 35.09 ? 68   THR A N   1 
ATOM   531  C CA  . THR A 1 69  ? 6.845   -16.759 1.759   1.00 35.29 ? 68   THR A CA  1 
ATOM   532  C C   . THR A 1 69  ? 6.240   -15.473 1.179   1.00 34.05 ? 68   THR A C   1 
ATOM   533  O O   . THR A 1 69  ? 6.931   -14.477 0.951   1.00 33.87 ? 68   THR A O   1 
ATOM   534  C CB  . THR A 1 69  ? 7.037   -16.591 3.260   1.00 35.30 ? 68   THR A CB  1 
ATOM   535  O OG1 . THR A 1 69  ? 7.752   -17.715 3.757   1.00 37.00 ? 68   THR A OG1 1 
ATOM   536  C CG2 . THR A 1 69  ? 5.720   -16.511 3.968   1.00 35.80 ? 68   THR A CG2 1 
ATOM   537  N N   . ASN A 1 70  ? 4.935   -15.513 0.961   1.00 32.92 ? 69   ASN A N   1 
ATOM   538  C CA  . ASN A 1 70  ? 4.202   -14.357 0.452   1.00 30.58 ? 69   ASN A CA  1 
ATOM   539  C C   . ASN A 1 70  ? 4.379   -13.114 1.318   1.00 28.11 ? 69   ASN A C   1 
ATOM   540  O O   . ASN A 1 70  ? 4.304   -13.161 2.558   1.00 27.70 ? 69   ASN A O   1 
ATOM   541  C CB  . ASN A 1 70  ? 2.708   -14.721 0.317   1.00 31.48 ? 69   ASN A CB  1 
ATOM   542  C CG  . ASN A 1 70  ? 1.839   -13.537 -0.132  1.00 30.60 ? 69   ASN A CG  1 
ATOM   543  O OD1 . ASN A 1 70  ? 2.036   -12.966 -1.230  1.00 28.67 ? 69   ASN A OD1 1 
ATOM   544  N ND2 . ASN A 1 70  ? 0.853   -13.198 0.693   1.00 30.78 ? 69   ASN A ND2 1 
ATOM   545  N N   . LEU A 1 71  ? 4.617   -11.991 0.653   1.00 27.39 ? 70   LEU A N   1 
ATOM   546  C CA  . LEU A 1 71  ? 4.584   -10.683 1.347   1.00 24.97 ? 70   LEU A CA  1 
ATOM   547  C C   . LEU A 1 71  ? 3.388   -9.823  0.955   1.00 25.11 ? 70   LEU A C   1 
ATOM   548  O O   . LEU A 1 71  ? 3.166   -8.760  1.588   1.00 25.03 ? 70   LEU A O   1 
ATOM   549  C CB  . LEU A 1 71  ? 5.870   -9.901  1.115   1.00 25.27 ? 70   LEU A CB  1 
ATOM   550  C CG  . LEU A 1 71  ? 7.103   -10.582 1.689   1.00 24.46 ? 70   LEU A CG  1 
ATOM   551  C CD1 . LEU A 1 71  ? 8.370   -9.829  1.210   1.00 23.09 ? 70   LEU A CD1 1 
ATOM   552  C CD2 . LEU A 1 71  ? 6.969   -10.620 3.178   1.00 23.44 ? 70   LEU A CD2 1 
ATOM   553  N N   . GLU A 1 72  ? 2.650   -10.273 -0.070  1.00 24.90 ? 71   GLU A N   1 
ATOM   554  C CA  . GLU A 1 72  ? 1.351   -9.643  -0.493  1.00 25.51 ? 71   GLU A CA  1 
ATOM   555  C C   . GLU A 1 72  ? 1.519   -8.257  -1.105  1.00 25.49 ? 71   GLU A C   1 
ATOM   556  O O   . GLU A 1 72  ? 0.625   -7.393  -1.018  1.00 24.84 ? 71   GLU A O   1 
ATOM   557  C CB  . GLU A 1 72  ? 0.355   -9.618  0.671   1.00 24.74 ? 71   GLU A CB  1 
ATOM   558  C CG  . GLU A 1 72  ? -1.141  -9.518  0.300   1.00 29.43 ? 71   GLU A CG  1 
ATOM   559  C CD  . GLU A 1 72  ? -1.614  -10.467 -0.821  1.00 32.75 ? 71   GLU A CD  1 
ATOM   560  O OE1 . GLU A 1 72  ? -1.094  -11.600 -0.991  1.00 30.95 ? 71   GLU A OE1 1 
ATOM   561  O OE2 . GLU A 1 72  ? -2.545  -10.048 -1.547  1.00 35.02 ? 71   GLU A OE2 1 
ATOM   562  N N   . LEU A 1 73  ? 2.657   -8.066  -1.771  1.00 25.38 ? 72   LEU A N   1 
ATOM   563  C CA  . LEU A 1 73  ? 2.943   -6.820  -2.474  1.00 25.23 ? 72   LEU A CA  1 
ATOM   564  C C   . LEU A 1 73  ? 3.354   -7.190  -3.883  1.00 26.34 ? 72   LEU A C   1 
ATOM   565  O O   . LEU A 1 73  ? 4.032   -8.226  -4.100  1.00 25.97 ? 72   LEU A O   1 
ATOM   566  C CB  . LEU A 1 73  ? 4.087   -6.070  -1.799  1.00 24.32 ? 72   LEU A CB  1 
ATOM   567  C CG  . LEU A 1 73  ? 3.814   -5.502  -0.414  1.00 22.80 ? 72   LEU A CG  1 
ATOM   568  C CD1 . LEU A 1 73  ? 5.149   -5.043  0.178   1.00 18.88 ? 72   LEU A CD1 1 
ATOM   569  C CD2 . LEU A 1 73  ? 2.789   -4.332  -0.503  1.00 22.75 ? 72   LEU A CD2 1 
ATOM   570  N N   . THR A 1 74  ? 2.875   -6.399  -4.839  1.00 26.99 ? 73   THR A N   1 
ATOM   571  C CA  . THR A 1 74  ? 3.326   -6.468  -6.208  1.00 27.34 ? 73   THR A CA  1 
ATOM   572  C C   . THR A 1 74  ? 3.857   -5.117  -6.597  1.00 27.92 ? 73   THR A C   1 
ATOM   573  O O   . THR A 1 74  ? 3.146   -4.109  -6.500  1.00 27.22 ? 73   THR A O   1 
ATOM   574  C CB  . THR A 1 74  ? 2.165   -6.872  -7.134  1.00 28.76 ? 73   THR A CB  1 
ATOM   575  O OG1 . THR A 1 74  ? 1.798   -8.210  -6.837  1.00 29.38 ? 73   THR A OG1 1 
ATOM   576  C CG2 . THR A 1 74  ? 2.536   -6.761  -8.600  1.00 27.24 ? 73   THR A CG2 1 
ATOM   577  N N   . LEU A 1 75  ? 5.106   -5.092  -7.046  1.00 28.18 ? 74   LEU A N   1 
ATOM   578  C CA  . LEU A 1 75  ? 5.683   -3.860  -7.552  1.00 30.03 ? 74   LEU A CA  1 
ATOM   579  C C   . LEU A 1 75  ? 5.434   -3.844  -9.051  1.00 30.30 ? 74   LEU A C   1 
ATOM   580  O O   . LEU A 1 75  ? 5.489   -4.878  -9.701  1.00 29.42 ? 74   LEU A O   1 
ATOM   581  C CB  . LEU A 1 75  ? 7.175   -3.727  -7.232  1.00 29.46 ? 74   LEU A CB  1 
ATOM   582  C CG  . LEU A 1 75  ? 7.656   -4.073  -5.830  1.00 31.83 ? 74   LEU A CG  1 
ATOM   583  C CD1 . LEU A 1 75  ? 9.123   -3.697  -5.760  1.00 33.42 ? 74   LEU A CD1 1 
ATOM   584  C CD2 . LEU A 1 75  ? 6.849   -3.361  -4.736  1.00 32.99 ? 74   LEU A CD2 1 
ATOM   585  N N   . LEU A 1 76  ? 5.108   -2.673  -9.569  1.00 30.62 ? 75   LEU A N   1 
ATOM   586  C CA  . LEU A 1 76  ? 4.843   -2.554  -10.978 1.00 32.74 ? 75   LEU A CA  1 
ATOM   587  C C   . LEU A 1 76  ? 5.516   -1.343  -11.566 1.00 32.95 ? 75   LEU A C   1 
ATOM   588  O O   . LEU A 1 76  ? 5.587   -0.275  -10.942 1.00 32.76 ? 75   LEU A O   1 
ATOM   589  C CB  . LEU A 1 76  ? 3.346   -2.621  -11.336 1.00 32.41 ? 75   LEU A CB  1 
ATOM   590  C CG  . LEU A 1 76  ? 2.078   -2.705  -10.481 1.00 34.77 ? 75   LEU A CG  1 
ATOM   591  C CD1 . LEU A 1 76  ? 2.113   -1.939  -9.138  1.00 30.37 ? 75   LEU A CD1 1 
ATOM   592  C CD2 . LEU A 1 76  ? 0.855   -2.315  -11.358 1.00 30.43 ? 75   LEU A CD2 1 
ATOM   593  N N   . LYS A 1 77  ? 6.045   -1.557  -12.773 1.00 34.06 ? 76   LYS A N   1 
ATOM   594  C CA  . LYS A 1 77  ? 6.709   -0.560  -13.559 1.00 35.71 ? 76   LYS A CA  1 
ATOM   595  C C   . LYS A 1 77  ? 5.733   -0.072  -14.639 1.00 36.61 ? 76   LYS A C   1 
ATOM   596  O O   . LYS A 1 77  ? 5.204   -0.864  -15.431 1.00 37.33 ? 76   LYS A O   1 
ATOM   597  C CB  . LYS A 1 77  ? 8.015   -1.155  -14.119 1.00 36.24 ? 76   LYS A CB  1 
ATOM   598  C CG  . LYS A 1 77  ? 8.393   -0.771  -15.582 1.00 39.99 ? 76   LYS A CG  1 
ATOM   599  C CD  . LYS A 1 77  ? 9.853   -1.144  -15.959 1.00 41.72 ? 76   LYS A CD  1 
ATOM   600  C CE  . LYS A 1 77  ? 10.953  -0.281  -15.255 1.00 42.24 ? 76   LYS A CE  1 
ATOM   601  N NZ  . LYS A 1 77  ? 10.526  0.981   -14.545 1.00 42.38 ? 76   LYS A NZ  1 
ATOM   602  N N   . LEU A 1 78  ? 5.460   1.229   -14.621 1.00 37.29 ? 77   LEU A N   1 
ATOM   603  C CA  . LEU A 1 78  ? 4.425   1.799   -15.471 1.00 38.42 ? 77   LEU A CA  1 
ATOM   604  C C   . LEU A 1 78  ? 5.028   2.386   -16.717 1.00 39.35 ? 77   LEU A C   1 
ATOM   605  O O   . LEU A 1 78  ? 6.121   2.991   -16.657 1.00 39.07 ? 77   LEU A O   1 
ATOM   606  C CB  . LEU A 1 78  ? 3.639   2.854   -14.720 1.00 37.78 ? 77   LEU A CB  1 
ATOM   607  C CG  . LEU A 1 78  ? 2.919   2.272   -13.488 1.00 38.56 ? 77   LEU A CG  1 
ATOM   608  C CD1 . LEU A 1 78  ? 2.351   3.383   -12.603 1.00 38.40 ? 77   LEU A CD1 1 
ATOM   609  C CD2 . LEU A 1 78  ? 1.848   1.232   -13.897 1.00 36.31 ? 77   LEU A CD2 1 
ATOM   610  N N   . ASN A 1 79  ? 4.326   2.204   -17.837 1.00 40.71 ? 78   ASN A N   1 
ATOM   611  C CA  . ASN A 1 79  ? 4.742   2.833   -19.084 1.00 42.32 ? 78   ASN A CA  1 
ATOM   612  C C   . ASN A 1 79  ? 4.150   4.210   -19.231 1.00 42.81 ? 78   ASN A C   1 
ATOM   613  O O   . ASN A 1 79  ? 3.147   4.378   -19.898 1.00 44.38 ? 78   ASN A O   1 
ATOM   614  C CB  . ASN A 1 79  ? 4.378   1.983   -20.291 1.00 42.90 ? 78   ASN A CB  1 
ATOM   615  C CG  . ASN A 1 79  ? 5.057   2.477   -21.559 1.00 44.72 ? 78   ASN A CG  1 
ATOM   616  O OD1 . ASN A 1 79  ? 6.254   2.794   -21.549 1.00 45.86 ? 78   ASN A OD1 1 
ATOM   617  N ND2 . ASN A 1 79  ? 4.292   2.579   -22.646 1.00 45.35 ? 78   ASN A ND2 1 
ATOM   618  N N   . ARG A 1 80  ? 4.736   5.197   -18.575 1.00 43.59 ? 79   ARG A N   1 
ATOM   619  C CA  . ARG A 1 80  ? 4.200   6.549   -18.638 1.00 44.32 ? 79   ARG A CA  1 
ATOM   620  C C   . ARG A 1 80  ? 5.378   7.516   -18.532 1.00 44.80 ? 79   ARG A C   1 
ATOM   621  O O   . ARG A 1 80  ? 6.459   7.135   -18.074 1.00 44.98 ? 79   ARG A O   1 
ATOM   622  C CB  . ARG A 1 80  ? 3.127   6.782   -17.551 1.00 44.31 ? 79   ARG A CB  1 
ATOM   623  C CG  . ARG A 1 80  ? 3.677   6.993   -16.125 1.00 44.23 ? 79   ARG A CG  1 
ATOM   624  C CD  . ARG A 1 80  ? 2.634   6.740   -15.014 1.00 42.36 ? 79   ARG A CD  1 
ATOM   625  N NE  . ARG A 1 80  ? 1.694   7.848   -14.838 1.00 41.46 ? 79   ARG A NE  1 
ATOM   626  C CZ  . ARG A 1 80  ? 1.800   8.821   -13.937 1.00 41.63 ? 79   ARG A CZ  1 
ATOM   627  N NH1 . ARG A 1 80  ? 2.808   8.852   -13.081 1.00 41.21 ? 79   ARG A NH1 1 
ATOM   628  N NH2 . ARG A 1 80  ? 0.872   9.769   -13.889 1.00 40.68 ? 79   ARG A NH2 1 
ATOM   629  N N   . ASN A 1 81  ? 5.202   8.747   -18.986 1.00 45.24 ? 80   ASN A N   1 
ATOM   630  C CA  . ASN A 1 81  ? 6.356   9.623   -19.038 1.00 46.05 ? 80   ASN A CA  1 
ATOM   631  C C   . ASN A 1 81  ? 6.650   10.255  -17.713 1.00 45.55 ? 80   ASN A C   1 
ATOM   632  O O   . ASN A 1 81  ? 7.795   10.311  -17.319 1.00 45.67 ? 80   ASN A O   1 
ATOM   633  C CB  . ASN A 1 81  ? 6.268   10.673  -20.146 1.00 46.90 ? 80   ASN A CB  1 
ATOM   634  C CG  . ASN A 1 81  ? 7.067   10.264  -21.371 1.00 49.41 ? 80   ASN A CG  1 
ATOM   635  O OD1 . ASN A 1 81  ? 8.239   10.640  -21.503 1.00 52.20 ? 80   ASN A OD1 1 
ATOM   636  N ND2 . ASN A 1 81  ? 6.452   9.462   -22.259 1.00 50.02 ? 80   ASN A ND2 1 
ATOM   637  N N   . GLU A 1 82  ? 5.619   10.713  -17.013 1.00 45.45 ? 81   GLU A N   1 
ATOM   638  C CA  . GLU A 1 82  ? 5.837   11.281  -15.698 1.00 45.23 ? 81   GLU A CA  1 
ATOM   639  C C   . GLU A 1 82  ? 6.526   10.247  -14.764 1.00 43.58 ? 81   GLU A C   1 
ATOM   640  O O   . GLU A 1 82  ? 6.312   9.036   -14.866 1.00 43.18 ? 81   GLU A O   1 
ATOM   641  C CB  . GLU A 1 82  ? 4.537   11.839  -15.106 1.00 45.79 ? 81   GLU A CB  1 
ATOM   642  C CG  . GLU A 1 82  ? 4.769   12.789  -13.928 1.00 49.81 ? 81   GLU A CG  1 
ATOM   643  C CD  . GLU A 1 82  ? 3.556   13.647  -13.571 1.00 54.60 ? 81   GLU A CD  1 
ATOM   644  O OE1 . GLU A 1 82  ? 3.021   14.362  -14.451 1.00 55.86 ? 81   GLU A OE1 1 
ATOM   645  O OE2 . GLU A 1 82  ? 3.158   13.641  -12.385 1.00 56.12 ? 81   GLU A OE2 1 
ATOM   646  N N   . LYS A 1 83  ? 7.405   10.746  -13.912 1.00 42.12 ? 82   LYS A N   1 
ATOM   647  C CA  . LYS A 1 83  ? 8.002   9.935   -12.874 1.00 40.51 ? 82   LYS A CA  1 
ATOM   648  C C   . LYS A 1 83  ? 7.324   10.311  -11.552 1.00 38.26 ? 82   LYS A C   1 
ATOM   649  O O   . LYS A 1 83  ? 6.850   11.451  -11.369 1.00 38.56 ? 82   LYS A O   1 
ATOM   650  C CB  . LYS A 1 83  ? 9.499   10.217  -12.772 1.00 40.58 ? 82   LYS A CB  1 
ATOM   651  C CG  . LYS A 1 83  ? 10.303  9.908   -14.013 1.00 43.68 ? 82   LYS A CG  1 
ATOM   652  C CD  . LYS A 1 83  ? 11.755  10.135  -13.716 1.00 47.00 ? 82   LYS A CD  1 
ATOM   653  C CE  . LYS A 1 83  ? 12.601  9.818   -14.923 1.00 51.26 ? 82   LYS A CE  1 
ATOM   654  N NZ  . LYS A 1 83  ? 14.059  9.902   -14.570 1.00 55.24 ? 82   LYS A NZ  1 
ATOM   655  N N   . PHE A 1 84  ? 7.305   9.372   -10.611 1.00 35.73 ? 83   PHE A N   1 
ATOM   656  C CA  . PHE A 1 84  ? 6.814   9.686   -9.284  1.00 33.08 ? 83   PHE A CA  1 
ATOM   657  C C   . PHE A 1 84  ? 7.864   10.468  -8.493  1.00 32.77 ? 83   PHE A C   1 
ATOM   658  O O   . PHE A 1 84  ? 9.057   10.278  -8.696  1.00 34.18 ? 83   PHE A O   1 
ATOM   659  C CB  . PHE A 1 84  ? 6.500   8.378   -8.555  1.00 31.59 ? 83   PHE A CB  1 
ATOM   660  C CG  . PHE A 1 84  ? 5.425   7.570   -9.195  1.00 28.21 ? 83   PHE A CG  1 
ATOM   661  C CD1 . PHE A 1 84  ? 4.125   8.069   -9.261  1.00 26.51 ? 83   PHE A CD1 1 
ATOM   662  C CD2 . PHE A 1 84  ? 5.698   6.294   -9.734  1.00 25.08 ? 83   PHE A CD2 1 
ATOM   663  C CE1 . PHE A 1 84  ? 3.131   7.324   -9.841  1.00 30.75 ? 83   PHE A CE1 1 
ATOM   664  C CE2 . PHE A 1 84  ? 4.701   5.532   -10.310 1.00 27.93 ? 83   PHE A CE2 1 
ATOM   665  C CZ  . PHE A 1 84  ? 3.402   6.040   -10.366 1.00 29.04 ? 83   PHE A CZ  1 
ATOM   666  N N   . ARG A 1 85  ? 7.427   11.304  -7.564  1.00 31.96 ? 84   ARG A N   1 
ATOM   667  C CA  . ARG A 1 85  ? 8.319   11.884  -6.592  1.00 31.55 ? 84   ARG A CA  1 
ATOM   668  C C   . ARG A 1 85  ? 8.926   10.755  -5.741  1.00 31.51 ? 84   ARG A C   1 
ATOM   669  O O   . ARG A 1 85  ? 8.195   9.932   -5.164  1.00 31.19 ? 84   ARG A O   1 
ATOM   670  C CB  . ARG A 1 85  ? 7.578   12.858  -5.681  1.00 32.54 ? 84   ARG A CB  1 
ATOM   671  C CG  . ARG A 1 85  ? 8.508   13.819  -4.933  1.00 35.75 ? 84   ARG A CG  1 
ATOM   672  C CD  . ARG A 1 85  ? 8.255   13.897  -3.438  1.00 41.79 ? 84   ARG A CD  1 
ATOM   673  N NE  . ARG A 1 85  ? 6.956   13.370  -3.021  1.00 44.45 ? 84   ARG A NE  1 
ATOM   674  C CZ  . ARG A 1 85  ? 6.375   13.652  -1.853  1.00 48.87 ? 84   ARG A CZ  1 
ATOM   675  N NH1 . ARG A 1 85  ? 6.971   14.480  -0.973  1.00 49.46 ? 84   ARG A NH1 1 
ATOM   676  N NH2 . ARG A 1 85  ? 5.194   13.107  -1.559  1.00 48.02 ? 84   ARG A NH2 1 
ATOM   677  N N   . ASP A 1 86  ? 10.261  10.707  -5.674  1.00 30.36 ? 85   ASP A N   1 
ATOM   678  C CA  . ASP A 1 86  ? 10.978  9.641   -4.946  1.00 28.98 ? 85   ASP A CA  1 
ATOM   679  C C   . ASP A 1 86  ? 10.695  9.686   -3.437  1.00 27.78 ? 85   ASP A C   1 
ATOM   680  O O   . ASP A 1 86  ? 11.148  10.591  -2.702  1.00 29.64 ? 85   ASP A O   1 
ATOM   681  C CB  . ASP A 1 86  ? 12.479  9.708   -5.246  1.00 29.29 ? 85   ASP A CB  1 
ATOM   682  C CG  . ASP A 1 86  ? 13.271  8.572   -4.611  1.00 28.84 ? 85   ASP A CG  1 
ATOM   683  O OD1 . ASP A 1 86  ? 12.682  7.734   -3.882  1.00 29.20 ? 85   ASP A OD1 1 
ATOM   684  O OD2 . ASP A 1 86  ? 14.506  8.497   -4.844  1.00 27.61 ? 85   ASP A OD2 1 
ATOM   685  N N   . ILE A 1 87  ? 9.940   8.712   -2.954  1.00 26.40 ? 86   ILE A N   1 
ATOM   686  C CA  . ILE A 1 87  ? 9.578   8.704   -1.543  1.00 25.91 ? 86   ILE A CA  1 
ATOM   687  C C   . ILE A 1 87  ? 10.267  7.576   -0.768  1.00 26.86 ? 86   ILE A C   1 
ATOM   688  O O   . ILE A 1 87  ? 9.846   7.267   0.361   1.00 25.53 ? 86   ILE A O   1 
ATOM   689  C CB  . ILE A 1 87  ? 8.001   8.658   -1.297  1.00 25.09 ? 86   ILE A CB  1 
ATOM   690  C CG1 . ILE A 1 87  ? 7.366   7.425   -1.963  1.00 21.63 ? 86   ILE A CG1 1 
ATOM   691  C CG2 . ILE A 1 87  ? 7.359   10.007  -1.692  1.00 25.00 ? 86   ILE A CG2 1 
ATOM   692  C CD1 . ILE A 1 87  ? 5.856   7.072   -1.398  1.00 19.24 ? 86   ILE A CD1 1 
ATOM   693  N N   . ARG A 1 88  ? 11.355  7.030   -1.326  1.00 27.39 ? 87   ARG A N   1 
ATOM   694  C CA  . ARG A 1 88  ? 12.083  5.930   -0.645  1.00 26.70 ? 87   ARG A CA  1 
ATOM   695  C C   . ARG A 1 88  ? 12.699  6.328   0.708   1.00 25.55 ? 87   ARG A C   1 
ATOM   696  O O   . ARG A 1 88  ? 12.845  5.497   1.594   1.00 26.26 ? 87   ARG A O   1 
ATOM   697  C CB  . ARG A 1 88  ? 13.091  5.269   -1.576  1.00 27.18 ? 87   ARG A CB  1 
ATOM   698  C CG  . ARG A 1 88  ? 12.468  4.566   -2.764  1.00 29.00 ? 87   ARG A CG  1 
ATOM   699  C CD  . ARG A 1 88  ? 13.510  4.011   -3.673  1.00 33.01 ? 87   ARG A CD  1 
ATOM   700  N NE  . ARG A 1 88  ? 14.215  5.110   -4.282  1.00 33.09 ? 87   ARG A NE  1 
ATOM   701  C CZ  . ARG A 1 88  ? 15.171  4.983   -5.204  1.00 36.40 ? 87   ARG A CZ  1 
ATOM   702  N NH1 . ARG A 1 88  ? 15.572  3.786   -5.636  1.00 36.97 ? 87   ARG A NH1 1 
ATOM   703  N NH2 . ARG A 1 88  ? 15.750  6.073   -5.678  1.00 33.98 ? 87   ARG A NH2 1 
ATOM   704  N N   . GLY A 1 89  ? 13.003  7.601   0.876   1.00 25.04 ? 88   GLY A N   1 
ATOM   705  C CA  . GLY A 1 89  ? 13.425  8.175   2.132   1.00 24.83 ? 88   GLY A CA  1 
ATOM   706  C C   . GLY A 1 89  ? 12.429  8.038   3.264   1.00 25.40 ? 88   GLY A C   1 
ATOM   707  O O   . GLY A 1 89  ? 12.783  8.124   4.426   1.00 25.90 ? 88   GLY A O   1 
ATOM   708  N N   . PHE A 1 90  ? 11.142  7.849   2.933   1.00 24.50 ? 89   PHE A N   1 
ATOM   709  C CA  . PHE A 1 90  ? 10.128  7.751   3.978   1.00 23.69 ? 89   PHE A CA  1 
ATOM   710  C C   . PHE A 1 90  ? 9.858   6.299   4.392   1.00 22.38 ? 89   PHE A C   1 
ATOM   711  O O   . PHE A 1 90  ? 9.125   6.063   5.387   1.00 22.92 ? 89   PHE A O   1 
ATOM   712  C CB  . PHE A 1 90  ? 8.833   8.406   3.468   1.00 23.43 ? 89   PHE A CB  1 
ATOM   713  C CG  . PHE A 1 90  ? 8.943   9.886   3.248   1.00 25.54 ? 89   PHE A CG  1 
ATOM   714  C CD1 . PHE A 1 90  ? 9.019   10.758  4.339   1.00 30.63 ? 89   PHE A CD1 1 
ATOM   715  C CD2 . PHE A 1 90  ? 8.980   10.400  1.951   1.00 27.44 ? 89   PHE A CD2 1 
ATOM   716  C CE1 . PHE A 1 90  ? 9.131   12.166  4.149   1.00 32.41 ? 89   PHE A CE1 1 
ATOM   717  C CE2 . PHE A 1 90  ? 9.075   11.831  1.726   1.00 28.38 ? 89   PHE A CE2 1 
ATOM   718  C CZ  . PHE A 1 90  ? 9.162   12.696  2.844   1.00 28.16 ? 89   PHE A CZ  1 
ATOM   719  N N   . LEU A 1 91  ? 10.446  5.362   3.664   1.00 22.10 ? 90   LEU A N   1 
ATOM   720  C CA  . LEU A 1 91  ? 10.338  3.914   3.930   1.00 23.11 ? 90   LEU A CA  1 
ATOM   721  C C   . LEU A 1 91  ? 11.382  3.427   4.879   1.00 23.72 ? 90   LEU A C   1 
ATOM   722  O O   . LEU A 1 91  ? 12.566  3.724   4.713   1.00 23.44 ? 90   LEU A O   1 
ATOM   723  C CB  . LEU A 1 91  ? 10.462  3.116   2.643   1.00 22.68 ? 90   LEU A CB  1 
ATOM   724  C CG  . LEU A 1 91  ? 9.565   3.529   1.465   1.00 24.91 ? 90   LEU A CG  1 
ATOM   725  C CD1 . LEU A 1 91  ? 9.835   2.648   0.272   1.00 24.72 ? 90   LEU A CD1 1 
ATOM   726  C CD2 . LEU A 1 91  ? 8.067   3.488   1.887   1.00 24.54 ? 90   LEU A CD2 1 
ATOM   727  N N   . ALA A 1 92  ? 10.954  2.656   5.867   1.00 23.07 ? 91   ALA A N   1 
ATOM   728  C CA  . ALA A 1 92  ? 11.883  2.103   6.839   1.00 22.39 ? 91   ALA A CA  1 
ATOM   729  C C   . ALA A 1 92  ? 12.629  0.906   6.322   1.00 23.08 ? 91   ALA A C   1 
ATOM   730  O O   . ALA A 1 92  ? 12.294  0.303   5.286   1.00 21.78 ? 91   ALA A O   1 
ATOM   731  C CB  . ALA A 1 92  ? 11.182  1.777   8.107   1.00 22.79 ? 91   ALA A CB  1 
ATOM   732  N N   . LYS A 1 93  ? 13.718  0.563   7.017   1.00 22.93 ? 92   LYS A N   1 
ATOM   733  C CA  . LYS A 1 93  ? 14.458  -0.623  6.596   1.00 23.94 ? 92   LYS A CA  1 
ATOM   734  C C   . LYS A 1 93  ? 13.842  -1.887  7.154   1.00 24.56 ? 92   LYS A C   1 
ATOM   735  O O   . LYS A 1 93  ? 14.059  -2.980  6.621   1.00 25.61 ? 92   LYS A O   1 
ATOM   736  C CB  . LYS A 1 93  ? 15.930  -0.521  7.031   1.00 23.14 ? 92   LYS A CB  1 
ATOM   737  C CG  . LYS A 1 93  ? 16.625  0.576   6.266   1.00 27.57 ? 92   LYS A CG  1 
ATOM   738  C CD  . LYS A 1 93  ? 18.155  0.431   6.350   1.00 29.97 ? 92   LYS A CD  1 
ATOM   739  C CE  . LYS A 1 93  ? 18.774  0.714   4.986   1.00 35.87 ? 92   LYS A CE  1 
ATOM   740  N NZ  . LYS A 1 93  ? 20.159  1.295   5.164   1.00 39.16 ? 92   LYS A NZ  1 
ATOM   741  N N   . GLU A 1 94  ? 13.121  -1.727  8.257   1.00 25.49 ? 93   GLU A N   1 
ATOM   742  C CA  . GLU A 1 94  ? 12.433  -2.827  8.951   1.00 27.96 ? 93   GLU A CA  1 
ATOM   743  C C   . GLU A 1 94  ? 11.016  -2.354  9.346   1.00 27.18 ? 93   GLU A C   1 
ATOM   744  O O   . GLU A 1 94  ? 10.723  -1.184  9.280   1.00 28.56 ? 93   GLU A O   1 
ATOM   745  C CB  . GLU A 1 94  ? 13.191  -3.183  10.234  1.00 28.08 ? 93   GLU A CB  1 
ATOM   746  C CG  . GLU A 1 94  ? 13.195  -2.082  11.286  1.00 31.37 ? 93   GLU A CG  1 
ATOM   747  C CD  . GLU A 1 94  ? 14.008  -2.482  12.518  1.00 38.48 ? 93   GLU A CD  1 
ATOM   748  O OE1 . GLU A 1 94  ? 15.122  -3.015  12.348  1.00 40.40 ? 93   GLU A OE1 1 
ATOM   749  O OE2 . GLU A 1 94  ? 13.542  -2.261  13.650  1.00 42.93 ? 93   GLU A OE2 1 
ATOM   750  N N   . GLU A 1 95  ? 10.166  -3.268  9.800   1.00 28.31 ? 94   GLU A N   1 
ATOM   751  C CA  . GLU A 1 95  ? 8.789   -2.977  10.184  1.00 28.63 ? 94   GLU A CA  1 
ATOM   752  C C   . GLU A 1 95  ? 8.701   -1.891  11.255  1.00 29.31 ? 94   GLU A C   1 
ATOM   753  O O   . GLU A 1 95  ? 9.351   -2.010  12.316  1.00 29.27 ? 94   GLU A O   1 
ATOM   754  C CB  . GLU A 1 95  ? 8.139   -4.261  10.747  1.00 29.82 ? 94   GLU A CB  1 
ATOM   755  C CG  . GLU A 1 95  ? 7.910   -5.384  9.720   1.00 31.96 ? 94   GLU A CG  1 
ATOM   756  C CD  . GLU A 1 95  ? 9.052   -6.378  9.596   1.00 37.43 ? 94   GLU A CD  1 
ATOM   757  O OE1 . GLU A 1 95  ? 10.231  -5.988  9.697   1.00 37.03 ? 94   GLU A OE1 1 
ATOM   758  O OE2 . GLU A 1 95  ? 8.774   -7.577  9.382   1.00 42.98 ? 94   GLU A OE2 1 
ATOM   759  N N   . VAL A 1 96  ? 7.929   -0.825  11.005  1.00 28.74 ? 95   VAL A N   1 
ATOM   760  C CA  . VAL A 1 96  ? 7.717   0.196   12.028  1.00 29.52 ? 95   VAL A CA  1 
ATOM   761  C C   . VAL A 1 96  ? 6.438   0.004   12.827  1.00 30.68 ? 95   VAL A C   1 
ATOM   762  O O   . VAL A 1 96  ? 5.373   -0.234  12.252  1.00 30.98 ? 95   VAL A O   1 
ATOM   763  C CB  . VAL A 1 96  ? 7.677   1.646   11.458  1.00 29.91 ? 95   VAL A CB  1 
ATOM   764  C CG1 . VAL A 1 96  ? 7.565   2.656   12.598  1.00 29.12 ? 95   VAL A CG1 1 
ATOM   765  C CG2 . VAL A 1 96  ? 8.950   1.970   10.690  1.00 30.45 ? 95   VAL A CG2 1 
ATOM   766  N N   . GLU A 1 97  ? 6.546   0.137   14.145  1.00 30.77 ? 96   GLU A N   1 
ATOM   767  C CA  . GLU A 1 97  ? 5.390   0.217   15.063  1.00 32.21 ? 96   GLU A CA  1 
ATOM   768  C C   . GLU A 1 97  ? 5.249   1.656   15.545  1.00 32.38 ? 96   GLU A C   1 
ATOM   769  O O   . GLU A 1 97  ? 6.249   2.332   15.868  1.00 33.40 ? 96   GLU A O   1 
ATOM   770  C CB  . GLU A 1 97  ? 5.576   -0.727  16.256  1.00 31.89 ? 96   GLU A CB  1 
ATOM   771  C CG  . GLU A 1 97  ? 5.544   -2.205  15.902  1.00 33.28 ? 96   GLU A CG  1 
ATOM   772  C CD  . GLU A 1 97  ? 5.542   -3.095  17.151  1.00 37.56 ? 96   GLU A CD  1 
ATOM   773  O OE1 . GLU A 1 97  ? 6.253   -2.742  18.123  1.00 38.62 ? 96   GLU A OE1 1 
ATOM   774  O OE2 . GLU A 1 97  ? 4.855   -4.150  17.161  1.00 34.80 ? 96   GLU A OE2 1 
ATOM   775  N N   . VAL A 1 98  ? 4.030   2.162   15.541  1.00 32.01 ? 97   VAL A N   1 
ATOM   776  C CA  . VAL A 1 98  ? 3.745   3.517   16.010  1.00 32.26 ? 97   VAL A CA  1 
ATOM   777  C C   . VAL A 1 98  ? 2.497   3.438   16.896  1.00 32.48 ? 97   VAL A C   1 
ATOM   778  O O   . VAL A 1 98  ? 1.741   2.462   16.831  1.00 31.32 ? 97   VAL A O   1 
ATOM   779  C CB  . VAL A 1 98  ? 3.546   4.499   14.821  1.00 33.05 ? 97   VAL A CB  1 
ATOM   780  C CG1 . VAL A 1 98  ? 2.362   4.064   13.912  1.00 30.66 ? 97   VAL A CG1 1 
ATOM   781  C CG2 . VAL A 1 98  ? 3.319   5.933   15.317  1.00 35.73 ? 97   VAL A CG2 1 
ATOM   782  N N   . ASN A 1 99  ? 2.294   4.474   17.704  1.00 32.67 ? 98   ASN A N   1 
ATOM   783  C CA  . ASN A 1 99  ? 1.128   4.589   18.559  1.00 33.26 ? 98   ASN A CA  1 
ATOM   784  C C   . ASN A 1 99  ? -0.088  5.180   17.863  1.00 31.90 ? 98   ASN A C   1 
ATOM   785  O O   . ASN A 1 99  ? -1.216  4.887   18.258  1.00 31.93 ? 98   ASN A O   1 
ATOM   786  C CB  . ASN A 1 99  ? 1.463   5.444   19.774  1.00 34.35 ? 98   ASN A CB  1 
ATOM   787  C CG  . ASN A 1 99  ? 2.308   4.717   20.779  1.00 39.24 ? 98   ASN A CG  1 
ATOM   788  O OD1 . ASN A 1 99  ? 2.943   5.360   21.623  1.00 45.99 ? 98   ASN A OD1 1 
ATOM   789  N ND2 . ASN A 1 99  ? 2.324   3.372   20.721  1.00 43.92 ? 98   ASN A ND2 1 
ATOM   790  N N   . GLU A 1 100 ? 0.148   6.009   16.840  1.00 30.26 ? 99   GLU A N   1 
ATOM   791  C CA  . GLU A 1 100 ? -0.912  6.716   16.087  1.00 29.46 ? 99   GLU A CA  1 
ATOM   792  C C   . GLU A 1 100 ? -0.567  6.769   14.594  1.00 27.65 ? 99   GLU A C   1 
ATOM   793  O O   . GLU A 1 100 ? 0.373   7.461   14.167  1.00 28.39 ? 99   GLU A O   1 
ATOM   794  C CB  . GLU A 1 100 ? -1.083  8.189   16.535  1.00 30.35 ? 99   GLU A CB  1 
ATOM   795  C CG  . GLU A 1 100 ? -1.647  8.460   17.946  1.00 32.93 ? 99   GLU A CG  1 
ATOM   796  C CD  . GLU A 1 100 ? -2.907  7.683   18.295  1.00 40.78 ? 99   GLU A CD  1 
ATOM   797  O OE1 . GLU A 1 100 ? -3.806  7.468   17.437  1.00 43.56 ? 99   GLU A OE1 1 
ATOM   798  O OE2 . GLU A 1 100 ? -3.009  7.291   19.476  1.00 44.58 ? 99   GLU A OE2 1 
ATOM   799  N N   . ALA A 1 101 ? -1.346  6.072   13.789  1.00 24.86 ? 100  ALA A N   1 
ATOM   800  C CA  . ALA A 1 101 ? -1.130  6.107   12.359  1.00 21.80 ? 100  ALA A CA  1 
ATOM   801  C C   . ALA A 1 101 ? -2.405  6.565   11.653  1.00 21.65 ? 100  ALA A C   1 
ATOM   802  O O   . ALA A 1 101 ? -3.513  6.517   12.237  1.00 22.21 ? 100  ALA A O   1 
ATOM   803  C CB  . ALA A 1 101 ? -0.755  4.731   11.844  1.00 21.69 ? 100  ALA A CB  1 
ATOM   804  N N   . VAL A 1 102 ? -2.242  6.969   10.389  1.00 20.98 ? 101  VAL A N   1 
ATOM   805  C CA  . VAL A 1 102 ? -3.353  7.374   9.526   1.00 20.27 ? 101  VAL A CA  1 
ATOM   806  C C   . VAL A 1 102 ? -3.310  6.427   8.317   1.00 19.65 ? 101  VAL A C   1 
ATOM   807  O O   . VAL A 1 102 ? -2.248  6.165   7.740   1.00 20.47 ? 101  VAL A O   1 
ATOM   808  C CB  . VAL A 1 102 ? -3.203  8.864   9.047   1.00 20.13 ? 101  VAL A CB  1 
ATOM   809  C CG1 . VAL A 1 102 ? -4.296  9.240   8.008   1.00 21.29 ? 101  VAL A CG1 1 
ATOM   810  C CG2 . VAL A 1 102 ? -3.270  9.814   10.228  1.00 22.26 ? 101  VAL A CG2 1 
ATOM   811  N N   . LEU A 1 103 ? -4.472  5.874   7.973   1.00 19.08 ? 102  LEU A N   1 
ATOM   812  C CA  . LEU A 1 103 ? -4.651  5.104   6.761   1.00 18.54 ? 102  LEU A CA  1 
ATOM   813  C C   . LEU A 1 103 ? -5.418  5.964   5.758   1.00 16.97 ? 102  LEU A C   1 
ATOM   814  O O   . LEU A 1 103 ? -6.501  6.481   6.057   1.00 17.51 ? 102  LEU A O   1 
ATOM   815  C CB  . LEU A 1 103 ? -5.455  3.829   7.081   1.00 19.36 ? 102  LEU A CB  1 
ATOM   816  C CG  . LEU A 1 103 ? -5.697  2.936   5.856   1.00 20.79 ? 102  LEU A CG  1 
ATOM   817  C CD1 . LEU A 1 103 ? -4.387  2.284   5.447   1.00 16.98 ? 102  LEU A CD1 1 
ATOM   818  C CD2 . LEU A 1 103 ? -6.709  1.814   6.176   1.00 21.51 ? 102  LEU A CD2 1 
ATOM   819  N N   . ALA A 1 104 ? -4.834  6.151   4.572   1.00 15.52 ? 103  ALA A N   1 
ATOM   820  C CA  . ALA A 1 104 ? -5.345  7.071   3.573   1.00 16.12 ? 103  ALA A CA  1 
ATOM   821  C C   . ALA A 1 104 ? -5.842  6.293   2.374   1.00 17.14 ? 103  ALA A C   1 
ATOM   822  O O   . ALA A 1 104 ? -5.138  5.440   1.864   1.00 17.71 ? 103  ALA A O   1 
ATOM   823  C CB  . ALA A 1 104 ? -4.248  7.987   3.110   1.00 15.74 ? 103  ALA A CB  1 
ATOM   824  N N   . ILE A 1 105 ? -7.090  6.516   1.986   1.00 17.06 ? 104  ILE A N   1 
ATOM   825  C CA  . ILE A 1 105 ? -7.664  5.763   0.849   1.00 18.11 ? 104  ILE A CA  1 
ATOM   826  C C   . ILE A 1 105 ? -8.050  6.702   -0.283  1.00 20.69 ? 104  ILE A C   1 
ATOM   827  O O   . ILE A 1 105 ? -8.477  7.842   -0.042  1.00 20.45 ? 104  ILE A O   1 
ATOM   828  C CB  . ILE A 1 105 ? -8.856  4.959   1.318   1.00 19.37 ? 104  ILE A CB  1 
ATOM   829  C CG1 . ILE A 1 105 ? -8.363  4.015   2.394   1.00 20.98 ? 104  ILE A CG1 1 
ATOM   830  C CG2 . ILE A 1 105 ? -9.442  4.108   0.150   1.00 17.29 ? 104  ILE A CG2 1 
ATOM   831  C CD1 . ILE A 1 105 ? -9.318  3.919   3.428   1.00 29.27 ? 104  ILE A CD1 1 
ATOM   832  N N   . ASN A 1 106 ? -7.909  6.242   -1.533  1.00 20.98 ? 105  ASN A N   1 
ATOM   833  C CA  . ASN A 1 106 ? -8.344  7.042   -2.647  1.00 23.43 ? 105  ASN A CA  1 
ATOM   834  C C   . ASN A 1 106 ? -8.983  6.140   -3.723  1.00 22.77 ? 105  ASN A C   1 
ATOM   835  O O   . ASN A 1 106 ? -8.318  5.767   -4.717  1.00 25.54 ? 105  ASN A O   1 
ATOM   836  C CB  . ASN A 1 106 ? -7.122  7.759   -3.232  1.00 24.17 ? 105  ASN A CB  1 
ATOM   837  C CG  . ASN A 1 106 ? -7.476  8.770   -4.311  1.00 31.88 ? 105  ASN A CG  1 
ATOM   838  O OD1 . ASN A 1 106 ? -8.618  9.216   -4.418  1.00 35.48 ? 105  ASN A OD1 1 
ATOM   839  N ND2 . ASN A 1 106 ? -6.450  9.144   -5.130  1.00 36.38 ? 105  ASN A ND2 1 
ATOM   840  N N   . THR A 1 107 ? -10.238 5.802   -3.508  1.00 23.09 ? 106  THR A N   1 
ATOM   841  C CA  . THR A 1 107 ? -11.033 5.012   -4.486  1.00 26.38 ? 106  THR A CA  1 
ATOM   842  C C   . THR A 1 107 ? -12.378 5.695   -4.780  1.00 27.97 ? 106  THR A C   1 
ATOM   843  O O   . THR A 1 107 ? -12.771 6.636   -4.084  1.00 27.80 ? 106  THR A O   1 
ATOM   844  C CB  . THR A 1 107 ? -11.258 3.521   -4.072  1.00 25.31 ? 106  THR A CB  1 
ATOM   845  O OG1 . THR A 1 107 ? -11.923 3.379   -2.789  1.00 24.82 ? 106  THR A OG1 1 
ATOM   846  C CG2 . THR A 1 107 ? -9.908  2.745   -4.050  1.00 24.70 ? 106  THR A CG2 1 
ATOM   847  N N   . SER A 1 108 ? -13.080 5.239   -5.825  1.00 29.10 ? 107  SER A N   1 
ATOM   848  C CA  . SER A 1 108 ? -14.528 5.580   -5.965  1.00 30.28 ? 107  SER A CA  1 
ATOM   849  C C   . SER A 1 108 ? -15.346 5.380   -4.690  1.00 30.46 ? 107  SER A C   1 
ATOM   850  O O   . SER A 1 108 ? -16.107 6.260   -4.344  1.00 31.33 ? 107  SER A O   1 
ATOM   851  C CB  . SER A 1 108 ? -15.191 4.801   -7.112  1.00 30.16 ? 107  SER A CB  1 
ATOM   852  O OG  . SER A 1 108 ? -14.405 4.912   -8.264  1.00 35.29 ? 107  SER A OG  1 
ATOM   853  N N   . LYS A 1 109 ? -15.209 4.232   -4.012  1.00 31.72 ? 108  LYS A N   1 
ATOM   854  C CA  . LYS A 1 109 ? -15.888 3.965   -2.751  1.00 33.10 ? 108  LYS A CA  1 
ATOM   855  C C   . LYS A 1 109 ? -15.403 4.900   -1.622  1.00 33.25 ? 108  LYS A C   1 
ATOM   856  O O   . LYS A 1 109 ? -16.170 5.220   -0.713  1.00 34.62 ? 108  LYS A O   1 
ATOM   857  C CB  . LYS A 1 109 ? -15.679 2.516   -2.283  1.00 33.89 ? 108  LYS A CB  1 
ATOM   858  C CG  . LYS A 1 109 ? -16.735 1.545   -2.752  1.00 36.66 ? 108  LYS A CG  1 
ATOM   859  C CD  . LYS A 1 109 ? -16.273 0.092   -2.658  1.00 42.78 ? 108  LYS A CD  1 
ATOM   860  C CE  . LYS A 1 109 ? -16.994 -0.803  -3.687  1.00 46.58 ? 108  LYS A CE  1 
ATOM   861  N NZ  . LYS A 1 109 ? -18.480 -0.972  -3.411  1.00 51.45 ? 108  LYS A NZ  1 
ATOM   862  N N   . PHE A 1 110 ? -14.136 5.315   -1.669  1.00 31.47 ? 109  PHE A N   1 
ATOM   863  C CA  . PHE A 1 110 ? -13.582 6.135   -0.591  1.00 30.36 ? 109  PHE A CA  1 
ATOM   864  C C   . PHE A 1 110 ? -12.623 7.164   -1.200  1.00 29.67 ? 109  PHE A C   1 
ATOM   865  O O   . PHE A 1 110 ? -11.406 6.958   -1.158  1.00 27.40 ? 109  PHE A O   1 
ATOM   866  C CB  . PHE A 1 110 ? -12.847 5.234   0.410   1.00 31.72 ? 109  PHE A CB  1 
ATOM   867  C CG  . PHE A 1 110 ? -13.720 4.184   1.097   1.00 33.07 ? 109  PHE A CG  1 
ATOM   868  C CD1 . PHE A 1 110 ? -14.609 4.523   2.111   1.00 35.94 ? 109  PHE A CD1 1 
ATOM   869  C CD2 . PHE A 1 110 ? -13.603 2.842   0.748   1.00 34.84 ? 109  PHE A CD2 1 
ATOM   870  C CE1 . PHE A 1 110 ? -15.380 3.529   2.767   1.00 37.38 ? 109  PHE A CE1 1 
ATOM   871  C CE2 . PHE A 1 110 ? -14.370 1.842   1.367   1.00 37.03 ? 109  PHE A CE2 1 
ATOM   872  C CZ  . PHE A 1 110 ? -15.254 2.172   2.393   1.00 36.70 ? 109  PHE A CZ  1 
ATOM   873  N N   . PRO A 1 111 ? -13.151 8.260   -1.812  1.00 29.10 ? 110  PRO A N   1 
ATOM   874  C CA  . PRO A 1 111 ? -12.228 9.163   -2.465  1.00 29.87 ? 110  PRO A CA  1 
ATOM   875  C C   . PRO A 1 111 ? -11.639 10.086  -1.362  1.00 29.59 ? 110  PRO A C   1 
ATOM   876  O O   . PRO A 1 111 ? -12.352 10.524  -0.462  1.00 31.98 ? 110  PRO A O   1 
ATOM   877  C CB  . PRO A 1 111 ? -13.103 9.951   -3.439  1.00 30.78 ? 110  PRO A CB  1 
ATOM   878  C CG  . PRO A 1 111 ? -14.464 9.823   -2.926  1.00 29.59 ? 110  PRO A CG  1 
ATOM   879  C CD  . PRO A 1 111 ? -14.561 8.606   -2.066  1.00 30.29 ? 110  PRO A CD  1 
ATOM   880  N N   . ASN A 1 112 ? -10.353 10.308  -1.415  1.00 29.68 ? 111  ASN A N   1 
ATOM   881  C CA  . ASN A 1 112 ? -9.679  11.144  -0.427  1.00 27.88 ? 111  ASN A CA  1 
ATOM   882  C C   . ASN A 1 112 ? -10.207 11.083  1.004   1.00 25.33 ? 111  ASN A C   1 
ATOM   883  O O   . ASN A 1 112 ? -10.611 12.094  1.602   1.00 24.95 ? 111  ASN A O   1 
ATOM   884  C CB  . ASN A 1 112 ? -9.544  12.574  -0.936  1.00 30.22 ? 111  ASN A CB  1 
ATOM   885  C CG  . ASN A 1 112 ? -8.172  13.176  -0.570  1.00 33.43 ? 111  ASN A CG  1 
ATOM   886  O OD1 . ASN A 1 112 ? -7.231  12.440  -0.223  1.00 40.46 ? 111  ASN A OD1 1 
ATOM   887  N ND2 . ASN A 1 112 ? -8.051  14.490  -0.648  1.00 37.82 ? 111  ASN A ND2 1 
ATOM   888  N N   . MET A 1 113 ? -10.185 9.890   1.563   1.00 22.25 ? 112  MET A N   1 
ATOM   889  C CA  . MET A 1 113 ? -10.550 9.675   2.939   1.00 21.09 ? 112  MET A CA  1 
ATOM   890  C C   . MET A 1 113 ? -9.365  9.276   3.838   1.00 20.33 ? 112  MET A C   1 
ATOM   891  O O   . MET A 1 113 ? -8.495  8.505   3.398   1.00 20.13 ? 112  MET A O   1 
ATOM   892  C CB  . MET A 1 113 ? -11.630 8.611   2.985   1.00 21.84 ? 112  MET A CB  1 
ATOM   893  C CG  . MET A 1 113 ? -12.923 9.119   2.237   1.00 28.08 ? 112  MET A CG  1 
ATOM   894  S SD  . MET A 1 113 ? -14.297 8.088   2.684   1.00 42.22 ? 112  MET A SD  1 
ATOM   895  C CE  . MET A 1 113 ? -15.052 9.074   3.977   1.00 44.80 ? 112  MET A CE  1 
ATOM   896  N N   . TYR A 1 114 ? -9.359  9.742   5.094   1.00 18.06 ? 113  TYR A N   1 
ATOM   897  C CA  . TYR A 1 114 ? -8.233  9.504   6.016   1.00 18.15 ? 113  TYR A CA  1 
ATOM   898  C C   . TYR A 1 114 ? -8.781  8.974   7.307   1.00 17.34 ? 113  TYR A C   1 
ATOM   899  O O   . TYR A 1 114 ? -9.717  9.586   7.869   1.00 18.17 ? 113  TYR A O   1 
ATOM   900  C CB  . TYR A 1 114 ? -7.455  10.823  6.288   1.00 17.39 ? 113  TYR A CB  1 
ATOM   901  C CG  . TYR A 1 114 ? -6.861  11.339  5.035   1.00 16.90 ? 113  TYR A CG  1 
ATOM   902  C CD1 . TYR A 1 114 ? -7.642  12.016  4.121   1.00 16.24 ? 113  TYR A CD1 1 
ATOM   903  C CD2 . TYR A 1 114 ? -5.509  11.080  4.737   1.00 17.90 ? 113  TYR A CD2 1 
ATOM   904  C CE1 . TYR A 1 114 ? -7.095  12.440  2.902   1.00 16.57 ? 113  TYR A CE1 1 
ATOM   905  C CE2 . TYR A 1 114 ? -4.945  11.498  3.501   1.00 16.55 ? 113  TYR A CE2 1 
ATOM   906  C CZ  . TYR A 1 114 ? -5.745  12.174  2.634   1.00 17.86 ? 113  TYR A CZ  1 
ATOM   907  O OH  . TYR A 1 114 ? -5.218  12.566  1.427   1.00 18.97 ? 113  TYR A OH  1 
ATOM   908  N N   . ILE A 1 115 ? -8.192  7.892   7.812   1.00 16.18 ? 114  ILE A N   1 
ATOM   909  C CA  . ILE A 1 115 ? -8.696  7.235   8.996   1.00 16.58 ? 114  ILE A CA  1 
ATOM   910  C C   . ILE A 1 115 ? -7.620  7.143   10.052  1.00 18.26 ? 114  ILE A C   1 
ATOM   911  O O   . ILE A 1 115 ? -6.561  6.583   9.801   1.00 18.10 ? 114  ILE A O   1 
ATOM   912  C CB  . ILE A 1 115 ? -9.163  5.747   8.718   1.00 17.34 ? 114  ILE A CB  1 
ATOM   913  C CG1 . ILE A 1 115 ? -10.146 5.697   7.520   1.00 18.69 ? 114  ILE A CG1 1 
ATOM   914  C CG2 . ILE A 1 115 ? -9.648  5.120   10.027  1.00 18.86 ? 114  ILE A CG2 1 
ATOM   915  C CD1 . ILE A 1 115 ? -10.199 4.380   6.812   1.00 20.80 ? 114  ILE A CD1 1 
ATOM   916  N N   . PRO A 1 116 ? -7.908  7.627   11.257  1.00 18.71 ? 115  PRO A N   1 
ATOM   917  C CA  . PRO A 1 116 ? -6.864  7.498   12.280  1.00 21.78 ? 115  PRO A CA  1 
ATOM   918  C C   . PRO A 1 116 ? -7.071  6.118   12.898  1.00 23.29 ? 115  PRO A C   1 
ATOM   919  O O   . PRO A 1 116 ? -8.133  5.887   13.543  1.00 23.45 ? 115  PRO A O   1 
ATOM   920  C CB  . PRO A 1 116 ? -7.183  8.598   13.279  1.00 21.64 ? 115  PRO A CB  1 
ATOM   921  C CG  . PRO A 1 116 ? -8.670  8.962   13.008  1.00 20.89 ? 115  PRO A CG  1 
ATOM   922  C CD  . PRO A 1 116 ? -8.909  8.652   11.546  1.00 20.20 ? 115  PRO A CD  1 
ATOM   923  N N   . VAL A 1 117 ? -6.140  5.205   12.652  1.00 23.32 ? 116  VAL A N   1 
ATOM   924  C CA  . VAL A 1 117 ? -6.307  3.789   13.041  1.00 24.68 ? 116  VAL A CA  1 
ATOM   925  C C   . VAL A 1 117 ? -5.745  3.420   14.402  1.00 26.17 ? 116  VAL A C   1 
ATOM   926  O O   . VAL A 1 117 ? -5.897  2.256   14.838  1.00 27.33 ? 116  VAL A O   1 
ATOM   927  C CB  . VAL A 1 117 ? -5.801  2.758   11.985  1.00 24.52 ? 116  VAL A CB  1 
ATOM   928  C CG1 . VAL A 1 117 ? -6.650  2.812   10.727  1.00 25.38 ? 116  VAL A CG1 1 
ATOM   929  C CG2 . VAL A 1 117 ? -4.285  2.923   11.652  1.00 24.31 ? 116  VAL A CG2 1 
ATOM   930  N N   . GLY A 1 118 ? -5.075  4.366   15.065  1.00 25.55 ? 117  GLY A N   1 
ATOM   931  C CA  . GLY A 1 118 ? -4.533  4.072   16.381  1.00 27.53 ? 117  GLY A CA  1 
ATOM   932  C C   . GLY A 1 118 ? -3.204  3.339   16.269  1.00 28.40 ? 117  GLY A C   1 
ATOM   933  O O   . GLY A 1 118 ? -2.457  3.559   15.319  1.00 27.05 ? 117  GLY A O   1 
ATOM   934  N N   . GLN A 1 119 ? -2.916  2.489   17.248  1.00 27.81 ? 118  GLN A N   1 
ATOM   935  C CA  . GLN A 1 119 ? -1.633  1.804   17.332  1.00 28.26 ? 118  GLN A CA  1 
ATOM   936  C C   . GLN A 1 119 ? -1.458  0.796   16.211  1.00 27.64 ? 118  GLN A C   1 
ATOM   937  O O   . GLN A 1 119 ? -2.392  0.061   15.843  1.00 25.92 ? 118  GLN A O   1 
ATOM   938  C CB  . GLN A 1 119 ? -1.470  1.134   18.703  1.00 29.81 ? 118  GLN A CB  1 
ATOM   939  C CG  . GLN A 1 119 ? -0.207  0.255   18.847  1.00 34.37 ? 118  GLN A CG  1 
ATOM   940  C CD  . GLN A 1 119 ? 0.136   -0.109  20.289  1.00 42.89 ? 118  GLN A CD  1 
ATOM   941  O OE1 . GLN A 1 119 ? 0.579   0.752   21.068  1.00 47.09 ? 118  GLN A OE1 1 
ATOM   942  N NE2 . GLN A 1 119 ? -0.030  -1.392  20.642  1.00 44.32 ? 118  GLN A NE2 1 
ATOM   943  N N   . VAL A 1 120 ? -0.260  0.820   15.629  1.00 25.79 ? 119  VAL A N   1 
ATOM   944  C CA  . VAL A 1 120 ? 0.226   -0.183  14.710  1.00 25.62 ? 119  VAL A CA  1 
ATOM   945  C C   . VAL A 1 120 ? 1.258   -1.104  15.402  1.00 27.68 ? 119  VAL A C   1 
ATOM   946  O O   . VAL A 1 120 ? 2.216   -0.607  16.025  1.00 27.65 ? 119  VAL A O   1 
ATOM   947  C CB  . VAL A 1 120 ? 0.875   0.464   13.450  1.00 24.72 ? 119  VAL A CB  1 
ATOM   948  C CG1 . VAL A 1 120 ? 1.339   -0.597  12.522  1.00 22.19 ? 119  VAL A CG1 1 
ATOM   949  C CG2 . VAL A 1 120 ? -0.154  1.323   12.732  1.00 23.62 ? 119  VAL A CG2 1 
ATOM   950  N N   . THR A 1 121 ? 1.031   -2.410  15.319  1.00 29.13 ? 120  THR A N   1 
ATOM   951  C CA  . THR A 1 121 ? 1.897   -3.376  15.976  1.00 32.37 ? 120  THR A CA  1 
ATOM   952  C C   . THR A 1 121 ? 2.405   -4.302  14.906  1.00 32.87 ? 120  THR A C   1 
ATOM   953  O O   . THR A 1 121 ? 1.701   -4.609  13.954  1.00 33.04 ? 120  THR A O   1 
ATOM   954  C CB  . THR A 1 121 ? 1.182   -4.211  17.079  1.00 32.43 ? 120  THR A CB  1 
ATOM   955  O OG1 . THR A 1 121 ? 0.111   -4.945  16.489  1.00 36.60 ? 120  THR A OG1 1 
ATOM   956  C CG2 . THR A 1 121 ? 0.588   -3.354  18.184  1.00 35.14 ? 120  THR A CG2 1 
ATOM   957  N N   . GLU A 1 122 ? 3.656   -4.725  15.036  1.00 34.47 ? 121  GLU A N   1 
ATOM   958  C CA  . GLU A 1 122 ? 4.234   -5.724  14.168  1.00 35.69 ? 121  GLU A CA  1 
ATOM   959  C C   . GLU A 1 122 ? 3.548   -7.062  14.463  1.00 37.48 ? 121  GLU A C   1 
ATOM   960  O O   . GLU A 1 122 ? 3.729   -7.662  15.541  1.00 38.33 ? 121  GLU A O   1 
ATOM   961  C CB  . GLU A 1 122 ? 5.745   -5.792  14.405  1.00 36.17 ? 121  GLU A CB  1 
ATOM   962  C CG  . GLU A 1 122 ? 6.466   -6.547  13.345  1.00 37.23 ? 121  GLU A CG  1 
ATOM   963  C CD  . GLU A 1 122 ? 7.972   -6.632  13.593  1.00 38.23 ? 121  GLU A CD  1 
ATOM   964  O OE1 . GLU A 1 122 ? 8.509   -5.937  14.486  1.00 35.72 ? 121  GLU A OE1 1 
ATOM   965  O OE2 . GLU A 1 122 ? 8.589   -7.438  12.883  1.00 42.37 ? 121  GLU A OE2 1 
ATOM   966  N N   . TYR A 1 123 ? 2.717   -7.496  13.526  1.00 38.29 ? 122  TYR A N   1 
ATOM   967  C CA  . TYR A 1 123 ? 1.805   -8.598  13.754  1.00 39.82 ? 122  TYR A CA  1 
ATOM   968  C C   . TYR A 1 123 ? 2.534   -9.883  13.463  1.00 40.93 ? 122  TYR A C   1 
ATOM   969  O O   . TYR A 1 123 ? 2.338   -10.891 14.153  1.00 41.94 ? 122  TYR A O   1 
ATOM   970  C CB  . TYR A 1 123 ? 0.590   -8.472  12.831  1.00 39.30 ? 122  TYR A CB  1 
ATOM   971  C CG  . TYR A 1 123 ? -0.500  -9.499  13.085  1.00 40.65 ? 122  TYR A CG  1 
ATOM   972  C CD1 . TYR A 1 123 ? -1.424  -9.313  14.115  1.00 39.72 ? 122  TYR A CD1 1 
ATOM   973  C CD2 . TYR A 1 123 ? -0.612  -10.643 12.290  1.00 39.93 ? 122  TYR A CD2 1 
ATOM   974  C CE1 . TYR A 1 123 ? -2.436  -10.234 14.344  1.00 38.76 ? 122  TYR A CE1 1 
ATOM   975  C CE2 . TYR A 1 123 ? -1.618  -11.582 12.520  1.00 40.02 ? 122  TYR A CE2 1 
ATOM   976  C CZ  . TYR A 1 123 ? -2.531  -11.366 13.553  1.00 40.18 ? 122  TYR A CZ  1 
ATOM   977  O OH  . TYR A 1 123 ? -3.552  -12.275 13.793  1.00 37.26 ? 122  TYR A OH  1 
ATOM   978  N N   . GLY A 1 124 ? 3.357   -9.822  12.421  1.00 41.65 ? 123  GLY A N   1 
ATOM   979  C CA  . GLY A 1 124 ? 4.213   -10.910 11.995  1.00 42.19 ? 123  GLY A CA  1 
ATOM   980  C C   . GLY A 1 124 ? 3.536   -11.763 10.967  1.00 42.36 ? 123  GLY A C   1 
ATOM   981  O O   . GLY A 1 124 ? 3.105   -11.279 9.907   1.00 42.35 ? 123  GLY A O   1 
ATOM   982  N N   . PHE A 1 125 ? 3.427   -13.048 11.291  1.00 42.27 ? 124  PHE A N   1 
ATOM   983  C CA  . PHE A 1 125 ? 2.830   -14.012 10.381  1.00 42.94 ? 124  PHE A CA  1 
ATOM   984  C C   . PHE A 1 125 ? 1.294   -14.017 10.477  1.00 42.65 ? 124  PHE A C   1 
ATOM   985  O O   . PHE A 1 125 ? 0.717   -13.889 11.555  1.00 41.63 ? 124  PHE A O   1 
ATOM   986  C CB  . PHE A 1 125 ? 3.431   -15.414 10.605  1.00 43.75 ? 124  PHE A CB  1 
ATOM   987  C CG  . PHE A 1 125 ? 2.418   -16.524 10.598  1.00 45.98 ? 124  PHE A CG  1 
ATOM   988  C CD1 . PHE A 1 125 ? 1.923   -17.027 9.383   1.00 47.42 ? 124  PHE A CD1 1 
ATOM   989  C CD2 . PHE A 1 125 ? 1.960   -17.069 11.810  1.00 47.19 ? 124  PHE A CD2 1 
ATOM   990  C CE1 . PHE A 1 125 ? 0.971   -18.049 9.358   1.00 49.12 ? 124  PHE A CE1 1 
ATOM   991  C CE2 . PHE A 1 125 ? 1.002   -18.105 11.810  1.00 48.92 ? 124  PHE A CE2 1 
ATOM   992  C CZ  . PHE A 1 125 ? 0.508   -18.594 10.576  1.00 50.10 ? 124  PHE A CZ  1 
ATOM   993  N N   . LEU A 1 126 ? 0.668   -14.147 9.316   1.00 42.74 ? 125  LEU A N   1 
ATOM   994  C CA  . LEU A 1 126 ? -0.775  -14.146 9.199   1.00 43.28 ? 125  LEU A CA  1 
ATOM   995  C C   . LEU A 1 126 ? -1.156  -15.044 8.060   1.00 43.17 ? 125  LEU A C   1 
ATOM   996  O O   . LEU A 1 126 ? -0.619  -14.942 6.965   1.00 42.43 ? 125  LEU A O   1 
ATOM   997  C CB  . LEU A 1 126 ? -1.315  -12.727 8.915   1.00 43.35 ? 125  LEU A CB  1 
ATOM   998  C CG  . LEU A 1 126 ? -2.839  -12.565 8.716   1.00 43.62 ? 125  LEU A CG  1 
ATOM   999  C CD1 . LEU A 1 126 ? -3.589  -12.869 10.017  1.00 41.90 ? 125  LEU A CD1 1 
ATOM   1000 C CD2 . LEU A 1 126 ? -3.197  -11.174 8.185   1.00 41.84 ? 125  LEU A CD2 1 
ATOM   1001 N N   . ASN A 1 127 ? -2.112  -15.928 8.335   1.00 44.30 ? 126  ASN A N   1 
ATOM   1002 C CA  . ASN A 1 127 ? -2.752  -16.712 7.308   1.00 44.54 ? 126  ASN A CA  1 
ATOM   1003 C C   . ASN A 1 127 ? -3.799  -15.848 6.592   1.00 45.04 ? 126  ASN A C   1 
ATOM   1004 O O   . ASN A 1 127 ? -4.955  -15.759 7.018   1.00 45.76 ? 126  ASN A O   1 
ATOM   1005 C CB  . ASN A 1 127 ? -3.400  -17.963 7.939   1.00 45.04 ? 126  ASN A CB  1 
ATOM   1006 C CG  . ASN A 1 127 ? -4.063  -18.851 6.911   1.00 46.13 ? 126  ASN A CG  1 
ATOM   1007 O OD1 . ASN A 1 127 ? -3.772  -18.757 5.719   1.00 47.18 ? 126  ASN A OD1 1 
ATOM   1008 N ND2 . ASN A 1 127 ? -4.977  -19.717 7.365   1.00 48.53 ? 126  ASN A ND2 1 
ATOM   1009 N N   . LEU A 1 128 ? -3.395  -15.206 5.503   1.00 45.24 ? 127  LEU A N   1 
ATOM   1010 C CA  . LEU A 1 128 ? -4.251  -14.217 4.862   1.00 45.19 ? 127  LEU A CA  1 
ATOM   1011 C C   . LEU A 1 128 ? -4.920  -14.770 3.622   1.00 44.85 ? 127  LEU A C   1 
ATOM   1012 O O   . LEU A 1 128 ? -4.248  -15.098 2.635   1.00 45.04 ? 127  LEU A O   1 
ATOM   1013 C CB  . LEU A 1 128 ? -3.467  -12.943 4.517   1.00 44.68 ? 127  LEU A CB  1 
ATOM   1014 C CG  . LEU A 1 128 ? -4.316  -11.860 3.859   1.00 44.84 ? 127  LEU A CG  1 
ATOM   1015 C CD1 . LEU A 1 128 ? -5.011  -11.079 4.957   1.00 43.68 ? 127  LEU A CD1 1 
ATOM   1016 C CD2 . LEU A 1 128 ? -3.428  -10.955 2.997   1.00 42.07 ? 127  LEU A CD2 1 
ATOM   1017 N N   . GLY A 1 129 ? -6.250  -14.834 3.663   1.00 45.25 ? 128  GLY A N   1 
ATOM   1018 C CA  . GLY A 1 129 ? -7.023  -15.485 2.593   1.00 45.85 ? 128  GLY A CA  1 
ATOM   1019 C C   . GLY A 1 129 ? -6.457  -16.873 2.289   1.00 46.09 ? 128  GLY A C   1 
ATOM   1020 O O   . GLY A 1 129 ? -6.327  -17.265 1.115   1.00 46.20 ? 128  GLY A O   1 
ATOM   1021 N N   . GLY A 1 130 ? -6.071  -17.586 3.355   1.00 46.06 ? 129  GLY A N   1 
ATOM   1022 C CA  . GLY A 1 130 ? -5.452  -18.916 3.238   1.00 45.88 ? 129  GLY A CA  1 
ATOM   1023 C C   . GLY A 1 130 ? -3.959  -19.030 2.908   1.00 45.53 ? 129  GLY A C   1 
ATOM   1024 O O   . GLY A 1 130 ? -3.402  -20.130 2.968   1.00 45.72 ? 129  GLY A O   1 
ATOM   1025 N N   . THR A 1 131 ? -3.326  -17.911 2.530   1.00 44.21 ? 130  THR A N   1 
ATOM   1026 C CA  . THR A 1 131 ? -1.911  -17.866 2.210   1.00 42.94 ? 130  THR A CA  1 
ATOM   1027 C C   . THR A 1 131 ? -1.127  -17.384 3.429   1.00 41.61 ? 130  THR A C   1 
ATOM   1028 O O   . THR A 1 131 ? -1.401  -16.289 3.958   1.00 41.87 ? 130  THR A O   1 
ATOM   1029 C CB  . THR A 1 131 ? -1.631  -16.950 0.990   1.00 43.20 ? 130  THR A CB  1 
ATOM   1030 O OG1 . THR A 1 131 ? -2.533  -17.283 -0.077  1.00 43.09 ? 130  THR A OG1 1 
ATOM   1031 C CG2 . THR A 1 131 ? -0.180  -17.115 0.494   1.00 43.64 ? 130  THR A CG2 1 
ATOM   1032 N N   . PRO A 1 132 ? -0.192  -18.224 3.927   1.00 39.95 ? 131  PRO A N   1 
ATOM   1033 C CA  . PRO A 1 132 ? 0.856   -17.769 4.853   1.00 38.80 ? 131  PRO A CA  1 
ATOM   1034 C C   . PRO A 1 132 ? 1.471   -16.465 4.362   1.00 36.35 ? 131  PRO A C   1 
ATOM   1035 O O   . PRO A 1 132 ? 1.839   -16.348 3.206   1.00 36.61 ? 131  PRO A O   1 
ATOM   1036 C CB  . PRO A 1 132 ? 1.903   -18.899 4.792   1.00 39.45 ? 131  PRO A CB  1 
ATOM   1037 C CG  . PRO A 1 132 ? 1.088   -20.161 4.417   1.00 39.06 ? 131  PRO A CG  1 
ATOM   1038 C CD  . PRO A 1 132 ? -0.206  -19.706 3.781   1.00 40.20 ? 131  PRO A CD  1 
ATOM   1039 N N   . THR A 1 133 ? 1.534   -15.484 5.244   1.00 34.93 ? 132  THR A N   1 
ATOM   1040 C CA  . THR A 1 133 ? 1.998   -14.168 4.841   1.00 32.49 ? 132  THR A CA  1 
ATOM   1041 C C   . THR A 1 133 ? 2.838   -13.581 5.970   1.00 31.18 ? 132  THR A C   1 
ATOM   1042 O O   . THR A 1 133 ? 2.529   -13.725 7.172   1.00 30.88 ? 132  THR A O   1 
ATOM   1043 C CB  . THR A 1 133 ? 0.814   -13.251 4.415   1.00 32.55 ? 132  THR A CB  1 
ATOM   1044 O OG1 . THR A 1 133 ? 0.094   -13.837 3.324   1.00 30.70 ? 132  THR A OG1 1 
ATOM   1045 C CG2 . THR A 1 133 ? 1.323   -11.844 3.974   1.00 30.57 ? 132  THR A CG2 1 
ATOM   1046 N N   . LYS A 1 134 ? 3.956   -12.952 5.598   1.00 30.83 ? 133  LYS A N   1 
ATOM   1047 C CA  . LYS A 1 134 ? 4.815   -12.353 6.617   1.00 29.42 ? 133  LYS A CA  1 
ATOM   1048 C C   . LYS A 1 134 ? 4.844   -10.839 6.510   1.00 27.85 ? 133  LYS A C   1 
ATOM   1049 O O   . LYS A 1 134 ? 4.371   -10.266 5.504   1.00 26.38 ? 133  LYS A O   1 
ATOM   1050 C CB  . LYS A 1 134 ? 6.262   -12.927 6.552   1.00 31.30 ? 133  LYS A CB  1 
ATOM   1051 C CG  . LYS A 1 134 ? 6.333   -14.429 6.909   1.00 34.20 ? 133  LYS A CG  1 
ATOM   1052 C CD  . LYS A 1 134 ? 7.597   -14.804 7.666   1.00 34.89 ? 133  LYS A CD  1 
ATOM   1053 C CE  . LYS A 1 134 ? 7.509   -16.266 8.166   1.00 36.99 ? 133  LYS A CE  1 
ATOM   1054 N NZ  . LYS A 1 134 ? 8.379   -17.212 7.410   1.00 39.84 ? 133  LYS A NZ  1 
ATOM   1055 N N   . ARG A 1 135 ? 5.396   -10.246 7.567   1.00 26.30 ? 134  ARG A N   1 
ATOM   1056 C CA  . ARG A 1 135 ? 5.710   -8.806  7.725   1.00 26.79 ? 134  ARG A CA  1 
ATOM   1057 C C   . ARG A 1 135 ? 4.410   -7.982  7.713   1.00 26.62 ? 134  ARG A C   1 
ATOM   1058 O O   . ARG A 1 135 ? 4.329   -6.910  7.079   1.00 24.42 ? 134  ARG A O   1 
ATOM   1059 C CB  . ARG A 1 135 ? 6.719   -8.320  6.665   1.00 27.02 ? 134  ARG A CB  1 
ATOM   1060 C CG  . ARG A 1 135 ? 8.054   -9.082  6.693   1.00 26.44 ? 134  ARG A CG  1 
ATOM   1061 C CD  . ARG A 1 135 ? 9.046   -8.518  5.664   1.00 30.99 ? 134  ARG A CD  1 
ATOM   1062 N NE  . ARG A 1 135 ? 10.190  -9.428  5.499   1.00 34.82 ? 134  ARG A NE  1 
ATOM   1063 C CZ  . ARG A 1 135 ? 10.984  -9.486  4.436   1.00 36.21 ? 134  ARG A CZ  1 
ATOM   1064 N NH1 . ARG A 1 135 ? 10.825  -8.659  3.419   1.00 36.00 ? 134  ARG A NH1 1 
ATOM   1065 N NH2 . ARG A 1 135 ? 11.981  -10.380 4.398   1.00 39.69 ? 134  ARG A NH2 1 
ATOM   1066 N N   . MET A 1 136 ? 3.397   -8.499  8.428   1.00 25.81 ? 135  MET A N   1 
ATOM   1067 C CA  . MET A 1 136 ? 2.131   -7.773  8.550   1.00 24.86 ? 135  MET A CA  1 
ATOM   1068 C C   . MET A 1 136 ? 2.202   -6.806  9.703   1.00 24.87 ? 135  MET A C   1 
ATOM   1069 O O   . MET A 1 136 ? 2.775   -7.119  10.767  1.00 26.06 ? 135  MET A O   1 
ATOM   1070 C CB  . MET A 1 136 ? 0.951   -8.741  8.731   1.00 25.85 ? 135  MET A CB  1 
ATOM   1071 C CG  . MET A 1 136 ? 0.773   -9.737  7.638   1.00 26.56 ? 135  MET A CG  1 
ATOM   1072 S SD  . MET A 1 136 ? -0.217  -9.188  6.258   1.00 33.45 ? 135  MET A SD  1 
ATOM   1073 C CE  . MET A 1 136 ? 1.059   -8.618  5.153   1.00 27.82 ? 135  MET A CE  1 
ATOM   1074 N N   . LEU A 1 137 ? 1.580   -5.637  9.496   1.00 22.14 ? 136  LEU A N   1 
ATOM   1075 C CA  . LEU A 1 137 ? 1.387   -4.634  10.502  1.00 22.32 ? 136  LEU A CA  1 
ATOM   1076 C C   . LEU A 1 137 ? -0.109  -4.661  10.777  1.00 22.82 ? 136  LEU A C   1 
ATOM   1077 O O   . LEU A 1 137 ? -0.904  -4.708  9.836   1.00 22.61 ? 136  LEU A O   1 
ATOM   1078 C CB  . LEU A 1 137 ? 1.826   -3.258  9.951   1.00 21.49 ? 136  LEU A CB  1 
ATOM   1079 C CG  . LEU A 1 137 ? 3.194   -3.290  9.309   1.00 21.70 ? 136  LEU A CG  1 
ATOM   1080 C CD1 . LEU A 1 137 ? 3.536   -1.915  8.733   1.00 24.28 ? 136  LEU A CD1 1 
ATOM   1081 C CD2 . LEU A 1 137 ? 4.305   -3.674  10.385  1.00 23.82 ? 136  LEU A CD2 1 
ATOM   1082 N N   . MET A 1 138 ? -0.471  -4.661  12.063  1.00 22.26 ? 137  MET A N   1 
ATOM   1083 C CA  . MET A 1 138 ? -1.886  -4.747  12.462  1.00 23.54 ? 137  MET A CA  1 
ATOM   1084 C C   . MET A 1 138 ? -2.392  -3.502  13.181  1.00 22.29 ? 137  MET A C   1 
ATOM   1085 O O   . MET A 1 138 ? -1.664  -2.843  13.954  1.00 22.85 ? 137  MET A O   1 
ATOM   1086 C CB  . MET A 1 138 ? -2.134  -6.031  13.306  1.00 22.81 ? 137  MET A CB  1 
ATOM   1087 C CG  . MET A 1 138 ? -3.643  -6.274  13.649  1.00 25.76 ? 137  MET A CG  1 
ATOM   1088 S SD  . MET A 1 138 ? -4.101  -5.365  15.108  1.00 30.55 ? 137  MET A SD  1 
ATOM   1089 C CE  . MET A 1 138 ? -3.279  -6.336  16.388  1.00 26.42 ? 137  MET A CE  1 
ATOM   1090 N N   . TYR A 1 139 ? -3.670  -3.153  12.953  1.00 22.19 ? 138  TYR A N   1 
ATOM   1091 C CA  . TYR A 1 139 ? -4.267  -2.012  13.647  1.00 22.11 ? 138  TYR A CA  1 
ATOM   1092 C C   . TYR A 1 139 ? -5.701  -2.449  13.879  1.00 23.62 ? 138  TYR A C   1 
ATOM   1093 O O   . TYR A 1 139 ? -6.295  -3.185  13.072  1.00 22.18 ? 138  TYR A O   1 
ATOM   1094 C CB  . TYR A 1 139 ? -4.216  -0.654  12.877  1.00 22.75 ? 138  TYR A CB  1 
ATOM   1095 C CG  . TYR A 1 139 ? -4.167  -0.876  11.384  1.00 20.69 ? 138  TYR A CG  1 
ATOM   1096 C CD1 . TYR A 1 139 ? -2.943  -1.146  10.761  1.00 22.39 ? 138  TYR A CD1 1 
ATOM   1097 C CD2 . TYR A 1 139 ? -5.335  -0.893  10.599  1.00 22.98 ? 138  TYR A CD2 1 
ATOM   1098 C CE1 . TYR A 1 139 ? -2.855  -1.424  9.411   1.00 18.38 ? 138  TYR A CE1 1 
ATOM   1099 C CE2 . TYR A 1 139 ? -5.257  -1.172  9.214   1.00 18.42 ? 138  TYR A CE2 1 
ATOM   1100 C CZ  . TYR A 1 139 ? -4.013  -1.418  8.635   1.00 19.86 ? 138  TYR A CZ  1 
ATOM   1101 O OH  . TYR A 1 139 ? -3.838  -1.737  7.295   1.00 19.57 ? 138  TYR A OH  1 
ATOM   1102 N N   . ASN A 1 140 ? -6.232  -1.974  14.992  1.00 24.71 ? 139  ASN A N   1 
ATOM   1103 C CA  . ASN A 1 140 ? -7.602  -2.315  15.388  1.00 29.05 ? 139  ASN A CA  1 
ATOM   1104 C C   . ASN A 1 140 ? -8.576  -1.379  14.764  1.00 29.61 ? 139  ASN A C   1 
ATOM   1105 O O   . ASN A 1 140 ? -9.041  -0.442  15.437  1.00 33.43 ? 139  ASN A O   1 
ATOM   1106 C CB  . ASN A 1 140 ? -7.713  -2.240  16.914  1.00 29.47 ? 139  ASN A CB  1 
ATOM   1107 C CG  . ASN A 1 140 ? -7.003  -3.359  17.562  1.00 33.14 ? 139  ASN A CG  1 
ATOM   1108 O OD1 . ASN A 1 140 ? -7.248  -4.530  17.220  1.00 35.41 ? 139  ASN A OD1 1 
ATOM   1109 N ND2 . ASN A 1 140 ? -6.118  -3.039  18.528  1.00 35.69 ? 139  ASN A ND2 1 
ATOM   1110 N N   . PHE A 1 141 ? -8.896  -1.618  13.494  1.00 29.49 ? 140  PHE A N   1 
ATOM   1111 C CA  . PHE A 1 141 ? -9.920  -0.831  12.800  1.00 29.67 ? 140  PHE A CA  1 
ATOM   1112 C C   . PHE A 1 141 ? -10.707 -1.731  11.872  1.00 29.45 ? 140  PHE A C   1 
ATOM   1113 O O   . PHE A 1 141 ? -10.137 -2.639  11.294  1.00 30.90 ? 140  PHE A O   1 
ATOM   1114 C CB  . PHE A 1 141 ? -9.296  0.313   11.995  1.00 30.29 ? 140  PHE A CB  1 
ATOM   1115 C CG  . PHE A 1 141 ? -10.304 1.271   11.502  1.00 30.42 ? 140  PHE A CG  1 
ATOM   1116 C CD1 . PHE A 1 141 ? -10.741 2.311   12.330  1.00 32.47 ? 140  PHE A CD1 1 
ATOM   1117 C CD2 . PHE A 1 141 ? -10.903 1.084   10.248  1.00 30.49 ? 140  PHE A CD2 1 
ATOM   1118 C CE1 . PHE A 1 141 ? -11.758 3.182   11.894  1.00 30.49 ? 140  PHE A CE1 1 
ATOM   1119 C CE2 . PHE A 1 141 ? -11.923 1.952   9.789   1.00 30.60 ? 140  PHE A CE2 1 
ATOM   1120 C CZ  . PHE A 1 141 ? -12.343 2.990   10.590  1.00 29.23 ? 140  PHE A CZ  1 
ATOM   1121 N N   . PRO A 1 142 ? -12.036 -1.526  11.779  1.00 29.41 ? 141  PRO A N   1 
ATOM   1122 C CA  . PRO A 1 142 ? -12.916 -2.341  10.936  1.00 29.75 ? 141  PRO A CA  1 
ATOM   1123 C C   . PRO A 1 142 ? -12.784 -2.039  9.441   1.00 28.95 ? 141  PRO A C   1 
ATOM   1124 O O   . PRO A 1 142 ? -13.684 -1.496  8.835   1.00 28.43 ? 141  PRO A O   1 
ATOM   1125 C CB  . PRO A 1 142 ? -14.318 -1.981  11.444  1.00 29.44 ? 141  PRO A CB  1 
ATOM   1126 C CG  . PRO A 1 142 ? -14.157 -0.663  12.154  1.00 30.02 ? 141  PRO A CG  1 
ATOM   1127 C CD  . PRO A 1 142 ? -12.803 -0.794  12.801  1.00 29.70 ? 141  PRO A CD  1 
ATOM   1128 N N   . THR A 1 143 ? -11.637 -2.368  8.863   1.00 29.22 ? 142  THR A N   1 
ATOM   1129 C CA  . THR A 1 143 ? -11.408 -2.089  7.457   1.00 29.48 ? 142  THR A CA  1 
ATOM   1130 C C   . THR A 1 143 ? -12.290 -2.974  6.554   1.00 30.68 ? 142  THR A C   1 
ATOM   1131 O O   . THR A 1 143 ? -12.697 -4.072  6.956   1.00 29.80 ? 142  THR A O   1 
ATOM   1132 C CB  . THR A 1 143 ? -9.932  -2.236  7.139   1.00 29.09 ? 142  THR A CB  1 
ATOM   1133 O OG1 . THR A 1 143 ? -9.480  -3.552  7.518   1.00 28.68 ? 142  THR A OG1 1 
ATOM   1134 C CG2 . THR A 1 143 ? -9.148  -1.146  7.916   1.00 27.98 ? 142  THR A CG2 1 
ATOM   1135 N N   . ARG A 1 144 ? -12.596 -2.473  5.358   1.00 31.40 ? 143  ARG A N   1 
ATOM   1136 C CA  . ARG A 1 144 ? -13.578 -3.122  4.463   1.00 32.95 ? 143  ARG A CA  1 
ATOM   1137 C C   . ARG A 1 144 ? -13.070 -3.180  3.029   1.00 32.38 ? 143  ARG A C   1 
ATOM   1138 O O   . ARG A 1 144 ? -12.023 -2.598  2.696   1.00 31.23 ? 143  ARG A O   1 
ATOM   1139 C CB  . ARG A 1 144 ? -14.926 -2.376  4.478   1.00 32.82 ? 143  ARG A CB  1 
ATOM   1140 C CG  . ARG A 1 144 ? -15.749 -2.444  5.782   1.00 38.67 ? 143  ARG A CG  1 
ATOM   1141 C CD  . ARG A 1 144 ? -15.745 -1.050  6.485   1.00 47.37 ? 143  ARG A CD  1 
ATOM   1142 N NE  . ARG A 1 144 ? -16.948 -0.719  7.291   1.00 52.56 ? 143  ARG A NE  1 
ATOM   1143 C CZ  . ARG A 1 144 ? -17.095 -0.953  8.603   1.00 52.55 ? 143  ARG A CZ  1 
ATOM   1144 N NH1 . ARG A 1 144 ? -16.129 -1.543  9.297   1.00 51.19 ? 143  ARG A NH1 1 
ATOM   1145 N NH2 . ARG A 1 144 ? -18.218 -0.605  9.231   1.00 52.87 ? 143  ARG A NH2 1 
ATOM   1146 N N   . ALA A 1 145 ? -13.857 -3.840  2.172   1.00 32.50 ? 144  ALA A N   1 
ATOM   1147 C CA  . ALA A 1 145 ? -13.522 -3.939  0.774   1.00 31.64 ? 144  ALA A CA  1 
ATOM   1148 C C   . ALA A 1 145 ? -13.535 -2.537  0.226   1.00 30.87 ? 144  ALA A C   1 
ATOM   1149 O O   . ALA A 1 145 ? -14.334 -1.693  0.648   1.00 31.17 ? 144  ALA A O   1 
ATOM   1150 C CB  . ALA A 1 145 ? -14.526 -4.823  0.025   1.00 32.40 ? 144  ALA A CB  1 
ATOM   1151 N N   . GLY A 1 146 ? -12.653 -2.298  -0.722  1.00 30.23 ? 145  GLY A N   1 
ATOM   1152 C CA  . GLY A 1 146 ? -12.517 -0.977  -1.306  1.00 29.36 ? 145  GLY A CA  1 
ATOM   1153 C C   . GLY A 1 146 ? -11.392 -0.197  -0.652  1.00 28.46 ? 145  GLY A C   1 
ATOM   1154 O O   . GLY A 1 146 ? -11.028 0.882   -1.130  1.00 28.44 ? 145  GLY A O   1 
ATOM   1155 N N   . GLN A 1 147 ? -10.837 -0.741  0.434   1.00 26.10 ? 146  GLN A N   1 
ATOM   1156 C CA  . GLN A 1 147 ? -9.726  -0.055  1.105   1.00 24.70 ? 146  GLN A CA  1 
ATOM   1157 C C   . GLN A 1 147 ? -8.339  -0.651  0.849   1.00 23.94 ? 146  GLN A C   1 
ATOM   1158 O O   . GLN A 1 147 ? -7.332  -0.150  1.430   1.00 23.23 ? 146  GLN A O   1 
ATOM   1159 C CB  . GLN A 1 147 ? -10.006 0.065   2.613   1.00 22.84 ? 146  GLN A CB  1 
ATOM   1160 C CG  . GLN A 1 147 ? -11.254 0.900   2.903   1.00 23.77 ? 146  GLN A CG  1 
ATOM   1161 C CD  . GLN A 1 147 ? -11.670 0.824   4.369   1.00 23.08 ? 146  GLN A CD  1 
ATOM   1162 O OE1 . GLN A 1 147 ? -11.248 -0.076  5.062   1.00 27.19 ? 146  GLN A OE1 1 
ATOM   1163 N NE2 . GLN A 1 147 ? -12.534 1.750   4.824   1.00 23.57 ? 146  GLN A NE2 1 
ATOM   1164 N N   . CYS A 1 148 ? -8.243  -1.677  -0.018  1.00 23.63 ? 147  CYS A N   1 
ATOM   1165 C CA  . CYS A 1 148 ? -6.918  -2.258  -0.313  1.00 23.21 ? 147  CYS A CA  1 
ATOM   1166 C C   . CYS A 1 148 ? -6.010  -1.331  -1.144  1.00 22.33 ? 147  CYS A C   1 
ATOM   1167 O O   . CYS A 1 148 ? -6.461  -0.635  -2.047  1.00 22.87 ? 147  CYS A O   1 
ATOM   1168 C CB  . CYS A 1 148 ? -7.007  -3.653  -0.944  1.00 22.94 ? 147  CYS A CB  1 
ATOM   1169 S SG  . CYS A 1 148 ? -7.543  -4.828  0.292   1.00 27.29 ? 147  CYS A SG  1 
ATOM   1170 N N   . GLY A 1 149 ? -4.734  -1.311  -0.803  1.00 20.29 ? 148  GLY A N   1 
ATOM   1171 C CA  . GLY A 1 149 ? -3.803  -0.390  -1.460  1.00 19.78 ? 148  GLY A CA  1 
ATOM   1172 C C   . GLY A 1 149 ? -3.777  0.871   -0.601  1.00 20.19 ? 148  GLY A C   1 
ATOM   1173 O O   . GLY A 1 149 ? -2.896  1.706   -0.798  1.00 20.69 ? 148  GLY A O   1 
ATOM   1174 N N   . GLY A 1 150 ? -4.701  0.955   0.369   1.00 18.51 ? 149  GLY A N   1 
ATOM   1175 C CA  . GLY A 1 150 ? -4.735  1.997   1.436   1.00 19.06 ? 149  GLY A CA  1 
ATOM   1176 C C   . GLY A 1 150 ? -3.325  2.285   1.949   1.00 16.61 ? 149  GLY A C   1 
ATOM   1177 O O   . GLY A 1 150 ? -2.630  1.342   2.273   1.00 18.49 ? 149  GLY A O   1 
ATOM   1178 N N   . VAL A 1 151 ? -2.903  3.552   2.040   1.00 16.04 ? 150  VAL A N   1 
ATOM   1179 C CA  . VAL A 1 151 ? -1.521  3.837   2.502   1.00 16.52 ? 150  VAL A CA  1 
ATOM   1180 C C   . VAL A 1 151 ? -1.463  4.199   3.988   1.00 15.55 ? 150  VAL A C   1 
ATOM   1181 O O   . VAL A 1 151 ? -2.092  5.188   4.424   1.00 15.89 ? 150  VAL A O   1 
ATOM   1182 C CB  . VAL A 1 151 ? -0.892  4.975   1.737   1.00 13.84 ? 150  VAL A CB  1 
ATOM   1183 C CG1 . VAL A 1 151 ? 0.638   5.095   2.120   1.00 17.12 ? 150  VAL A CG1 1 
ATOM   1184 C CG2 . VAL A 1 151 ? -1.108  4.746   0.198   1.00 16.55 ? 150  VAL A CG2 1 
ATOM   1185 N N   . LEU A 1 152 ? -0.662  3.437   4.753   1.00 16.73 ? 151  LEU A N   1 
ATOM   1186 C CA  . LEU A 1 152 ? -0.588  3.552   6.215   1.00 17.19 ? 151  LEU A CA  1 
ATOM   1187 C C   . LEU A 1 152 ? 0.652   4.405   6.520   1.00 18.45 ? 151  LEU A C   1 
ATOM   1188 O O   . LEU A 1 152 ? 1.776   4.045   6.113   1.00 20.53 ? 151  LEU A O   1 
ATOM   1189 C CB  . LEU A 1 152 ? -0.483  2.149   6.868   1.00 18.23 ? 151  LEU A CB  1 
ATOM   1190 C CG  . LEU A 1 152 ? -0.410  2.092   8.399   1.00 17.35 ? 151  LEU A CG  1 
ATOM   1191 C CD1 . LEU A 1 152 ? -1.774  2.356   9.013   1.00 17.90 ? 151  LEU A CD1 1 
ATOM   1192 C CD2 . LEU A 1 152 ? 0.128   0.727   8.778   1.00 19.21 ? 151  LEU A CD2 1 
ATOM   1193 N N   . MET A 1 153 ? 0.430   5.532   7.184   1.00 18.56 ? 152  MET A N   1 
ATOM   1194 C CA  . MET A 1 153 ? 1.466   6.557   7.413   1.00 19.29 ? 152  MET A CA  1 
ATOM   1195 C C   . MET A 1 153 ? 1.469   7.085   8.860   1.00 20.31 ? 152  MET A C   1 
ATOM   1196 O O   . MET A 1 153 ? 0.447   7.017   9.569   1.00 19.57 ? 152  MET A O   1 
ATOM   1197 C CB  . MET A 1 153 ? 1.172   7.720   6.507   1.00 19.38 ? 152  MET A CB  1 
ATOM   1198 C CG  . MET A 1 153 ? 1.459   7.424   5.052   1.00 21.32 ? 152  MET A CG  1 
ATOM   1199 S SD  . MET A 1 153 ? 1.006   8.730   3.940   1.00 21.20 ? 152  MET A SD  1 
ATOM   1200 C CE  . MET A 1 153 ? -0.777  8.326   3.507   1.00 16.33 ? 152  MET A CE  1 
ATOM   1201 N N   . SER A 1 154 ? 2.609   7.637   9.290   1.00 20.85 ? 153  SER A N   1 
ATOM   1202 C CA  . SER A 1 154 ? 2.616   8.506   10.487  1.00 24.28 ? 153  SER A CA  1 
ATOM   1203 C C   . SER A 1 154 ? 3.519   9.664   10.067  1.00 24.88 ? 153  SER A C   1 
ATOM   1204 O O   . SER A 1 154 ? 3.912   9.764   8.913   1.00 23.79 ? 153  SER A O   1 
ATOM   1205 C CB  . SER A 1 154 ? 3.172   7.789   11.709  1.00 25.21 ? 153  SER A CB  1 
ATOM   1206 O OG  . SER A 1 154 ? 4.537   7.455   11.470  1.00 28.71 ? 153  SER A OG  1 
ATOM   1207 N N   . THR A 1 155 ? 3.808   10.583  10.984  1.00 26.91 ? 154  THR A N   1 
ATOM   1208 C CA  . THR A 1 155 ? 4.515   11.778  10.568  1.00 27.83 ? 154  THR A CA  1 
ATOM   1209 C C   . THR A 1 155 ? 5.869   11.435  9.980   1.00 26.50 ? 154  THR A C   1 
ATOM   1210 O O   . THR A 1 155 ? 6.717   10.833  10.650  1.00 27.80 ? 154  THR A O   1 
ATOM   1211 C CB  . THR A 1 155 ? 4.672   12.764  11.740  1.00 29.19 ? 154  THR A CB  1 
ATOM   1212 O OG1 . THR A 1 155 ? 3.381   13.013  12.311  1.00 31.93 ? 154  THR A OG1 1 
ATOM   1213 C CG2 . THR A 1 155 ? 5.229   14.069  11.222  1.00 29.50 ? 154  THR A CG2 1 
ATOM   1214 N N   . GLY A 1 156 ? 6.059   11.821  8.720   1.00 26.00 ? 155  GLY A N   1 
ATOM   1215 C CA  . GLY A 1 156 ? 7.252   11.533  7.956   1.00 25.94 ? 155  GLY A CA  1 
ATOM   1216 C C   . GLY A 1 156 ? 7.610   10.084  7.761   1.00 25.58 ? 155  GLY A C   1 
ATOM   1217 O O   . GLY A 1 156 ? 8.777   9.776   7.473   1.00 27.13 ? 155  GLY A O   1 
ATOM   1218 N N   . LYS A 1 157 ? 6.628   9.171   7.894   1.00 23.86 ? 156  LYS A N   1 
ATOM   1219 C CA  . LYS A 1 157 ? 6.844   7.743   7.648   1.00 21.55 ? 156  LYS A CA  1 
ATOM   1220 C C   . LYS A 1 157 ? 5.728   7.144   6.807   1.00 21.27 ? 156  LYS A C   1 
ATOM   1221 O O   . LYS A 1 157 ? 4.537   7.288   7.176   1.00 22.21 ? 156  LYS A O   1 
ATOM   1222 C CB  . LYS A 1 157 ? 6.878   6.965   8.973   1.00 21.94 ? 156  LYS A CB  1 
ATOM   1223 C CG  . LYS A 1 157 ? 7.968   7.452   9.902   1.00 22.30 ? 156  LYS A CG  1 
ATOM   1224 C CD  . LYS A 1 157 ? 8.104   6.549   11.112  1.00 26.74 ? 156  LYS A CD  1 
ATOM   1225 C CE  . LYS A 1 157 ? 8.723   7.344   12.279  1.00 31.32 ? 156  LYS A CE  1 
ATOM   1226 N NZ  . LYS A 1 157 ? 9.062   6.382   13.372  1.00 37.89 ? 156  LYS A NZ  1 
ATOM   1227 N N   . VAL A 1 158 ? 6.122   6.453   5.734   1.00 18.97 ? 157  VAL A N   1 
ATOM   1228 C CA  . VAL A 1 158 ? 5.224   5.523   5.026   1.00 19.38 ? 157  VAL A CA  1 
ATOM   1229 C C   . VAL A 1 158 ? 5.465   4.107   5.528   1.00 19.21 ? 157  VAL A C   1 
ATOM   1230 O O   . VAL A 1 158 ? 6.526   3.540   5.315   1.00 22.24 ? 157  VAL A O   1 
ATOM   1231 C CB  . VAL A 1 158 ? 5.352   5.611   3.499   1.00 17.19 ? 157  VAL A CB  1 
ATOM   1232 C CG1 . VAL A 1 158 ? 4.514   4.493   2.794   1.00 20.46 ? 157  VAL A CG1 1 
ATOM   1233 C CG2 . VAL A 1 158 ? 4.954   6.999   3.016   1.00 19.57 ? 157  VAL A CG2 1 
ATOM   1234 N N   . LEU A 1 159 ? 4.487   3.548   6.230   1.00 19.56 ? 158  LEU A N   1 
ATOM   1235 C CA  . LEU A 1 159 ? 4.652   2.267   6.912   1.00 20.18 ? 158  LEU A CA  1 
ATOM   1236 C C   . LEU A 1 159 ? 4.310   1.028   6.083   1.00 19.52 ? 158  LEU A C   1 
ATOM   1237 O O   . LEU A 1 159 ? 5.006   0.036   6.172   1.00 19.79 ? 158  LEU A O   1 
ATOM   1238 C CB  . LEU A 1 159 ? 3.916   2.251   8.277   1.00 18.83 ? 158  LEU A CB  1 
ATOM   1239 C CG  . LEU A 1 159 ? 4.006   3.541   9.114   1.00 23.74 ? 158  LEU A CG  1 
ATOM   1240 C CD1 . LEU A 1 159 ? 2.786   3.876   9.945   1.00 27.14 ? 158  LEU A CD1 1 
ATOM   1241 C CD2 . LEU A 1 159 ? 5.236   3.607   10.036  1.00 27.14 ? 158  LEU A CD2 1 
ATOM   1242 N N   . GLY A 1 160 ? 3.272   1.077   5.249   1.00 19.47 ? 159  GLY A N   1 
ATOM   1243 C CA  . GLY A 1 160 ? 2.849   -0.117  4.525   1.00 18.26 ? 159  GLY A CA  1 
ATOM   1244 C C   . GLY A 1 160 ? 1.606   0.207   3.745   1.00 17.09 ? 159  GLY A C   1 
ATOM   1245 O O   . GLY A 1 160 ? 1.136   1.396   3.751   1.00 15.49 ? 159  GLY A O   1 
ATOM   1246 N N   . ILE A 1 161 ? 1.089   -0.835  3.098   1.00 17.42 ? 160  ILE A N   1 
ATOM   1247 C CA  . ILE A 1 161 ? -0.053  -0.760  2.211   1.00 18.27 ? 160  ILE A CA  1 
ATOM   1248 C C   . ILE A 1 161 ? -1.113  -1.749  2.718   1.00 16.90 ? 160  ILE A C   1 
ATOM   1249 O O   . ILE A 1 161 ? -0.799  -2.928  2.986   1.00 17.44 ? 160  ILE A O   1 
ATOM   1250 C CB  . ILE A 1 161 ? 0.341   -1.216  0.787   1.00 20.52 ? 160  ILE A CB  1 
ATOM   1251 C CG1 . ILE A 1 161 ? 1.510   -0.360  0.283   1.00 22.15 ? 160  ILE A CG1 1 
ATOM   1252 C CG2 . ILE A 1 161 ? -0.763  -0.992  -0.126  1.00 22.52 ? 160  ILE A CG2 1 
ATOM   1253 C CD1 . ILE A 1 161 ? 1.077   1.090   0.182   1.00 18.75 ? 160  ILE A CD1 1 
ATOM   1254 N N   . HIS A 1 162 ? -2.370  -1.300  2.814   1.00 17.51 ? 161  HIS A N   1 
ATOM   1255 C CA  . HIS A 1 162 ? -3.410  -2.129  3.411   1.00 16.72 ? 161  HIS A CA  1 
ATOM   1256 C C   . HIS A 1 162 ? -3.770  -3.306  2.448   1.00 17.99 ? 161  HIS A C   1 
ATOM   1257 O O   . HIS A 1 162 ? -3.999  -3.122  1.225   1.00 17.47 ? 161  HIS A O   1 
ATOM   1258 C CB  . HIS A 1 162 ? -4.661  -1.279  3.704   1.00 16.87 ? 161  HIS A CB  1 
ATOM   1259 C CG  . HIS A 1 162 ? -5.784  -2.051  4.285   1.00 16.62 ? 161  HIS A CG  1 
ATOM   1260 N ND1 . HIS A 1 162 ? -5.984  -2.176  5.650   1.00 16.64 ? 161  HIS A ND1 1 
ATOM   1261 C CD2 . HIS A 1 162 ? -6.837  -2.654  3.684   1.00 18.66 ? 161  HIS A CD2 1 
ATOM   1262 C CE1 . HIS A 1 162 ? -7.073  -2.903  5.854   1.00 22.19 ? 161  HIS A CE1 1 
ATOM   1263 N NE2 . HIS A 1 162 ? -7.592  -3.226  4.681   1.00 19.74 ? 161  HIS A NE2 1 
ATOM   1264 N N   . VAL A 1 163 ? -3.806  -4.532  3.000   1.00 19.39 ? 162  VAL A N   1 
ATOM   1265 C CA  . VAL A 1 163 ? -4.005  -5.687  2.107   1.00 20.60 ? 162  VAL A CA  1 
ATOM   1266 C C   . VAL A 1 163 ? -5.116  -6.651  2.579   1.00 21.11 ? 162  VAL A C   1 
ATOM   1267 O O   . VAL A 1 163 ? -5.480  -7.574  1.851   1.00 22.41 ? 162  VAL A O   1 
ATOM   1268 C CB  . VAL A 1 163 ? -2.675  -6.550  1.934   1.00 19.73 ? 162  VAL A CB  1 
ATOM   1269 C CG1 . VAL A 1 163 ? -1.611  -5.713  1.216   1.00 19.84 ? 162  VAL A CG1 1 
ATOM   1270 C CG2 . VAL A 1 163 ? -2.220  -7.071  3.298   1.00 21.51 ? 162  VAL A CG2 1 
ATOM   1271 N N   . GLY A 1 164 ? -5.608  -6.466  3.785   1.00 21.44 ? 163  GLY A N   1 
ATOM   1272 C CA  . GLY A 1 164 ? -6.649  -7.382  4.226   1.00 21.13 ? 163  GLY A CA  1 
ATOM   1273 C C   . GLY A 1 164 ? -7.161  -7.047  5.601   1.00 21.28 ? 163  GLY A C   1 
ATOM   1274 O O   . GLY A 1 164 ? -6.767  -6.077  6.221   1.00 20.09 ? 163  GLY A O   1 
ATOM   1275 N N   . GLY A 1 165 ? -8.109  -7.855  6.063   1.00 22.69 ? 164  GLY A N   1 
ATOM   1276 C CA  . GLY A 1 165 ? -8.801  -7.533  7.285   1.00 21.42 ? 164  GLY A CA  1 
ATOM   1277 C C   . GLY A 1 165 ? -9.715  -8.694  7.605   1.00 23.46 ? 164  GLY A C   1 
ATOM   1278 O O   . GLY A 1 165 ? -10.036 -9.525  6.743   1.00 24.29 ? 164  GLY A O   1 
ATOM   1279 N N   . ASN A 1 166 ? -10.088 -8.754  8.861   1.00 24.44 ? 165  ASN A N   1 
ATOM   1280 C CA  . ASN A 1 166 ? -10.922 -9.864  9.388   1.00 25.85 ? 165  ASN A CA  1 
ATOM   1281 C C   . ASN A 1 166 ? -12.288 -9.380  9.896   1.00 26.27 ? 165  ASN A C   1 
ATOM   1282 O O   . ASN A 1 166 ? -13.037 -10.118 10.557  1.00 27.78 ? 165  ASN A O   1 
ATOM   1283 C CB  . ASN A 1 166 ? -10.132 -10.619 10.475  1.00 25.38 ? 165  ASN A CB  1 
ATOM   1284 C CG  . ASN A 1 166 ? -9.751  -9.739  11.658  1.00 24.90 ? 165  ASN A CG  1 
ATOM   1285 O OD1 . ASN A 1 166 ? -10.431 -8.759  11.995  1.00 24.30 ? 165  ASN A OD1 1 
ATOM   1286 N ND2 . ASN A 1 166 ? -8.674  -10.111 12.315  1.00 23.97 ? 165  ASN A ND2 1 
ATOM   1287 N N   . GLY A 1 167 ? -12.594 -8.124  9.614   1.00 26.45 ? 166  GLY A N   1 
ATOM   1288 C CA  . GLY A 1 167 ? -13.835 -7.490  10.014  1.00 26.29 ? 166  GLY A CA  1 
ATOM   1289 C C   . GLY A 1 167 ? -13.644 -6.658  11.250  1.00 24.91 ? 166  GLY A C   1 
ATOM   1290 O O   . GLY A 1 167 ? -14.398 -5.715  11.466  1.00 26.61 ? 166  GLY A O   1 
ATOM   1291 N N   . HIS A 1 168 ? -12.586 -6.948  12.031  1.00 24.36 ? 167  HIS A N   1 
ATOM   1292 C CA  . HIS A 1 168 ? -12.305 -6.193  13.248  1.00 23.86 ? 167  HIS A CA  1 
ATOM   1293 C C   . HIS A 1 168 ? -10.892 -5.533  13.274  1.00 22.79 ? 167  HIS A C   1 
ATOM   1294 O O   . HIS A 1 168 ? -10.672 -4.511  13.931  1.00 22.23 ? 167  HIS A O   1 
ATOM   1295 C CB  . HIS A 1 168 ? -12.371 -7.164  14.415  1.00 23.01 ? 167  HIS A CB  1 
ATOM   1296 C CG  . HIS A 1 168 ? -13.627 -7.988  14.420  1.00 24.88 ? 167  HIS A CG  1 
ATOM   1297 N ND1 . HIS A 1 168 ? -14.843 -7.461  14.790  1.00 28.77 ? 167  HIS A ND1 1 
ATOM   1298 C CD2 . HIS A 1 168 ? -13.860 -9.269  14.055  1.00 28.00 ? 167  HIS A CD2 1 
ATOM   1299 C CE1 . HIS A 1 168 ? -15.772 -8.391  14.670  1.00 24.78 ? 167  HIS A CE1 1 
ATOM   1300 N NE2 . HIS A 1 168 ? -15.203 -9.500  14.243  1.00 29.24 ? 167  HIS A NE2 1 
ATOM   1301 N N   . GLN A 1 169 ? -9.956  -6.201  12.615  1.00 23.38 ? 168  GLN A N   1 
ATOM   1302 C CA  . GLN A 1 169 ? -8.588  -5.689  12.475  1.00 22.99 ? 168  GLN A CA  1 
ATOM   1303 C C   . GLN A 1 169 ? -8.246  -5.498  11.026  1.00 22.02 ? 168  GLN A C   1 
ATOM   1304 O O   . GLN A 1 169 ? -8.811  -6.157  10.133  1.00 22.43 ? 168  GLN A O   1 
ATOM   1305 C CB  . GLN A 1 169 ? -7.597  -6.660  13.084  1.00 21.43 ? 168  GLN A CB  1 
ATOM   1306 C CG  . GLN A 1 169 ? -7.839  -6.882  14.542  1.00 21.78 ? 168  GLN A CG  1 
ATOM   1307 C CD  . GLN A 1 169 ? -7.222  -8.163  15.027  1.00 25.20 ? 168  GLN A CD  1 
ATOM   1308 O OE1 . GLN A 1 169 ? -7.175  -9.175  14.336  1.00 24.64 ? 168  GLN A OE1 1 
ATOM   1309 N NE2 . GLN A 1 169 ? -6.753  -8.131  16.257  1.00 25.17 ? 168  GLN A NE2 1 
ATOM   1310 N N   . GLY A 1 170 ? -7.314  -4.580  10.775  1.00 21.45 ? 169  GLY A N   1 
ATOM   1311 C CA  . GLY A 1 170 ? -6.815  -4.443  9.410   1.00 19.92 ? 169  GLY A CA  1 
ATOM   1312 C C   . GLY A 1 170 ? -5.326  -4.737  9.408   1.00 18.42 ? 169  GLY A C   1 
ATOM   1313 O O   . GLY A 1 170 ? -4.652  -4.654  10.462  1.00 19.63 ? 169  GLY A O   1 
ATOM   1314 N N   . PHE A 1 171 ? -4.823  -5.043  8.224   1.00 19.33 ? 170  PHE A N   1 
ATOM   1315 C CA  . PHE A 1 171 ? -3.445  -5.454  8.056   1.00 20.25 ? 170  PHE A CA  1 
ATOM   1316 C C   . PHE A 1 171 ? -2.855  -4.807  6.847   1.00 20.23 ? 170  PHE A C   1 
ATOM   1317 O O   . PHE A 1 171 ? -3.437  -4.844  5.726   1.00 20.90 ? 170  PHE A O   1 
ATOM   1318 C CB  . PHE A 1 171 ? -3.361  -6.967  7.874   1.00 20.26 ? 170  PHE A CB  1 
ATOM   1319 C CG  . PHE A 1 171 ? -4.001  -7.748  9.027   1.00 22.13 ? 170  PHE A CG  1 
ATOM   1320 C CD1 . PHE A 1 171 ? -3.289  -7.964  10.198  1.00 24.43 ? 170  PHE A CD1 1 
ATOM   1321 C CD2 . PHE A 1 171 ? -5.327  -8.205  8.932   1.00 27.29 ? 170  PHE A CD2 1 
ATOM   1322 C CE1 . PHE A 1 171 ? -3.862  -8.674  11.269  1.00 26.83 ? 170  PHE A CE1 1 
ATOM   1323 C CE2 . PHE A 1 171 ? -5.912  -8.915  10.020  1.00 29.25 ? 170  PHE A CE2 1 
ATOM   1324 C CZ  . PHE A 1 171 ? -5.172  -9.130  11.178  1.00 28.51 ? 170  PHE A CZ  1 
ATOM   1325 N N   . SER A 1 172 ? -1.657  -4.290  7.065   1.00 20.42 ? 171  SER A N   1 
ATOM   1326 C CA  . SER A 1 172 ? -0.868  -3.726  5.980   1.00 19.13 ? 171  SER A CA  1 
ATOM   1327 C C   . SER A 1 172 ? 0.396   -4.563  5.794   1.00 19.19 ? 171  SER A C   1 
ATOM   1328 O O   . SER A 1 172 ? 0.979   -5.080  6.760   1.00 20.51 ? 171  SER A O   1 
ATOM   1329 C CB  . SER A 1 172 ? -0.429  -2.313  6.351   1.00 18.47 ? 171  SER A CB  1 
ATOM   1330 O OG  . SER A 1 172 ? -1.374  -1.320  6.014   1.00 17.97 ? 171  SER A OG  1 
ATOM   1331 N N   . ALA A 1 173 ? 0.805   -4.721  4.550   1.00 18.09 ? 172  ALA A N   1 
ATOM   1332 C CA  . ALA A 1 173 ? 2.121   -5.234  4.258   1.00 17.86 ? 172  ALA A CA  1 
ATOM   1333 C C   . ALA A 1 173 ? 3.163   -4.124  4.426   1.00 19.64 ? 172  ALA A C   1 
ATOM   1334 O O   . ALA A 1 173 ? 2.996   -3.013  3.878   1.00 20.12 ? 172  ALA A O   1 
ATOM   1335 C CB  . ALA A 1 173 ? 2.125   -5.716  2.871   1.00 17.45 ? 172  ALA A CB  1 
ATOM   1336 N N   . ALA A 1 174 ? 4.245   -4.414  5.158   1.00 18.83 ? 173  ALA A N   1 
ATOM   1337 C CA  . ALA A 1 174 ? 5.245   -3.385  5.439   1.00 18.35 ? 173  ALA A CA  1 
ATOM   1338 C C   . ALA A 1 174 ? 5.934   -3.042  4.148   1.00 17.73 ? 173  ALA A C   1 
ATOM   1339 O O   . ALA A 1 174 ? 6.191   -3.914  3.327   1.00 20.19 ? 173  ALA A O   1 
ATOM   1340 C CB  . ALA A 1 174 ? 6.242   -3.833  6.511   1.00 18.55 ? 173  ALA A CB  1 
ATOM   1341 N N   . LEU A 1 175 ? 6.163   -1.747  3.936   1.00 19.33 ? 174  LEU A N   1 
ATOM   1342 C CA  . LEU A 1 175 ? 6.755   -1.273  2.685   1.00 20.82 ? 174  LEU A CA  1 
ATOM   1343 C C   . LEU A 1 175 ? 8.241   -0.901  3.015   1.00 21.90 ? 174  LEU A C   1 
ATOM   1344 O O   . LEU A 1 175 ? 8.527   0.146   3.551   1.00 23.65 ? 174  LEU A O   1 
ATOM   1345 C CB  . LEU A 1 175 ? 5.967   -0.018  2.252   1.00 20.87 ? 174  LEU A CB  1 
ATOM   1346 C CG  . LEU A 1 175 ? 6.020   0.324   0.767   1.00 25.12 ? 174  LEU A CG  1 
ATOM   1347 C CD1 . LEU A 1 175 ? 5.620   -0.881  -0.115  1.00 21.08 ? 174  LEU A CD1 1 
ATOM   1348 C CD2 . LEU A 1 175 ? 5.132   1.626   0.465   1.00 23.36 ? 174  LEU A CD2 1 
ATOM   1349 N N   . LEU A 1 176 ? 9.151   -1.822  2.732   1.00 23.53 ? 175  LEU A N   1 
ATOM   1350 C CA  . LEU A 1 176 ? 10.521  -1.712  3.220   1.00 23.37 ? 175  LEU A CA  1 
ATOM   1351 C C   . LEU A 1 176 ? 11.416  -1.156  2.117   1.00 24.45 ? 175  LEU A C   1 
ATOM   1352 O O   . LEU A 1 176 ? 11.209  -1.450  0.945   1.00 24.75 ? 175  LEU A O   1 
ATOM   1353 C CB  . LEU A 1 176 ? 10.974  -3.081  3.650   1.00 23.19 ? 175  LEU A CB  1 
ATOM   1354 C CG  . LEU A 1 176 ? 10.194  -3.663  4.850   1.00 22.63 ? 175  LEU A CG  1 
ATOM   1355 C CD1 . LEU A 1 176 ? 10.979  -4.874  5.359   1.00 25.16 ? 175  LEU A CD1 1 
ATOM   1356 C CD2 . LEU A 1 176 ? 9.960   -2.607  5.924   1.00 20.57 ? 175  LEU A CD2 1 
ATOM   1357 N N   . LYS A 1 177 ? 12.402  -0.364  2.534   1.00 27.30 ? 176  LYS A N   1 
ATOM   1358 C CA  . LYS A 1 177 ? 13.296  0.392   1.629   1.00 28.27 ? 176  LYS A CA  1 
ATOM   1359 C C   . LYS A 1 177 ? 13.970  -0.526  0.605   1.00 28.55 ? 176  LYS A C   1 
ATOM   1360 O O   . LYS A 1 177 ? 14.095  -0.171  -0.589  1.00 28.76 ? 176  LYS A O   1 
ATOM   1361 C CB  . LYS A 1 177 ? 14.331  1.176   2.485   1.00 27.88 ? 176  LYS A CB  1 
ATOM   1362 C CG  . LYS A 1 177 ? 15.074  2.305   1.764   1.00 30.30 ? 176  LYS A CG  1 
ATOM   1363 C CD  . LYS A 1 177 ? 15.792  3.227   2.789   1.00 32.49 ? 176  LYS A CD  1 
ATOM   1364 C CE  . LYS A 1 177 ? 14.798  4.301   3.197   1.00 32.84 ? 176  LYS A CE  1 
ATOM   1365 N NZ  . LYS A 1 177 ? 15.185  5.403   4.076   1.00 33.46 ? 176  LYS A NZ  1 
ATOM   1366 N N   . HIS A 1 178 ? 14.408  -1.698  1.065   1.00 29.99 ? 177  HIS A N   1 
ATOM   1367 C CA  . HIS A 1 178 ? 15.166  -2.644  0.224   1.00 30.93 ? 177  HIS A CA  1 
ATOM   1368 C C   . HIS A 1 178 ? 14.372  -3.270  -0.906  1.00 31.29 ? 177  HIS A C   1 
ATOM   1369 O O   . HIS A 1 178 ? 14.963  -3.837  -1.854  1.00 31.92 ? 177  HIS A O   1 
ATOM   1370 C CB  . HIS A 1 178 ? 15.944  -3.692  1.057   1.00 30.55 ? 177  HIS A CB  1 
ATOM   1371 C CG  . HIS A 1 178 ? 15.138  -4.873  1.509   1.00 31.28 ? 177  HIS A CG  1 
ATOM   1372 N ND1 . HIS A 1 178 ? 14.639  -4.984  2.786   1.00 31.69 ? 177  HIS A ND1 1 
ATOM   1373 C CD2 . HIS A 1 178 ? 14.794  -6.018  0.873   1.00 33.20 ? 177  HIS A CD2 1 
ATOM   1374 C CE1 . HIS A 1 178 ? 14.008  -6.139  2.918   1.00 31.75 ? 177  HIS A CE1 1 
ATOM   1375 N NE2 . HIS A 1 178 ? 14.081  -6.781  1.764   1.00 35.61 ? 177  HIS A NE2 1 
ATOM   1376 N N   . TYR A 1 179 ? 13.037  -3.149  -0.853  1.00 30.43 ? 178  TYR A N   1 
ATOM   1377 C CA  . TYR A 1 179 ? 12.232  -3.633  -1.973  1.00 30.31 ? 178  TYR A CA  1 
ATOM   1378 C C   . TYR A 1 179 ? 12.468  -2.850  -3.235  1.00 30.44 ? 178  TYR A C   1 
ATOM   1379 O O   . TYR A 1 179 ? 12.110  -3.328  -4.295  1.00 30.09 ? 178  TYR A O   1 
ATOM   1380 C CB  . TYR A 1 179 ? 10.721  -3.586  -1.693  1.00 29.88 ? 178  TYR A CB  1 
ATOM   1381 C CG  . TYR A 1 179 ? 10.275  -4.454  -0.544  1.00 28.53 ? 178  TYR A CG  1 
ATOM   1382 C CD1 . TYR A 1 179 ? 10.988  -5.583  -0.177  1.00 29.23 ? 178  TYR A CD1 1 
ATOM   1383 C CD2 . TYR A 1 179 ? 9.094   -4.162  0.151   1.00 26.81 ? 178  TYR A CD2 1 
ATOM   1384 C CE1 . TYR A 1 179 ? 10.546  -6.391  0.901   1.00 27.81 ? 178  TYR A CE1 1 
ATOM   1385 C CE2 . TYR A 1 179 ? 8.662   -4.954  1.217   1.00 23.17 ? 178  TYR A CE2 1 
ATOM   1386 C CZ  . TYR A 1 179 ? 9.400   -6.057  1.576   1.00 26.46 ? 178  TYR A CZ  1 
ATOM   1387 O OH  . TYR A 1 179 ? 8.999   -6.811  2.634   1.00 25.70 ? 178  TYR A OH  1 
ATOM   1388 N N   . PHE A 1 180 ? 12.994  -1.634  -3.082  1.00 31.92 ? 179  PHE A N   1 
ATOM   1389 C CA  . PHE A 1 180 ? 13.104  -0.657  -4.175  1.00 33.92 ? 179  PHE A CA  1 
ATOM   1390 C C   . PHE A 1 180 ? 14.581  -0.330  -4.455  1.00 36.10 ? 179  PHE A C   1 
ATOM   1391 O O   . PHE A 1 180 ? 14.904  0.786   -4.888  1.00 36.44 ? 179  PHE A O   1 
ATOM   1392 C CB  . PHE A 1 180 ? 12.269  0.599   -3.845  1.00 33.18 ? 179  PHE A CB  1 
ATOM   1393 C CG  . PHE A 1 180 ? 10.800  0.286   -3.633  1.00 31.41 ? 179  PHE A CG  1 
ATOM   1394 C CD1 . PHE A 1 180 ? 9.931   0.198   -4.720  1.00 31.41 ? 179  PHE A CD1 1 
ATOM   1395 C CD2 . PHE A 1 180 ? 10.303  0.021   -2.347  1.00 28.01 ? 179  PHE A CD2 1 
ATOM   1396 C CE1 . PHE A 1 180 ? 8.569   -0.146  -4.540  1.00 29.67 ? 179  PHE A CE1 1 
ATOM   1397 C CE2 . PHE A 1 180 ? 8.936   -0.311  -2.162  1.00 30.21 ? 179  PHE A CE2 1 
ATOM   1398 C CZ  . PHE A 1 180 ? 8.081   -0.382  -3.269  1.00 28.59 ? 179  PHE A CZ  1 
ATOM   1399 N N   . ASN A 1 181 ? 15.429  -1.325  -4.146  1.00 38.62 ? 180  ASN A N   1 
ATOM   1400 C CA  . ASN A 1 181 ? 16.872  -1.479  -4.524  1.00 40.85 ? 180  ASN A CA  1 
ATOM   1401 C C   . ASN A 1 181 ? 17.829  -0.824  -3.529  1.00 41.16 ? 180  ASN A C   1 
ATOM   1402 O O   . ASN A 1 181 ? 17.966  -1.283  -2.382  1.00 42.20 ? 180  ASN A O   1 
ATOM   1403 C CB  . ASN A 1 181 ? 17.168  -1.065  -5.987  1.00 41.27 ? 180  ASN A CB  1 
ATOM   1404 C CG  . ASN A 1 181 ? 18.674  -1.254  -6.385  1.00 46.15 ? 180  ASN A CG  1 
ATOM   1405 O OD1 . ASN A 1 181 ? 18.983  -1.794  -7.466  1.00 51.04 ? 180  ASN A OD1 1 
ATOM   1406 N ND2 . ASN A 1 181 ? 19.600  -0.796  -5.523  1.00 48.20 ? 180  ASN A ND2 1 
HETATM 1407 C C1  . G84 B 2 .   ? -7.818  -16.185 10.787  1.00 91.89 ? 1181 G84 A C1  1 
HETATM 1408 C C2  . G84 B 2 .   ? -7.038  -15.393 9.952   1.00 91.11 ? 1181 G84 A C2  1 
HETATM 1409 C C3  . G84 B 2 .   ? -11.766 -3.936  -4.473  1.00 45.95 ? 1181 G84 A C3  1 
HETATM 1410 C C4  . G84 B 2 .   ? -7.915  -14.538 9.210   1.00 89.24 ? 1181 G84 A C4  1 
HETATM 1411 C C5  . G84 B 2 .   ? -13.043 -3.224  -4.876  1.00 48.38 ? 1181 G84 A C5  1 
HETATM 1412 C C6  . G84 B 2 .   ? -9.240  -14.853 9.644   1.00 91.06 ? 1181 G84 A C6  1 
HETATM 1413 C C7  . G84 B 2 .   ? -4.887  -12.393 -0.199  1.00 46.80 ? 1181 G84 A C7  1 
HETATM 1414 C C8  . G84 B 2 .   ? -9.141  -15.861 10.602  1.00 91.82 ? 1181 G84 A C8  1 
HETATM 1415 C C9  . G84 B 2 .   ? -5.171  -13.451 -1.063  1.00 48.86 ? 1181 G84 A C9  1 
HETATM 1416 C C10 . G84 B 2 .   ? -7.267  -17.142 11.650  1.00 92.18 ? 1181 G84 A C10 1 
HETATM 1417 C C11 . G84 B 2 .   ? -6.394  -13.509 -1.739  1.00 49.22 ? 1181 G84 A C11 1 
HETATM 1418 C C12 . G84 B 2 .   ? -13.714 -13.977 4.703   1.00 68.90 ? 1181 G84 A C12 1 
HETATM 1419 C C13 . G84 B 2 .   ? -7.471  -13.501 8.163   1.00 83.94 ? 1181 G84 A C13 1 
HETATM 1420 C C14 . G84 B 2 .   ? -11.142 -13.201 2.138   1.00 64.49 ? 1181 G84 A C14 1 
HETATM 1421 C C15 . G84 B 2 .   ? -5.874  -17.298 11.661  1.00 92.49 ? 1181 G84 A C15 1 
HETATM 1422 O O15 . G84 B 2 .   ? -8.524  -12.929 7.353   1.00 78.53 ? 1181 G84 A O15 1 
HETATM 1423 C C16 . G84 B 2 .   ? -5.069  -16.510 10.827  1.00 92.13 ? 1181 G84 A C16 1 
HETATM 1424 C C17 . G84 B 2 .   ? -8.574  -12.941 5.872   1.00 73.18 ? 1181 G84 A C17 1 
HETATM 1425 C C18 . G84 B 2 .   ? -5.647  -15.559 9.970   1.00 91.97 ? 1181 G84 A C18 1 
HETATM 1426 C C19 . G84 B 2 .   ? -10.259 -16.414 11.242  1.00 92.13 ? 1181 G84 A C19 1 
HETATM 1427 O O19 . G84 B 2 .   ? -7.898  -13.780 5.285   1.00 74.66 ? 1181 G84 A O19 1 
HETATM 1428 C C20 . G84 B 2 .   ? -11.521 -15.915 10.893  1.00 92.54 ? 1181 G84 A C20 1 
HETATM 1429 C C21 . G84 B 2 .   ? -11.642 -14.898 9.932   1.00 92.39 ? 1181 G84 A C21 1 
HETATM 1430 N N21 . G84 B 2 .   ? -9.359  -12.069 5.189   1.00 65.60 ? 1181 G84 A N21 1 
HETATM 1431 C C22 . G84 B 2 .   ? -10.509 -14.362 9.299   1.00 91.90 ? 1181 G84 A C22 1 
HETATM 1432 C C23 . G84 B 2 .   ? -9.471  -12.038 3.715   1.00 58.83 ? 1181 G84 A C23 1 
HETATM 1433 C C25 . G84 B 2 .   ? -10.960 -12.209 3.306   1.00 63.43 ? 1181 G84 A C25 1 
HETATM 1434 O O27 . G84 B 2 .   ? -11.919 -12.331 4.413   1.00 68.46 ? 1181 G84 A O27 1 
HETATM 1435 C C29 . G84 B 2 .   ? -12.339 -13.497 5.197   1.00 69.56 ? 1181 G84 A C29 1 
HETATM 1436 C C31 . G84 B 2 .   ? -8.938  -10.771 3.056   1.00 50.56 ? 1181 G84 A C31 1 
HETATM 1437 N N33 . G84 B 2 .   ? -8.727  -10.838 1.728   1.00 43.09 ? 1181 G84 A N33 1 
HETATM 1438 O O35 . G84 B 2 .   ? -8.737  -9.754  3.720   1.00 43.81 ? 1181 G84 A O35 1 
HETATM 1439 C C37 . G84 B 2 .   ? -8.218  -9.746  0.896   1.00 40.15 ? 1181 G84 A C37 1 
HETATM 1440 C C39 . G84 B 2 .   ? -9.171  -8.567  0.762   1.00 39.83 ? 1181 G84 A C39 1 
HETATM 1441 C C41 . G84 B 2 .   ? -8.145  -10.380 -0.495  1.00 42.96 ? 1181 G84 A C41 1 
HETATM 1442 C C43 . G84 B 2 .   ? -12.445 -12.971 6.639   1.00 68.11 ? 1181 G84 A C43 1 
HETATM 1443 C C45 . G84 B 2 .   ? -11.420 -14.728 5.205   1.00 69.93 ? 1181 G84 A C45 1 
HETATM 1444 O O47 . G84 B 2 .   ? -10.326 -8.809  0.437   1.00 38.75 ? 1181 G84 A O47 1 
HETATM 1445 N N49 . G84 B 2 .   ? -8.751  -7.285  0.968   1.00 34.61 ? 1181 G84 A N49 1 
HETATM 1446 C C51 . G84 B 2 .   ? -7.083  -11.449 -0.666  1.00 45.83 ? 1181 G84 A C51 1 
HETATM 1447 C C53 . G84 B 2 .   ? -5.847  -11.396 -0.003  1.00 46.94 ? 1181 G84 A C53 1 
HETATM 1448 C C55 . G84 B 2 .   ? -7.350  -12.509 -1.544  1.00 47.92 ? 1181 G84 A C55 1 
HETATM 1449 C C57 . G84 B 2 .   ? -9.692  -6.136  0.813   1.00 35.06 ? 1181 G84 A C57 1 
HETATM 1450 C C59 . G84 B 2 .   ? -9.809  -5.457  2.208   1.00 34.82 ? 1181 G84 A C59 1 
HETATM 1451 C C61 . G84 B 2 .   ? -10.240 -6.473  3.281   1.00 33.49 ? 1181 G84 A C61 1 
HETATM 1452 C C63 . G84 B 2 .   ? -9.200  -5.177  -0.320  1.00 33.64 ? 1181 G84 A C63 1 
HETATM 1453 C C65 . G84 B 2 .   ? -10.464 -5.853  4.626   1.00 36.46 ? 1181 G84 A C65 1 
HETATM 1454 O O66 . G84 B 2 .   ? -9.764  -4.955  5.043   1.00 30.77 ? 1181 G84 A O66 1 
HETATM 1455 N N69 . G84 B 2 .   ? -11.442 -6.395  5.216   1.00 34.55 ? 1181 G84 A N69 1 
HETATM 1456 C C71 . G84 B 2 .   ? -12.327 -7.208  4.387   1.00 36.15 ? 1181 G84 A C71 1 
HETATM 1457 C C73 . G84 B 2 .   ? -11.628 -7.083  3.030   1.00 35.73 ? 1181 G84 A C73 1 
HETATM 1458 C C82 . G84 B 2 .   ? -9.916  -5.337  -1.684  1.00 38.90 ? 1181 G84 A C82 1 
HETATM 1459 C C84 . G84 B 2 .   ? -10.490 -4.043  -2.311  1.00 42.64 ? 1181 G84 A C84 1 
HETATM 1460 O O86 . G84 B 2 .   ? -11.744 -4.212  -3.048  1.00 48.95 ? 1181 G84 A O86 1 
HETATM 1461 O O88 . G84 B 2 .   ? -9.984  -2.863  -2.302  1.00 35.04 ? 1181 G84 A O88 1 
HETATM 1462 O O   . HOH C 3 .   ? -4.499  7.104   14.741  1.00 26.94 ? 2001 HOH A O   1 
HETATM 1463 O O   . HOH C 3 .   ? 3.596   16.908  8.651   1.00 38.10 ? 2002 HOH A O   1 
HETATM 1464 O O   . HOH C 3 .   ? -0.477  18.475  3.420   1.00 38.10 ? 2003 HOH A O   1 
HETATM 1465 O O   . HOH C 3 .   ? -4.661  14.686  -1.245  1.00 35.64 ? 2004 HOH A O   1 
HETATM 1466 O O   . HOH C 3 .   ? -5.088  12.595  -3.269  1.00 38.97 ? 2005 HOH A O   1 
HETATM 1467 O O   . HOH C 3 .   ? -0.264  16.725  -7.889  1.00 39.39 ? 2006 HOH A O   1 
HETATM 1468 O O   . HOH C 3 .   ? 5.988   14.712  -8.909  1.00 43.78 ? 2007 HOH A O   1 
HETATM 1469 O O   . HOH C 3 .   ? 0.063   6.643   -8.149  1.00 25.86 ? 2008 HOH A O   1 
HETATM 1470 O O   . HOH C 3 .   ? -4.482  10.732  -7.928  1.00 43.49 ? 2009 HOH A O   1 
HETATM 1471 O O   . HOH C 3 .   ? -8.929  4.102   -12.540 1.00 31.55 ? 2010 HOH A O   1 
HETATM 1472 O O   . HOH C 3 .   ? -10.908 8.490   -6.920  1.00 46.94 ? 2011 HOH A O   1 
HETATM 1473 O O   . HOH C 3 .   ? -12.723 -4.536  -11.568 1.00 50.39 ? 2012 HOH A O   1 
HETATM 1474 O O   . HOH C 3 .   ? -5.053  -5.401  -14.745 1.00 33.58 ? 2013 HOH A O   1 
HETATM 1475 O O   . HOH C 3 .   ? 7.875   -22.150 2.144   1.00 46.94 ? 2014 HOH A O   1 
HETATM 1476 O O   . HOH C 3 .   ? -8.282  1.501   -1.540  1.00 26.41 ? 2015 HOH A O   1 
HETATM 1477 O O   . HOH C 3 .   ? -0.743  1.192   -2.886  1.00 28.95 ? 2016 HOH A O   1 
HETATM 1478 O O   . HOH C 3 .   ? 11.781  9.223   -8.735  1.00 33.82 ? 2017 HOH A O   1 
HETATM 1479 O O   . HOH C 3 .   ? 5.278   7.189   -12.975 1.00 40.74 ? 2018 HOH A O   1 
HETATM 1480 O O   . HOH C 3 .   ? -0.048  -9.454  -8.323  1.00 33.07 ? 2019 HOH A O   1 
HETATM 1481 O O   . HOH C 3 .   ? 2.460   -3.848  -21.450 1.00 48.71 ? 2020 HOH A O   1 
HETATM 1482 O O   . HOH C 3 .   ? -5.783  9.827   -15.978 1.00 40.86 ? 2021 HOH A O   1 
HETATM 1483 O O   . HOH C 3 .   ? -4.060  11.753  -13.858 1.00 38.17 ? 2022 HOH A O   1 
HETATM 1484 O O   . HOH C 3 .   ? -6.271  7.842   -21.929 1.00 40.40 ? 2023 HOH A O   1 
HETATM 1485 O O   . HOH C 3 .   ? -7.988  5.449   -21.570 1.00 39.18 ? 2024 HOH A O   1 
HETATM 1486 O O   . HOH C 3 .   ? 8.238   -9.303  -17.198 1.00 55.61 ? 2025 HOH A O   1 
HETATM 1487 O O   . HOH C 3 .   ? 10.360  -8.506  -12.753 1.00 46.44 ? 2026 HOH A O   1 
HETATM 1488 O O   . HOH C 3 .   ? 3.601   -10.508 -3.053  1.00 45.16 ? 2027 HOH A O   1 
HETATM 1489 O O   . HOH C 3 .   ? 10.578  -11.325 -4.567  1.00 35.59 ? 2028 HOH A O   1 
HETATM 1490 O O   . HOH C 3 .   ? 13.924  -12.046 3.418   1.00 41.66 ? 2029 HOH A O   1 
HETATM 1491 O O   . HOH C 3 .   ? 12.879  -9.898  1.478   1.00 30.04 ? 2030 HOH A O   1 
HETATM 1492 O O   . HOH C 3 .   ? 7.226   -21.098 -0.194  1.00 44.22 ? 2031 HOH A O   1 
HETATM 1493 O O   . HOH C 3 .   ? 4.342   -7.815  3.870   1.00 21.29 ? 2032 HOH A O   1 
HETATM 1494 O O   . HOH C 3 .   ? 8.322   13.258  -14.543 1.00 46.52 ? 2033 HOH A O   1 
HETATM 1495 O O   . HOH C 3 .   ? 6.459   15.508  2.030   1.00 40.44 ? 2034 HOH A O   1 
HETATM 1496 O O   . HOH C 3 .   ? 11.792  12.904  -7.197  1.00 38.07 ? 2035 HOH A O   1 
HETATM 1497 O O   . HOH C 3 .   ? 11.810  13.092  -3.103  1.00 42.96 ? 2036 HOH A O   1 
HETATM 1498 O O   . HOH C 3 .   ? 8.335   1.426   5.869   1.00 25.10 ? 2037 HOH A O   1 
HETATM 1499 O O   . HOH C 3 .   ? 14.117  -5.316  7.144   1.00 46.40 ? 2038 HOH A O   1 
HETATM 1500 O O   . HOH C 3 .   ? 14.961  -2.820  3.987   1.00 33.00 ? 2039 HOH A O   1 
HETATM 1501 O O   . HOH C 3 .   ? 11.404  -4.114  13.313  1.00 38.19 ? 2040 HOH A O   1 
HETATM 1502 O O   . HOH C 3 .   ? 9.644   -1.954  14.694  1.00 52.24 ? 2041 HOH A O   1 
HETATM 1503 O O   . HOH C 3 .   ? 7.038   -0.377  8.114   1.00 26.78 ? 2042 HOH A O   1 
HETATM 1504 O O   . HOH C 3 .   ? -6.245  6.650   18.053  1.00 39.92 ? 2043 HOH A O   1 
HETATM 1505 O O   . HOH C 3 .   ? -6.541  9.696   0.378   1.00 28.07 ? 2044 HOH A O   1 
HETATM 1506 O O   . HOH C 3 .   ? -5.910  17.308  -0.891  1.00 53.59 ? 2045 HOH A O   1 
HETATM 1507 O O   . HOH C 3 .   ? -5.039  0.078   16.326  1.00 23.64 ? 2046 HOH A O   1 
HETATM 1508 O O   . HOH C 3 .   ? -4.575  2.285   19.592  1.00 39.56 ? 2047 HOH A O   1 
HETATM 1509 O O   . HOH C 3 .   ? -2.233  -2.749  16.833  1.00 37.02 ? 2048 HOH A O   1 
HETATM 1510 O O   . HOH C 3 .   ? -5.979  -11.453 14.816  1.00 40.52 ? 2049 HOH A O   1 
HETATM 1511 O O   . HOH C 3 .   ? 7.031   -13.667 11.411  1.00 43.00 ? 2050 HOH A O   1 
HETATM 1512 O O   . HOH C 3 .   ? 9.709   -15.651 10.122  1.00 51.10 ? 2051 HOH A O   1 
HETATM 1513 O O   . HOH C 3 .   ? 9.264   -19.915 8.635   1.00 36.32 ? 2052 HOH A O   1 
HETATM 1514 O O   . HOH C 3 .   ? 6.986   -11.591 9.580   1.00 36.66 ? 2053 HOH A O   1 
HETATM 1515 O O   . HOH C 3 .   ? 10.127  -11.796 8.175   1.00 47.10 ? 2054 HOH A O   1 
HETATM 1516 O O   . HOH C 3 .   ? -5.596  -0.657  18.732  1.00 42.02 ? 2055 HOH A O   1 
HETATM 1517 O O   . HOH C 3 .   ? -4.781  -1.864  20.696  1.00 40.26 ? 2056 HOH A O   1 
HETATM 1518 O O   . HOH C 3 .   ? -15.491 -4.487  8.399   1.00 47.94 ? 2057 HOH A O   1 
HETATM 1519 O O   . HOH C 3 .   ? -11.405 -5.619  8.689   1.00 34.39 ? 2058 HOH A O   1 
HETATM 1520 O O   . HOH C 3 .   ? -15.503 -5.965  3.174   1.00 40.32 ? 2059 HOH A O   1 
HETATM 1521 O O   . HOH C 3 .   ? 6.237   8.972   12.830  1.00 39.74 ? 2060 HOH A O   1 
HETATM 1522 O O   . HOH C 3 .   ? 9.674   10.620  11.370  1.00 53.79 ? 2061 HOH A O   1 
HETATM 1523 O O   . HOH C 3 .   ? 6.529   -6.499  3.617   1.00 24.42 ? 2062 HOH A O   1 
# 
